data_8CT0
#
_entry.id   8CT0
#
_cell.length_a   56.739
_cell.length_b   123.598
_cell.length_c   102.698
_cell.angle_alpha   90.000
_cell.angle_beta   99.100
_cell.angle_gamma   90.000
#
_symmetry.space_group_name_H-M   'P 1 21 1'
#
loop_
_entity.id
_entity.type
_entity.pdbx_description
1 polymer 'Flavin reductase (NADH)'
2 non-polymer 'FLAVIN-ADENINE DINUCLEOTIDE'
3 non-polymer 'PHOSPHATE ION'
4 non-polymer NICOTINAMIDE-ADENINE-DINUCLEOTIDE
5 non-polymer '1,4-DIHYDRONICOTINAMIDE ADENINE DINUCLEOTIDE'
6 water water
#
_entity_poly.entity_id   1
_entity_poly.type   'polypeptide(L)'
_entity_poly.pdbx_seq_one_letter_code
;MPPEPLSLPLDLAPGLVDGDTFLSIMGALPTGVTVVTTLGPDGEPYGLTCSAACSVSKAPPLLLVCINRDSRVLKALLER
GEFAVNVLRGGGESTSARFAAPVDDRFRDVRWEPGSAGGVPVMSADVVAHAECRVAAALDAGDHTIVIGAVVAGGPRPEV
PSPLMYWRRSYARWPVEEDPRTAALTLAAEGLEHHHHHH
;
_entity_poly.pdbx_strand_id   A,B,C,D,E,F,G,H
#
# COMPACT_ATOMS: atom_id res chain seq x y z
N PRO A 5 -16.54 -10.65 -25.58
CA PRO A 5 -15.52 -11.20 -26.47
C PRO A 5 -15.90 -11.22 -27.97
N LEU A 6 -15.17 -10.44 -28.79
CA LEU A 6 -15.40 -10.31 -30.26
C LEU A 6 -15.27 -11.68 -30.93
N SER A 7 -16.19 -11.98 -31.85
CA SER A 7 -16.20 -13.20 -32.70
C SER A 7 -15.42 -12.91 -33.99
N LEU A 8 -14.44 -13.76 -34.32
CA LEU A 8 -13.46 -13.52 -35.41
C LEU A 8 -13.57 -14.62 -36.45
N PRO A 9 -14.00 -14.29 -37.70
CA PRO A 9 -14.16 -15.28 -38.75
C PRO A 9 -12.81 -15.71 -39.34
N LEU A 10 -12.56 -17.02 -39.43
CA LEU A 10 -11.25 -17.61 -39.86
C LEU A 10 -11.37 -18.14 -41.29
N ASP A 11 -10.45 -17.74 -42.18
CA ASP A 11 -10.30 -18.32 -43.55
C ASP A 11 -9.39 -19.55 -43.44
N LEU A 12 -9.98 -20.68 -43.02
CA LEU A 12 -9.25 -21.95 -42.72
C LEU A 12 -9.11 -22.78 -43.99
N ALA A 13 -7.92 -23.36 -44.20
CA ALA A 13 -7.64 -24.39 -45.21
C ALA A 13 -8.03 -25.75 -44.64
N PRO A 14 -8.98 -26.50 -45.23
CA PRO A 14 -9.10 -27.92 -44.93
C PRO A 14 -7.72 -28.49 -45.28
N GLY A 15 -7.14 -29.31 -44.40
CA GLY A 15 -5.72 -29.73 -44.50
C GLY A 15 -4.90 -29.27 -43.30
N LEU A 16 -5.55 -28.95 -42.18
CA LEU A 16 -4.92 -28.50 -40.91
C LEU A 16 -4.20 -29.70 -40.28
N VAL A 17 -3.00 -29.48 -39.73
CA VAL A 17 -2.23 -30.54 -39.01
C VAL A 17 -3.08 -31.03 -37.84
N ASP A 18 -2.81 -32.24 -37.35
CA ASP A 18 -3.53 -32.81 -36.18
C ASP A 18 -2.88 -32.29 -34.89
N GLY A 19 -3.58 -32.42 -33.76
CA GLY A 19 -3.24 -31.80 -32.48
C GLY A 19 -1.82 -32.12 -32.02
N ASP A 20 -1.35 -33.35 -32.22
CA ASP A 20 -0.06 -33.83 -31.63
C ASP A 20 1.10 -33.25 -32.45
N THR A 21 0.96 -33.12 -33.77
CA THR A 21 1.95 -32.45 -34.66
C THR A 21 2.13 -31.00 -34.21
N PHE A 22 1.01 -30.30 -34.04
CA PHE A 22 0.94 -28.88 -33.59
C PHE A 22 1.73 -28.72 -32.29
N LEU A 23 1.52 -29.62 -31.30
CA LEU A 23 2.20 -29.53 -29.98
C LEU A 23 3.70 -29.77 -30.14
N SER A 24 4.11 -30.66 -31.05
CA SER A 24 5.52 -31.00 -31.31
C SER A 24 6.25 -29.78 -31.91
N ILE A 25 5.54 -28.94 -32.67
CA ILE A 25 6.10 -27.72 -33.32
C ILE A 25 6.18 -26.61 -32.27
N MET A 26 5.08 -26.34 -31.57
CA MET A 26 4.95 -25.22 -30.60
C MET A 26 5.83 -25.52 -29.37
N GLY A 27 5.94 -26.79 -28.98
CA GLY A 27 6.83 -27.25 -27.90
C GLY A 27 8.29 -26.89 -28.16
N ALA A 28 8.68 -26.72 -29.42
CA ALA A 28 10.06 -26.35 -29.83
C ALA A 28 10.30 -24.83 -29.69
N LEU A 29 9.24 -24.03 -29.52
CA LEU A 29 9.38 -22.57 -29.25
C LEU A 29 9.59 -22.38 -27.75
N PRO A 30 10.74 -21.85 -27.29
CA PRO A 30 10.96 -21.61 -25.87
C PRO A 30 10.09 -20.42 -25.42
N THR A 31 9.60 -20.46 -24.19
CA THR A 31 8.56 -19.53 -23.70
C THR A 31 8.86 -19.14 -22.26
N GLY A 32 8.68 -17.87 -21.91
CA GLY A 32 8.60 -17.40 -20.52
C GLY A 32 7.36 -17.97 -19.88
N VAL A 33 7.24 -17.87 -18.56
CA VAL A 33 6.09 -18.41 -17.79
C VAL A 33 5.53 -17.30 -16.93
N THR A 34 4.24 -17.01 -17.08
CA THR A 34 3.51 -15.93 -16.36
C THR A 34 2.28 -16.52 -15.67
N VAL A 35 1.82 -15.86 -14.61
CA VAL A 35 0.50 -16.11 -14.00
C VAL A 35 -0.36 -14.87 -14.28
N VAL A 36 -1.42 -15.05 -15.05
CA VAL A 36 -2.45 -14.01 -15.33
C VAL A 36 -3.42 -14.02 -14.15
N THR A 37 -3.64 -12.86 -13.53
CA THR A 37 -4.50 -12.73 -12.33
C THR A 37 -5.56 -11.66 -12.55
N THR A 38 -6.61 -11.71 -11.73
CA THR A 38 -7.67 -10.68 -11.63
C THR A 38 -8.42 -10.91 -10.32
N LEU A 39 -9.36 -10.03 -10.00
CA LEU A 39 -10.31 -10.23 -8.88
C LEU A 39 -11.68 -10.60 -9.46
N GLY A 40 -12.33 -11.59 -8.86
CA GLY A 40 -13.72 -11.96 -9.15
C GLY A 40 -14.72 -10.89 -8.72
N PRO A 41 -16.04 -11.13 -8.89
CA PRO A 41 -17.08 -10.14 -8.60
C PRO A 41 -16.95 -9.39 -7.26
N ASP A 42 -16.86 -10.11 -6.13
CA ASP A 42 -16.68 -9.50 -4.78
C ASP A 42 -15.29 -9.84 -4.24
N GLY A 43 -14.31 -9.98 -5.13
CA GLY A 43 -12.88 -9.84 -4.81
C GLY A 43 -12.18 -11.14 -4.45
N GLU A 44 -12.70 -12.30 -4.89
CA GLU A 44 -11.91 -13.57 -4.87
C GLU A 44 -10.82 -13.44 -5.92
N PRO A 45 -9.53 -13.67 -5.56
CA PRO A 45 -8.44 -13.64 -6.54
C PRO A 45 -8.43 -14.90 -7.41
N TYR A 46 -8.45 -14.71 -8.73
CA TYR A 46 -8.33 -15.79 -9.74
C TYR A 46 -6.96 -15.68 -10.41
N GLY A 47 -6.46 -16.80 -10.93
CA GLY A 47 -5.15 -16.85 -11.61
C GLY A 47 -4.96 -18.15 -12.37
N LEU A 48 -4.25 -18.10 -13.50
CA LEU A 48 -3.83 -19.31 -14.24
C LEU A 48 -2.42 -19.11 -14.81
N THR A 49 -1.69 -20.20 -15.01
CA THR A 49 -0.36 -20.21 -15.67
C THR A 49 -0.60 -20.01 -17.18
N CYS A 50 0.18 -19.12 -17.80
CA CYS A 50 -0.01 -18.64 -19.19
C CYS A 50 1.35 -18.34 -19.82
N SER A 51 1.71 -19.09 -20.87
CA SER A 51 2.98 -18.93 -21.63
C SER A 51 2.71 -18.22 -22.96
N ALA A 52 1.48 -18.31 -23.46
CA ALA A 52 0.98 -17.59 -24.66
C ALA A 52 0.78 -16.11 -24.30
N ALA A 53 1.89 -15.40 -24.10
CA ALA A 53 1.92 -13.96 -23.72
C ALA A 53 3.04 -13.29 -24.51
N CYS A 54 2.76 -12.15 -25.14
CA CYS A 54 3.77 -11.43 -25.94
C CYS A 54 3.44 -9.94 -26.02
N SER A 55 4.49 -9.15 -26.26
CA SER A 55 4.43 -7.70 -26.57
C SER A 55 3.78 -7.52 -27.94
N VAL A 56 2.83 -6.58 -28.05
CA VAL A 56 2.05 -6.32 -29.30
C VAL A 56 2.40 -4.93 -29.84
N SER A 57 2.48 -3.91 -28.98
CA SER A 57 2.50 -2.49 -29.39
C SER A 57 3.26 -1.63 -28.36
N LYS A 58 4.16 -0.76 -28.82
CA LYS A 58 4.90 0.18 -27.95
C LYS A 58 3.99 1.37 -27.60
N ALA A 59 3.35 1.97 -28.61
CA ALA A 59 2.43 3.11 -28.48
C ALA A 59 1.20 2.89 -29.37
N PRO A 60 0.00 2.63 -28.80
CA PRO A 60 -0.20 2.49 -27.37
C PRO A 60 0.49 1.24 -26.79
N PRO A 61 0.93 1.26 -25.52
CA PRO A 61 1.62 0.11 -24.95
C PRO A 61 0.63 -1.04 -24.69
N LEU A 62 0.69 -2.09 -25.52
CA LEU A 62 -0.22 -3.27 -25.49
C LEU A 62 0.58 -4.56 -25.36
N LEU A 63 0.07 -5.50 -24.57
CA LEU A 63 0.47 -6.93 -24.59
C LEU A 63 -0.78 -7.76 -24.88
N LEU A 64 -0.63 -9.02 -25.25
CA LEU A 64 -1.79 -9.95 -25.34
C LEU A 64 -1.50 -11.21 -24.55
N VAL A 65 -2.57 -11.89 -24.16
CA VAL A 65 -2.56 -13.25 -23.55
C VAL A 65 -3.64 -14.07 -24.26
N CYS A 66 -3.36 -15.34 -24.53
CA CYS A 66 -4.33 -16.32 -25.08
C CYS A 66 -4.73 -17.28 -23.96
N ILE A 67 -6.03 -17.39 -23.69
CA ILE A 67 -6.60 -18.27 -22.63
C ILE A 67 -7.75 -19.08 -23.24
N ASN A 68 -7.93 -20.34 -22.82
CA ASN A 68 -9.11 -21.16 -23.20
C ASN A 68 -10.39 -20.34 -23.03
N ARG A 69 -11.34 -20.48 -23.96
CA ARG A 69 -12.64 -19.77 -23.97
C ARG A 69 -13.46 -20.10 -22.72
N ASP A 70 -13.37 -21.33 -22.20
CA ASP A 70 -14.21 -21.86 -21.09
C ASP A 70 -13.58 -21.54 -19.72
N SER A 71 -12.47 -20.79 -19.69
CA SER A 71 -11.70 -20.45 -18.45
C SER A 71 -12.54 -19.56 -17.52
N ARG A 72 -12.61 -19.91 -16.24
CA ARG A 72 -13.34 -19.11 -15.22
C ARG A 72 -12.50 -17.86 -14.89
N VAL A 73 -11.16 -17.96 -15.01
CA VAL A 73 -10.23 -16.81 -14.81
C VAL A 73 -10.47 -15.78 -15.93
N LEU A 74 -10.61 -16.24 -17.17
CA LEU A 74 -10.96 -15.40 -18.34
C LEU A 74 -12.32 -14.71 -18.10
N LYS A 75 -13.34 -15.48 -17.70
CA LYS A 75 -14.73 -14.98 -17.48
C LYS A 75 -14.72 -13.83 -16.47
N ALA A 76 -13.91 -13.94 -15.42
CA ALA A 76 -13.77 -12.96 -14.32
C ALA A 76 -12.96 -11.75 -14.79
N LEU A 77 -11.86 -12.01 -15.49
CA LEU A 77 -10.95 -11.03 -16.12
C LEU A 77 -11.76 -10.08 -17.02
N LEU A 78 -12.63 -10.64 -17.87
CA LEU A 78 -13.47 -9.87 -18.84
C LEU A 78 -14.54 -9.09 -18.08
N GLU A 79 -15.06 -9.65 -16.99
CA GLU A 79 -16.10 -9.03 -16.12
C GLU A 79 -15.53 -7.77 -15.47
N ARG A 80 -14.31 -7.83 -14.93
CA ARG A 80 -13.67 -6.71 -14.19
C ARG A 80 -12.98 -5.76 -15.17
N GLY A 81 -12.62 -6.23 -16.37
CA GLY A 81 -11.98 -5.43 -17.42
C GLY A 81 -10.58 -4.98 -17.03
N GLU A 82 -9.88 -5.79 -16.21
CA GLU A 82 -8.45 -5.57 -15.86
C GLU A 82 -7.87 -6.86 -15.28
N PHE A 83 -6.55 -7.00 -15.37
CA PHE A 83 -5.78 -8.22 -15.02
C PHE A 83 -4.30 -7.85 -14.87
N ALA A 84 -3.51 -8.75 -14.30
CA ALA A 84 -2.05 -8.59 -14.12
C ALA A 84 -1.34 -9.77 -14.80
N VAL A 85 -0.15 -9.52 -15.34
CA VAL A 85 0.79 -10.55 -15.87
C VAL A 85 1.99 -10.60 -14.93
N ASN A 86 2.12 -11.67 -14.15
CA ASN A 86 3.26 -11.89 -13.23
C ASN A 86 4.27 -12.80 -13.95
N VAL A 87 5.41 -12.25 -14.35
CA VAL A 87 6.51 -12.99 -15.04
C VAL A 87 7.30 -13.72 -13.97
N LEU A 88 7.21 -15.06 -13.94
CA LEU A 88 7.85 -15.91 -12.91
C LEU A 88 9.36 -15.93 -13.10
N ARG A 89 10.10 -16.09 -12.01
CA ARG A 89 11.59 -16.16 -12.00
C ARG A 89 12.02 -17.61 -11.84
N GLY A 90 13.34 -17.85 -11.92
CA GLY A 90 13.98 -19.18 -11.94
C GLY A 90 13.44 -20.13 -10.89
N GLY A 91 13.20 -19.64 -9.67
CA GLY A 91 12.76 -20.50 -8.55
C GLY A 91 11.27 -20.78 -8.54
N GLY A 92 10.53 -20.34 -9.57
CA GLY A 92 9.06 -20.25 -9.56
C GLY A 92 8.38 -21.52 -10.05
N GLU A 93 9.13 -22.60 -10.31
CA GLU A 93 8.61 -23.89 -10.83
C GLU A 93 7.28 -24.24 -10.16
N SER A 94 7.25 -24.36 -8.83
CA SER A 94 6.10 -24.90 -8.07
C SER A 94 4.90 -23.95 -8.15
N THR A 95 5.13 -22.63 -8.28
CA THR A 95 4.09 -21.59 -8.50
C THR A 95 3.43 -21.77 -9.86
N SER A 96 4.24 -22.03 -10.90
CA SER A 96 3.76 -22.35 -12.27
C SER A 96 2.84 -23.57 -12.24
N ALA A 97 3.27 -24.63 -11.54
CA ALA A 97 2.50 -25.90 -11.39
C ALA A 97 1.17 -25.62 -10.69
N ARG A 98 1.20 -24.82 -9.61
CA ARG A 98 0.02 -24.56 -8.75
C ARG A 98 -1.08 -23.88 -9.58
N PHE A 99 -0.71 -22.87 -10.37
CA PHE A 99 -1.68 -22.04 -11.13
C PHE A 99 -2.04 -22.75 -12.45
N ALA A 100 -1.39 -23.87 -12.75
CA ALA A 100 -1.76 -24.81 -13.84
C ALA A 100 -2.66 -25.92 -13.29
N ALA A 101 -2.46 -26.32 -12.03
CA ALA A 101 -3.15 -27.47 -11.39
C ALA A 101 -4.66 -27.28 -11.50
N PRO A 102 -5.43 -28.35 -11.86
CA PRO A 102 -6.90 -28.25 -11.93
C PRO A 102 -7.54 -28.31 -10.54
N VAL A 103 -7.27 -27.32 -9.70
CA VAL A 103 -7.71 -27.24 -8.28
C VAL A 103 -8.40 -25.88 -8.05
N ASP A 104 -9.11 -25.75 -6.93
CA ASP A 104 -9.68 -24.47 -6.45
C ASP A 104 -8.65 -23.80 -5.53
N ASP A 105 -8.90 -22.55 -5.11
CA ASP A 105 -8.14 -21.81 -4.06
C ASP A 105 -6.64 -21.75 -4.39
N ARG A 106 -6.28 -21.39 -5.62
CA ARG A 106 -4.87 -21.43 -6.10
C ARG A 106 -3.97 -20.49 -5.28
N PHE A 107 -4.53 -19.45 -4.67
CA PHE A 107 -3.75 -18.41 -3.93
C PHE A 107 -3.49 -18.87 -2.50
N ARG A 108 -4.07 -19.97 -2.05
CA ARG A 108 -3.81 -20.56 -0.71
C ARG A 108 -2.28 -20.81 -0.60
N ASP A 109 -1.64 -20.18 0.40
CA ASP A 109 -0.18 -20.27 0.69
C ASP A 109 0.62 -19.47 -0.36
N VAL A 110 0.02 -18.53 -1.08
CA VAL A 110 0.74 -17.66 -2.04
C VAL A 110 0.75 -16.23 -1.49
N ARG A 111 1.95 -15.65 -1.33
CA ARG A 111 2.14 -14.21 -0.98
C ARG A 111 1.70 -13.37 -2.18
N TRP A 112 0.57 -12.67 -2.06
CA TRP A 112 0.10 -11.66 -3.04
C TRP A 112 -0.43 -10.43 -2.32
N GLU A 113 -0.62 -9.35 -3.09
CA GLU A 113 -1.02 -8.00 -2.63
C GLU A 113 -1.87 -7.38 -3.73
N PRO A 114 -3.00 -6.69 -3.43
CA PRO A 114 -3.79 -6.03 -4.47
C PRO A 114 -2.97 -4.94 -5.18
N GLY A 115 -3.05 -4.91 -6.51
CA GLY A 115 -2.38 -3.93 -7.38
C GLY A 115 -3.09 -2.57 -7.36
N SER A 116 -2.40 -1.51 -7.75
CA SER A 116 -2.94 -0.13 -7.88
C SER A 116 -4.09 -0.11 -8.91
N ALA A 117 -4.06 -1.00 -9.91
CA ALA A 117 -5.09 -1.15 -10.97
C ALA A 117 -6.20 -2.11 -10.54
N GLY A 118 -7.11 -1.71 -9.66
CA GLY A 118 -8.31 -2.51 -9.36
C GLY A 118 -8.08 -3.61 -8.33
N GLY A 119 -6.87 -3.69 -7.75
CA GLY A 119 -6.48 -4.73 -6.79
C GLY A 119 -6.18 -6.08 -7.44
N VAL A 120 -5.91 -6.09 -8.75
CA VAL A 120 -5.47 -7.32 -9.48
C VAL A 120 -4.27 -7.90 -8.73
N PRO A 121 -4.29 -9.20 -8.36
CA PRO A 121 -3.20 -9.80 -7.58
C PRO A 121 -1.80 -9.68 -8.21
N VAL A 122 -0.93 -8.93 -7.56
CA VAL A 122 0.53 -8.85 -7.89
C VAL A 122 1.26 -9.80 -6.94
N MET A 123 2.03 -10.75 -7.47
CA MET A 123 2.71 -11.78 -6.63
C MET A 123 4.04 -11.22 -6.15
N SER A 124 4.24 -11.22 -4.83
CA SER A 124 5.42 -10.66 -4.14
C SER A 124 6.66 -11.47 -4.49
N ALA A 125 6.62 -12.78 -4.22
CA ALA A 125 7.75 -13.73 -4.34
C ALA A 125 7.72 -14.38 -5.73
N ASP A 126 8.89 -14.81 -6.21
CA ASP A 126 9.03 -15.68 -7.41
C ASP A 126 8.51 -14.96 -8.68
N VAL A 127 8.78 -13.65 -8.82
CA VAL A 127 8.45 -12.85 -10.05
C VAL A 127 9.63 -11.95 -10.40
N VAL A 128 9.91 -11.77 -11.70
CA VAL A 128 10.99 -10.88 -12.22
C VAL A 128 10.39 -9.50 -12.54
N ALA A 129 9.06 -9.41 -12.64
CA ALA A 129 8.32 -8.21 -13.07
C ALA A 129 6.82 -8.50 -13.06
N HIS A 130 6.00 -7.46 -13.03
CA HIS A 130 4.53 -7.56 -13.19
C HIS A 130 4.05 -6.39 -14.05
N ALA A 131 3.12 -6.65 -14.96
CA ALA A 131 2.35 -5.63 -15.70
C ALA A 131 0.91 -5.66 -15.21
N GLU A 132 0.30 -4.51 -14.97
CA GLU A 132 -1.16 -4.40 -14.71
C GLU A 132 -1.79 -3.78 -15.96
N CYS A 133 -2.89 -4.36 -16.44
CA CYS A 133 -3.50 -4.07 -17.76
C CYS A 133 -5.00 -3.84 -17.64
N ARG A 134 -5.51 -2.81 -18.33
CA ARG A 134 -6.94 -2.70 -18.68
C ARG A 134 -7.19 -3.52 -19.94
N VAL A 135 -8.29 -4.27 -19.98
CA VAL A 135 -8.73 -5.03 -21.18
C VAL A 135 -9.10 -4.01 -22.25
N ALA A 136 -8.29 -3.90 -23.31
CA ALA A 136 -8.52 -2.98 -24.44
C ALA A 136 -9.46 -3.64 -25.46
N ALA A 137 -9.31 -4.96 -25.66
CA ALA A 137 -10.17 -5.80 -26.53
C ALA A 137 -9.94 -7.28 -26.21
N ALA A 138 -10.86 -8.13 -26.65
CA ALA A 138 -10.75 -9.62 -26.57
C ALA A 138 -11.39 -10.26 -27.80
N LEU A 139 -10.68 -11.21 -28.42
CA LEU A 139 -11.07 -11.89 -29.69
C LEU A 139 -11.10 -13.41 -29.48
N ASP A 140 -12.21 -14.08 -29.84
CA ASP A 140 -12.28 -15.56 -29.93
C ASP A 140 -11.51 -16.00 -31.18
N ALA A 141 -10.52 -16.88 -30.99
CA ALA A 141 -9.68 -17.46 -32.06
C ALA A 141 -9.62 -18.98 -31.86
N GLY A 142 -10.53 -19.70 -32.53
CA GLY A 142 -10.74 -21.15 -32.30
C GLY A 142 -11.18 -21.41 -30.88
N ASP A 143 -10.35 -22.12 -30.11
CA ASP A 143 -10.69 -22.62 -28.75
C ASP A 143 -10.04 -21.71 -27.69
N HIS A 144 -9.46 -20.58 -28.11
CA HIS A 144 -8.88 -19.57 -27.19
C HIS A 144 -9.50 -18.19 -27.41
N THR A 145 -9.37 -17.35 -26.38
CA THR A 145 -9.67 -15.91 -26.42
C THR A 145 -8.34 -15.17 -26.30
N ILE A 146 -8.05 -14.31 -27.27
CA ILE A 146 -6.87 -13.39 -27.25
C ILE A 146 -7.32 -12.13 -26.51
N VAL A 147 -6.82 -11.90 -25.30
CA VAL A 147 -7.09 -10.66 -24.53
C VAL A 147 -5.95 -9.67 -24.82
N ILE A 148 -6.27 -8.49 -25.33
CA ILE A 148 -5.29 -7.39 -25.53
C ILE A 148 -5.33 -6.50 -24.28
N GLY A 149 -4.19 -6.38 -23.61
CA GLY A 149 -4.01 -5.57 -22.39
C GLY A 149 -3.30 -4.28 -22.70
N ALA A 150 -3.87 -3.13 -22.30
CA ALA A 150 -3.21 -1.81 -22.30
C ALA A 150 -2.49 -1.65 -20.94
N VAL A 151 -1.17 -1.50 -20.95
CA VAL A 151 -0.34 -1.52 -19.71
C VAL A 151 -0.51 -0.16 -19.00
N VAL A 152 -1.09 -0.17 -17.80
CA VAL A 152 -1.41 1.04 -16.99
C VAL A 152 -0.45 1.16 -15.80
N ALA A 153 0.17 0.05 -15.37
CA ALA A 153 1.08 0.03 -14.21
C ALA A 153 1.96 -1.22 -14.26
N GLY A 154 3.00 -1.23 -13.43
CA GLY A 154 3.92 -2.36 -13.25
C GLY A 154 5.35 -1.89 -13.38
N GLY A 155 6.31 -2.78 -13.12
CA GLY A 155 7.74 -2.49 -13.23
C GLY A 155 8.59 -3.75 -13.08
N PRO A 156 9.85 -3.73 -13.55
CA PRO A 156 10.77 -4.85 -13.37
C PRO A 156 11.45 -4.85 -11.99
N ARG A 157 12.15 -5.95 -11.70
CA ARG A 157 13.03 -6.13 -10.52
C ARG A 157 14.43 -6.48 -11.03
N PRO A 158 15.27 -5.47 -11.37
CA PRO A 158 16.61 -5.71 -11.89
C PRO A 158 17.47 -6.67 -11.05
N GLU A 159 17.30 -6.65 -9.72
CA GLU A 159 18.02 -7.51 -8.73
C GLU A 159 17.78 -9.01 -9.03
N VAL A 160 16.64 -9.35 -9.66
CA VAL A 160 16.19 -10.75 -9.92
C VAL A 160 16.99 -11.31 -11.09
N PRO A 161 17.91 -12.30 -10.85
CA PRO A 161 18.91 -12.67 -11.85
C PRO A 161 18.47 -13.64 -12.97
N SER A 162 17.21 -14.12 -12.97
CA SER A 162 16.75 -15.11 -13.98
C SER A 162 15.23 -15.24 -14.00
N PRO A 163 14.61 -15.28 -15.19
CA PRO A 163 13.21 -15.69 -15.34
C PRO A 163 13.07 -17.22 -15.49
N LEU A 164 11.87 -17.74 -15.24
CA LEU A 164 11.47 -19.13 -15.55
C LEU A 164 11.31 -19.23 -17.08
N MET A 165 11.82 -20.30 -17.68
CA MET A 165 11.57 -20.61 -19.11
C MET A 165 11.12 -22.07 -19.21
N TYR A 166 10.42 -22.40 -20.30
CA TYR A 166 9.90 -23.75 -20.60
C TYR A 166 10.17 -24.07 -22.08
N TRP A 167 10.69 -25.27 -22.35
CA TRP A 167 11.06 -25.74 -23.71
C TRP A 167 11.06 -27.27 -23.71
N ARG A 168 10.36 -27.88 -24.67
CA ARG A 168 10.38 -29.36 -24.86
C ARG A 168 10.24 -30.07 -23.52
N ARG A 169 9.15 -29.76 -22.80
CA ARG A 169 8.64 -30.52 -21.63
C ARG A 169 9.59 -30.43 -20.44
N SER A 170 10.48 -29.44 -20.40
CA SER A 170 11.40 -29.15 -19.26
C SER A 170 11.33 -27.67 -18.88
N TYR A 171 11.45 -27.38 -17.58
CA TYR A 171 11.71 -26.00 -17.07
C TYR A 171 13.23 -25.77 -17.10
N ALA A 172 13.64 -24.50 -17.15
CA ALA A 172 15.04 -24.05 -17.05
C ALA A 172 15.08 -22.66 -16.41
N ARG A 173 16.27 -22.25 -15.95
CA ARG A 173 16.57 -20.89 -15.46
C ARG A 173 17.61 -20.22 -16.36
N TRP A 174 17.83 -18.92 -16.15
CA TRP A 174 18.83 -18.09 -16.86
N PRO B 5 -25.48 28.14 -21.55
CA PRO B 5 -25.29 28.08 -20.11
C PRO B 5 -26.62 28.05 -19.35
N LEU B 6 -26.65 27.44 -18.16
CA LEU B 6 -27.86 27.23 -17.34
C LEU B 6 -28.38 28.59 -16.84
N SER B 7 -29.57 28.98 -17.28
CA SER B 7 -30.27 30.22 -16.83
C SER B 7 -30.75 30.01 -15.39
N LEU B 8 -29.88 30.30 -14.43
CA LEU B 8 -30.03 29.95 -12.99
C LEU B 8 -30.77 31.07 -12.28
N PRO B 9 -31.99 30.83 -11.76
CA PRO B 9 -32.80 31.89 -11.13
C PRO B 9 -32.23 32.30 -9.77
N LEU B 10 -32.04 33.60 -9.55
CA LEU B 10 -31.43 34.16 -8.32
C LEU B 10 -32.53 34.67 -7.40
N ASP B 11 -32.34 34.51 -6.08
CA ASP B 11 -33.19 35.11 -5.02
C ASP B 11 -32.50 36.36 -4.49
N LEU B 12 -32.75 37.51 -5.13
CA LEU B 12 -32.13 38.82 -4.79
C LEU B 12 -33.08 39.60 -3.87
N ALA B 13 -32.55 40.15 -2.76
C ALA B 13 -33.30 42.46 -2.57
N PRO B 14 -34.40 43.23 -2.47
CA PRO B 14 -34.40 44.64 -2.88
C PRO B 14 -33.69 45.46 -1.78
N GLY B 15 -32.58 46.12 -2.12
CA GLY B 15 -31.69 46.84 -1.19
C GLY B 15 -30.22 46.56 -1.44
N LEU B 16 -29.85 46.30 -2.72
CA LEU B 16 -28.47 45.95 -3.13
C LEU B 16 -27.65 47.23 -3.27
N VAL B 17 -26.47 47.19 -2.65
CA VAL B 17 -25.33 48.12 -2.82
C VAL B 17 -25.19 48.53 -4.31
N ASP B 18 -24.87 49.80 -4.56
CA ASP B 18 -24.67 50.36 -5.92
C ASP B 18 -23.27 49.95 -6.43
N GLY B 19 -23.03 50.12 -7.74
CA GLY B 19 -21.80 49.70 -8.43
C GLY B 19 -20.54 50.22 -7.75
N ASP B 20 -20.48 51.51 -7.44
CA ASP B 20 -19.25 52.16 -6.90
C ASP B 20 -18.94 51.57 -5.52
N THR B 21 -19.93 51.44 -4.62
CA THR B 21 -19.78 50.77 -3.30
C THR B 21 -19.18 49.37 -3.50
N PHE B 22 -19.78 48.58 -4.38
CA PHE B 22 -19.36 47.18 -4.68
C PHE B 22 -17.88 47.19 -5.09
N LEU B 23 -17.54 47.95 -6.14
CA LEU B 23 -16.16 48.13 -6.66
C LEU B 23 -15.21 48.50 -5.52
N SER B 24 -15.63 49.33 -4.56
CA SER B 24 -14.78 49.76 -3.42
C SER B 24 -14.59 48.60 -2.43
N ILE B 25 -15.60 47.72 -2.27
CA ILE B 25 -15.49 46.46 -1.46
C ILE B 25 -14.50 45.51 -2.16
N MET B 26 -14.87 45.03 -3.36
CA MET B 26 -14.09 44.02 -4.14
C MET B 26 -12.69 44.58 -4.45
N GLY B 27 -12.56 45.91 -4.54
CA GLY B 27 -11.28 46.61 -4.75
C GLY B 27 -10.27 46.31 -3.64
N ALA B 28 -10.74 45.93 -2.45
CA ALA B 28 -9.91 45.68 -1.25
C ALA B 28 -9.61 44.19 -1.07
N LEU B 29 -10.21 43.30 -1.88
CA LEU B 29 -9.79 41.88 -1.96
C LEU B 29 -8.62 41.79 -2.93
N PRO B 30 -7.37 41.54 -2.47
CA PRO B 30 -6.22 41.45 -3.37
C PRO B 30 -6.39 40.21 -4.27
N THR B 31 -6.01 40.30 -5.54
CA THR B 31 -6.30 39.25 -6.55
C THR B 31 -5.06 38.92 -7.37
N GLY B 32 -4.87 37.65 -7.70
CA GLY B 32 -3.99 37.18 -8.79
C GLY B 32 -4.58 37.59 -10.12
N VAL B 33 -3.77 37.57 -11.18
CA VAL B 33 -4.20 37.95 -12.55
C VAL B 33 -3.94 36.74 -13.46
N THR B 34 -4.92 36.35 -14.27
CA THR B 34 -4.80 35.25 -15.25
C THR B 34 -5.18 35.78 -16.63
N VAL B 35 -4.72 35.11 -17.68
CA VAL B 35 -5.27 35.26 -19.07
C VAL B 35 -5.97 33.95 -19.40
N VAL B 36 -7.29 33.99 -19.60
CA VAL B 36 -8.12 32.82 -19.99
C VAL B 36 -8.11 32.76 -21.51
N THR B 37 -7.71 31.63 -22.08
CA THR B 37 -7.44 31.45 -23.53
C THR B 37 -8.22 30.25 -24.07
N THR B 38 -8.55 30.29 -25.37
CA THR B 38 -9.11 29.15 -26.13
C THR B 38 -8.79 29.32 -27.62
N LEU B 39 -9.19 28.35 -28.44
CA LEU B 39 -9.07 28.41 -29.92
C LEU B 39 -10.46 28.51 -30.54
N GLY B 40 -10.57 29.26 -31.63
CA GLY B 40 -11.72 29.21 -32.56
C GLY B 40 -11.60 28.00 -33.48
N PRO B 41 -12.62 27.73 -34.33
CA PRO B 41 -12.64 26.54 -35.18
C PRO B 41 -11.47 26.44 -36.19
N ASP B 42 -10.94 27.57 -36.67
CA ASP B 42 -9.84 27.62 -37.66
C ASP B 42 -8.53 28.06 -36.97
N GLY B 43 -8.33 27.60 -35.73
CA GLY B 43 -7.09 27.79 -34.95
C GLY B 43 -6.80 29.25 -34.64
N GLU B 44 -7.83 30.10 -34.60
CA GLU B 44 -7.69 31.53 -34.17
C GLU B 44 -7.60 31.54 -32.64
N PRO B 45 -6.52 32.11 -32.04
CA PRO B 45 -6.42 32.17 -30.59
C PRO B 45 -7.31 33.30 -30.03
N TYR B 46 -7.84 33.09 -28.82
CA TYR B 46 -8.70 34.03 -28.07
C TYR B 46 -8.21 34.11 -26.62
N GLY B 47 -8.14 35.32 -26.05
CA GLY B 47 -7.71 35.55 -24.66
C GLY B 47 -8.34 36.79 -24.06
N LEU B 48 -8.63 36.75 -22.74
CA LEU B 48 -8.90 37.97 -21.93
C LEU B 48 -8.28 37.83 -20.55
N THR B 49 -7.85 38.97 -19.99
CA THR B 49 -7.39 39.14 -18.59
C THR B 49 -8.57 38.85 -17.67
N CYS B 50 -8.38 37.90 -16.76
CA CYS B 50 -9.42 37.43 -15.80
C CYS B 50 -8.79 37.35 -14.40
N SER B 51 -9.47 37.94 -13.42
CA SER B 51 -9.09 37.93 -11.98
C SER B 51 -10.05 37.04 -11.18
N ALA B 52 -11.32 37.00 -11.58
CA ALA B 52 -12.38 36.17 -10.97
C ALA B 52 -12.14 34.70 -11.36
N ALA B 53 -11.13 34.10 -10.73
CA ALA B 53 -10.67 32.70 -10.91
C ALA B 53 -10.23 32.15 -9.55
N CYS B 54 -10.79 31.01 -9.12
CA CYS B 54 -10.49 30.36 -7.83
C CYS B 54 -10.70 28.84 -7.93
N SER B 55 -10.00 28.06 -7.10
CA SER B 55 -10.16 26.59 -7.01
C SER B 55 -11.52 26.27 -6.39
N VAL B 56 -12.24 25.31 -6.96
CA VAL B 56 -13.60 24.89 -6.51
C VAL B 56 -13.48 23.56 -5.78
N SER B 57 -12.83 22.55 -6.38
CA SER B 57 -12.79 21.15 -5.88
C SER B 57 -11.44 20.50 -6.14
N LYS B 58 -10.98 19.69 -5.18
CA LYS B 58 -9.73 18.87 -5.27
C LYS B 58 -10.04 17.56 -6.00
N ALA B 59 -11.08 16.85 -5.54
CA ALA B 59 -11.52 15.55 -6.10
C ALA B 59 -13.02 15.61 -6.39
N PRO B 60 -13.47 15.84 -7.66
CA PRO B 60 -12.58 16.01 -8.81
C PRO B 60 -11.96 17.40 -8.93
N PRO B 61 -10.88 17.56 -9.73
CA PRO B 61 -10.14 18.83 -9.80
C PRO B 61 -10.86 19.89 -10.64
N LEU B 62 -11.61 20.77 -9.97
CA LEU B 62 -12.40 21.86 -10.62
C LEU B 62 -11.86 23.22 -10.18
N LEU B 63 -11.70 24.14 -11.14
CA LEU B 63 -11.59 25.59 -10.88
C LEU B 63 -12.81 26.27 -11.55
N LEU B 64 -13.00 27.56 -11.30
CA LEU B 64 -14.00 28.36 -12.08
C LEU B 64 -13.35 29.68 -12.51
N VAL B 65 -13.91 30.27 -13.55
CA VAL B 65 -13.63 31.66 -14.02
C VAL B 65 -14.99 32.34 -14.23
N CYS B 66 -15.07 33.65 -13.98
CA CYS B 66 -16.29 34.47 -14.18
C CYS B 66 -16.01 35.47 -15.29
N ILE B 67 -16.80 35.42 -16.37
CA ILE B 67 -16.60 36.24 -17.60
C ILE B 67 -17.93 36.87 -17.99
N ASN B 68 -17.92 38.11 -18.49
CA ASN B 68 -19.11 38.83 -19.01
C ASN B 68 -19.88 37.89 -19.94
N ARG B 69 -21.21 37.89 -19.82
CA ARG B 69 -22.11 37.02 -20.63
C ARG B 69 -21.89 37.28 -22.12
N ASP B 70 -21.42 38.47 -22.49
CA ASP B 70 -21.33 38.99 -23.88
C ASP B 70 -19.92 38.77 -24.47
N SER B 71 -18.98 38.21 -23.71
CA SER B 71 -17.58 38.00 -24.15
C SER B 71 -17.54 37.08 -25.38
N ARG B 72 -16.82 37.48 -26.42
CA ARG B 72 -16.57 36.61 -27.61
C ARG B 72 -15.58 35.50 -27.22
N VAL B 73 -14.65 35.78 -26.29
CA VAL B 73 -13.72 34.75 -25.72
C VAL B 73 -14.56 33.66 -25.07
N LEU B 74 -15.54 34.04 -24.24
CA LEU B 74 -16.46 33.09 -23.55
C LEU B 74 -17.25 32.29 -24.58
N LYS B 75 -17.71 32.94 -25.66
CA LYS B 75 -18.46 32.27 -26.75
C LYS B 75 -17.56 31.18 -27.36
N ALA B 76 -16.38 31.55 -27.85
CA ALA B 76 -15.37 30.64 -28.43
C ALA B 76 -15.11 29.47 -27.46
N LEU B 77 -14.95 29.82 -26.18
CA LEU B 77 -14.69 28.91 -25.02
C LEU B 77 -15.76 27.82 -24.93
N LEU B 78 -17.04 28.21 -24.90
CA LEU B 78 -18.19 27.27 -24.76
C LEU B 78 -18.38 26.46 -26.05
N GLU B 79 -18.10 27.07 -27.21
CA GLU B 79 -18.20 26.39 -28.54
C GLU B 79 -17.14 25.28 -28.63
N ARG B 80 -15.94 25.50 -28.09
CA ARG B 80 -14.83 24.52 -28.15
C ARG B 80 -14.95 23.50 -27.00
N GLY B 81 -15.38 23.93 -25.82
CA GLY B 81 -15.52 23.08 -24.62
C GLY B 81 -14.18 22.82 -23.94
N GLU B 82 -13.17 23.66 -24.22
CA GLU B 82 -11.82 23.63 -23.58
C GLU B 82 -11.31 25.06 -23.39
N PHE B 83 -10.48 25.31 -22.37
CA PHE B 83 -9.77 26.60 -22.16
C PHE B 83 -8.55 26.39 -21.26
N ALA B 84 -7.66 27.39 -21.25
CA ALA B 84 -6.44 27.44 -20.41
C ALA B 84 -6.49 28.66 -19.50
N VAL B 85 -5.98 28.50 -18.28
CA VAL B 85 -5.81 29.60 -17.29
C VAL B 85 -4.31 29.82 -17.08
N ASN B 86 -3.78 30.90 -17.66
CA ASN B 86 -2.37 31.31 -17.61
C ASN B 86 -2.19 32.29 -16.45
N VAL B 87 -1.64 31.83 -15.32
CA VAL B 87 -1.40 32.67 -14.11
C VAL B 87 -0.17 33.52 -14.39
N LEU B 88 -0.33 34.85 -14.47
CA LEU B 88 0.73 35.79 -14.91
C LEU B 88 1.73 36.02 -13.78
N ARG B 89 3.01 36.14 -14.14
CA ARG B 89 4.14 36.37 -13.21
C ARG B 89 4.25 37.87 -12.90
N GLY B 90 4.99 38.22 -11.85
CA GLY B 90 5.42 39.62 -11.58
C GLY B 90 6.22 40.16 -12.75
N GLY B 91 6.00 41.43 -13.12
CA GLY B 91 6.52 42.00 -14.37
C GLY B 91 5.74 41.55 -15.59
N GLY B 92 4.52 41.02 -15.42
CA GLY B 92 3.58 40.69 -16.50
C GLY B 92 2.51 41.75 -16.68
N GLU B 93 2.75 42.96 -16.14
CA GLU B 93 1.78 44.10 -16.16
C GLU B 93 1.32 44.37 -17.59
N SER B 94 2.27 44.46 -18.52
CA SER B 94 2.01 44.89 -19.92
C SER B 94 1.17 43.80 -20.62
N THR B 95 1.37 42.54 -20.25
CA THR B 95 0.58 41.37 -20.73
C THR B 95 -0.86 41.46 -20.21
N SER B 96 -1.05 41.74 -18.92
CA SER B 96 -2.39 41.90 -18.28
C SER B 96 -3.18 43.00 -18.99
N ALA B 97 -2.54 44.16 -19.17
CA ALA B 97 -3.07 45.35 -19.89
C ALA B 97 -3.50 44.96 -21.31
N ARG B 98 -2.67 44.20 -22.03
CA ARG B 98 -2.91 43.83 -23.45
C ARG B 98 -4.18 42.96 -23.57
N PHE B 99 -4.36 41.99 -22.69
CA PHE B 99 -5.50 41.05 -22.79
C PHE B 99 -6.74 41.66 -22.12
N ALA B 100 -6.64 42.89 -21.62
CA ALA B 100 -7.79 43.69 -21.13
C ALA B 100 -8.15 44.79 -22.15
N ALA B 101 -7.17 45.27 -22.93
CA ALA B 101 -7.36 46.36 -23.92
C ALA B 101 -8.49 46.00 -24.87
N PRO B 102 -9.41 46.93 -25.22
CA PRO B 102 -10.50 46.63 -26.16
C PRO B 102 -10.00 46.73 -27.61
N VAL B 103 -9.26 45.72 -28.06
CA VAL B 103 -8.56 45.68 -29.40
C VAL B 103 -8.61 44.24 -29.94
N ASP B 104 -8.42 44.08 -31.25
CA ASP B 104 -8.34 42.76 -31.92
C ASP B 104 -6.90 42.23 -31.80
N ASP B 105 -6.67 41.02 -32.31
CA ASP B 105 -5.33 40.39 -32.48
C ASP B 105 -4.49 40.60 -31.22
N ARG B 106 -5.00 40.16 -30.07
CA ARG B 106 -4.37 40.34 -28.73
C ARG B 106 -3.08 39.51 -28.64
N PHE B 107 -2.92 38.46 -29.45
CA PHE B 107 -1.77 37.52 -29.41
C PHE B 107 -0.60 38.05 -30.24
N ARG B 108 -0.79 39.13 -31.00
CA ARG B 108 0.30 39.84 -31.72
C ARG B 108 1.45 40.15 -30.74
N ASP B 109 2.65 39.60 -31.01
CA ASP B 109 3.92 39.85 -30.26
C ASP B 109 3.87 39.17 -28.88
N VAL B 110 3.04 38.15 -28.72
CA VAL B 110 2.96 37.29 -27.50
C VAL B 110 3.46 35.88 -27.87
N ARG B 111 4.54 35.43 -27.24
CA ARG B 111 5.07 34.05 -27.37
C ARG B 111 4.05 33.12 -26.71
N TRP B 112 3.44 32.22 -27.48
CA TRP B 112 2.48 31.20 -26.99
C TRP B 112 2.67 29.89 -27.75
N GLU B 113 2.24 28.77 -27.15
CA GLU B 113 2.35 27.41 -27.73
C GLU B 113 1.04 26.67 -27.44
N PRO B 114 0.49 25.90 -28.39
CA PRO B 114 -0.77 25.19 -28.17
C PRO B 114 -0.67 24.15 -27.05
N GLY B 115 -1.68 24.11 -26.17
CA GLY B 115 -1.75 23.16 -25.05
C GLY B 115 -2.03 21.76 -25.53
N SER B 116 -1.69 20.76 -24.72
CA SER B 116 -2.02 19.32 -24.92
C SER B 116 -3.51 19.12 -25.18
N ALA B 117 -4.37 19.86 -24.47
CA ALA B 117 -5.83 19.70 -24.45
C ALA B 117 -6.47 20.63 -25.49
N GLY B 118 -6.62 20.17 -26.73
CA GLY B 118 -7.36 20.88 -27.79
C GLY B 118 -6.54 21.98 -28.46
N GLY B 119 -5.31 22.24 -28.03
CA GLY B 119 -4.43 23.26 -28.62
C GLY B 119 -4.62 24.64 -27.99
N VAL B 120 -5.32 24.73 -26.86
CA VAL B 120 -5.66 26.03 -26.22
C VAL B 120 -4.36 26.78 -25.94
N PRO B 121 -4.30 28.10 -26.20
CA PRO B 121 -3.07 28.87 -26.00
C PRO B 121 -2.47 28.82 -24.58
N VAL B 122 -1.24 28.31 -24.49
CA VAL B 122 -0.40 28.33 -23.26
C VAL B 122 0.74 29.33 -23.49
N MET B 123 0.82 30.34 -22.61
CA MET B 123 1.77 31.47 -22.71
C MET B 123 2.91 31.22 -21.72
N SER B 124 3.77 30.24 -22.03
CA SER B 124 5.04 30.02 -21.30
C SER B 124 5.93 31.28 -21.48
N ALA B 125 6.75 31.57 -20.47
CA ALA B 125 7.63 32.77 -20.35
C ALA B 125 6.91 33.93 -19.64
N ASP B 126 5.56 33.98 -19.70
CA ASP B 126 4.73 35.06 -19.11
C ASP B 126 4.01 34.60 -17.83
N VAL B 127 4.16 33.33 -17.43
CA VAL B 127 3.32 32.73 -16.34
C VAL B 127 4.19 32.14 -15.23
N VAL B 128 3.60 32.03 -14.05
CA VAL B 128 4.14 31.31 -12.85
C VAL B 128 3.45 29.94 -12.76
N ALA B 129 2.41 29.71 -13.58
CA ALA B 129 1.70 28.41 -13.71
C ALA B 129 0.67 28.51 -14.84
N HIS B 130 0.16 27.36 -15.28
CA HIS B 130 -0.97 27.25 -16.24
C HIS B 130 -1.78 25.99 -15.95
N ALA B 131 -3.08 26.05 -16.25
CA ALA B 131 -4.03 24.94 -16.17
C ALA B 131 -4.78 24.85 -17.51
N GLU B 132 -5.02 23.63 -17.98
CA GLU B 132 -5.85 23.37 -19.18
C GLU B 132 -7.09 22.61 -18.71
N CYS B 133 -8.26 23.09 -19.10
CA CYS B 133 -9.56 22.69 -18.53
C CYS B 133 -10.53 22.30 -19.63
N ARG B 134 -11.29 21.24 -19.38
CA ARG B 134 -12.53 20.88 -20.10
C ARG B 134 -13.66 21.68 -19.42
N VAL B 135 -14.55 22.29 -20.20
CA VAL B 135 -15.78 22.96 -19.69
C VAL B 135 -16.67 21.88 -19.07
N ALA B 136 -16.76 21.84 -17.75
CA ALA B 136 -17.58 20.88 -16.97
C ALA B 136 -19.01 21.41 -16.81
N ALA B 137 -19.17 22.72 -16.63
CA ALA B 137 -20.50 23.37 -16.51
C ALA B 137 -20.36 24.88 -16.72
N ALA B 138 -21.45 25.50 -17.15
CA ALA B 138 -21.58 26.97 -17.34
C ALA B 138 -22.91 27.42 -16.73
N LEU B 139 -22.87 28.52 -15.96
CA LEU B 139 -24.04 29.14 -15.31
C LEU B 139 -23.96 30.66 -15.50
N ASP B 140 -25.09 31.26 -15.84
CA ASP B 140 -25.30 32.73 -15.84
C ASP B 140 -25.61 33.16 -14.41
N ALA B 141 -24.89 34.16 -13.91
CA ALA B 141 -25.10 34.81 -12.61
C ALA B 141 -24.95 36.33 -12.80
N GLY B 142 -26.08 37.05 -12.84
CA GLY B 142 -26.11 38.48 -13.19
C GLY B 142 -25.50 38.71 -14.56
N ASP B 143 -24.56 39.65 -14.68
CA ASP B 143 -24.01 40.11 -15.98
C ASP B 143 -22.78 39.26 -16.38
N HIS B 144 -22.47 38.19 -15.65
CA HIS B 144 -21.36 37.25 -16.00
C HIS B 144 -21.90 35.83 -16.17
N THR B 145 -21.11 34.97 -16.83
CA THR B 145 -21.25 33.50 -16.81
C THR B 145 -20.09 32.92 -15.97
N ILE B 146 -20.40 32.05 -15.00
CA ILE B 146 -19.43 31.24 -14.22
C ILE B 146 -19.16 29.96 -15.02
N VAL B 147 -17.93 29.76 -15.48
CA VAL B 147 -17.49 28.53 -16.20
C VAL B 147 -16.71 27.65 -15.21
N ILE B 148 -17.15 26.41 -15.04
CA ILE B 148 -16.48 25.39 -14.21
C ILE B 148 -15.58 24.55 -15.13
N GLY B 149 -14.27 24.64 -14.90
CA GLY B 149 -13.23 23.92 -15.65
C GLY B 149 -12.75 22.71 -14.88
N ALA B 150 -12.88 21.52 -15.47
CA ALA B 150 -12.27 20.27 -14.98
C ALA B 150 -10.83 20.22 -15.51
N VAL B 151 -9.84 20.20 -14.62
CA VAL B 151 -8.39 20.38 -14.96
C VAL B 151 -7.83 19.08 -15.55
N VAL B 152 -7.45 19.10 -16.84
CA VAL B 152 -6.98 17.90 -17.61
C VAL B 152 -5.46 17.94 -17.85
N ALA B 153 -4.78 19.06 -17.60
CA ALA B 153 -3.31 19.17 -17.78
C ALA B 153 -2.78 20.46 -17.16
N GLY B 154 -1.45 20.57 -17.04
CA GLY B 154 -0.73 21.81 -16.65
C GLY B 154 0.19 21.59 -15.47
N GLY B 155 0.75 22.67 -14.94
CA GLY B 155 1.69 22.63 -13.80
C GLY B 155 2.27 24.01 -13.51
N PRO B 156 3.15 24.12 -12.49
CA PRO B 156 3.74 25.40 -12.11
C PRO B 156 5.06 25.71 -12.82
N ARG B 157 5.65 26.88 -12.51
CA ARG B 157 7.02 27.27 -12.92
C ARG B 157 7.79 27.67 -11.65
N PRO B 158 8.30 26.69 -10.88
CA PRO B 158 8.92 26.95 -9.57
C PRO B 158 10.10 27.94 -9.55
N GLU B 159 10.74 28.16 -10.70
CA GLU B 159 11.93 29.04 -10.83
C GLU B 159 11.51 30.50 -11.07
N VAL B 160 10.20 30.75 -11.29
CA VAL B 160 9.60 32.12 -11.37
C VAL B 160 9.34 32.61 -9.96
N PRO B 161 10.02 33.67 -9.48
CA PRO B 161 9.98 34.04 -8.05
C PRO B 161 8.76 34.82 -7.53
N SER B 162 7.86 35.30 -8.40
CA SER B 162 6.71 36.15 -8.00
C SER B 162 5.56 36.02 -8.99
N PRO B 163 4.29 36.10 -8.54
CA PRO B 163 3.14 36.19 -9.42
C PRO B 163 2.72 37.65 -9.61
N LEU B 164 1.84 37.94 -10.56
CA LEU B 164 1.22 39.29 -10.69
C LEU B 164 0.06 39.39 -9.69
N MET B 165 0.01 40.48 -8.92
CA MET B 165 -1.08 40.75 -7.94
C MET B 165 -1.61 42.17 -8.14
N TYR B 166 -2.88 42.37 -7.82
CA TYR B 166 -3.62 43.64 -8.00
C TYR B 166 -4.46 43.89 -6.74
N TRP B 167 -4.40 45.13 -6.23
CA TRP B 167 -5.11 45.59 -5.01
C TRP B 167 -5.25 47.12 -5.05
N ARG B 168 -6.46 47.61 -4.79
CA ARG B 168 -6.78 49.06 -4.72
C ARG B 168 -6.09 49.81 -5.86
N ARG B 169 -6.41 49.43 -7.10
CA ARG B 169 -6.06 50.14 -8.36
C ARG B 169 -4.55 50.18 -8.59
N SER B 170 -3.79 49.28 -7.96
CA SER B 170 -2.32 49.16 -8.14
C SER B 170 -1.92 47.70 -8.40
N TYR B 171 -1.03 47.47 -9.35
CA TYR B 171 -0.25 46.20 -9.46
C TYR B 171 0.81 46.19 -8.35
N ALA B 172 1.06 45.02 -7.75
CA ALA B 172 2.12 44.78 -6.75
C ALA B 172 3.48 44.72 -7.45
N ARG B 173 4.37 45.68 -7.15
CA ARG B 173 5.78 45.70 -7.63
C ARG B 173 6.67 45.13 -6.52
N TRP B 174 7.29 43.97 -6.77
CA TRP B 174 8.16 43.26 -5.79
C TRP B 174 9.61 43.71 -5.99
N PRO B 175 10.46 43.66 -4.93
CA PRO B 175 11.85 44.12 -5.04
C PRO B 175 12.71 43.30 -6.03
N PRO C 5 -22.77 -49.31 34.36
CA PRO C 5 -22.42 -48.76 33.05
C PRO C 5 -22.71 -49.76 31.91
N LEU C 6 -22.71 -49.27 30.66
CA LEU C 6 -23.02 -50.09 29.46
C LEU C 6 -21.79 -50.91 29.04
N SER C 7 -22.04 -52.11 28.51
CA SER C 7 -21.04 -53.01 27.90
C SER C 7 -20.69 -52.48 26.50
N LEU C 8 -19.44 -52.10 26.25
CA LEU C 8 -19.01 -51.59 24.93
C LEU C 8 -18.13 -52.65 24.25
N PRO C 9 -18.67 -53.35 23.22
CA PRO C 9 -17.88 -54.33 22.47
C PRO C 9 -16.85 -53.58 21.60
N LEU C 10 -15.57 -53.91 21.78
CA LEU C 10 -14.43 -53.26 21.10
C LEU C 10 -13.80 -54.22 20.09
N ASP C 11 -13.60 -53.75 18.86
CA ASP C 11 -12.85 -54.46 17.80
C ASP C 11 -11.36 -54.19 18.00
N LEU C 12 -10.64 -55.10 18.67
CA LEU C 12 -9.17 -55.07 18.82
C LEU C 12 -8.56 -55.97 17.74
N ALA C 13 -7.33 -55.68 17.33
CA ALA C 13 -6.58 -56.41 16.28
C ALA C 13 -5.26 -56.91 16.88
N PRO C 14 -4.67 -58.01 16.34
CA PRO C 14 -3.52 -58.67 16.98
C PRO C 14 -2.35 -57.76 17.39
N GLY C 15 -1.93 -56.83 16.53
CA GLY C 15 -0.62 -56.14 16.63
C GLY C 15 -0.66 -54.82 17.40
N LEU C 16 -1.37 -54.77 18.53
CA LEU C 16 -1.49 -53.53 19.35
C LEU C 16 -0.14 -53.23 19.99
N VAL C 17 0.10 -51.96 20.34
CA VAL C 17 1.39 -51.50 20.95
C VAL C 17 1.40 -51.91 22.41
N ASP C 18 2.59 -52.04 23.00
CA ASP C 18 2.80 -52.29 24.45
C ASP C 18 2.47 -51.00 25.23
N GLY C 19 2.39 -51.09 26.56
CA GLY C 19 2.16 -49.95 27.48
C GLY C 19 3.18 -48.84 27.27
N ASP C 20 4.48 -49.16 27.36
CA ASP C 20 5.62 -48.23 27.16
C ASP C 20 5.36 -47.31 25.95
N THR C 21 5.09 -47.91 24.79
CA THR C 21 4.86 -47.21 23.50
C THR C 21 3.63 -46.30 23.63
N PHE C 22 2.54 -46.82 24.21
CA PHE C 22 1.25 -46.10 24.38
C PHE C 22 1.46 -44.85 25.24
N LEU C 23 2.09 -45.01 26.41
CA LEU C 23 2.37 -43.91 27.37
C LEU C 23 3.21 -42.82 26.69
N SER C 24 4.22 -43.21 25.91
CA SER C 24 5.16 -42.27 25.24
C SER C 24 4.43 -41.48 24.15
N ILE C 25 3.38 -42.05 23.54
CA ILE C 25 2.49 -41.35 22.57
C ILE C 25 1.56 -40.39 23.35
N MET C 26 0.76 -40.92 24.27
CA MET C 26 -0.31 -40.16 24.97
C MET C 26 0.30 -39.06 25.83
N GLY C 27 1.49 -39.29 26.38
CA GLY C 27 2.22 -38.30 27.21
C GLY C 27 2.62 -37.10 26.37
N ALA C 28 2.63 -37.22 25.05
CA ALA C 28 2.95 -36.11 24.11
C ALA C 28 1.68 -35.32 23.74
N LEU C 29 0.49 -35.83 24.05
CA LEU C 29 -0.80 -35.08 23.94
C LEU C 29 -0.96 -34.27 25.22
N PRO C 30 -0.74 -32.94 25.20
CA PRO C 30 -0.84 -32.13 26.42
C PRO C 30 -2.32 -32.04 26.81
N THR C 31 -2.58 -31.88 28.11
CA THR C 31 -3.95 -31.94 28.66
C THR C 31 -4.11 -30.87 29.74
N GLY C 32 -5.38 -30.53 30.04
CA GLY C 32 -5.77 -29.82 31.27
C GLY C 32 -5.73 -30.77 32.44
N VAL C 33 -5.90 -30.25 33.66
CA VAL C 33 -6.01 -31.09 34.89
C VAL C 33 -7.28 -30.64 35.62
N THR C 34 -8.20 -31.58 35.86
CA THR C 34 -9.49 -31.33 36.54
C THR C 34 -9.51 -32.10 37.85
N VAL C 35 -10.39 -31.71 38.77
CA VAL C 35 -10.80 -32.59 39.91
C VAL C 35 -12.27 -32.95 39.70
N VAL C 36 -12.55 -34.23 39.44
CA VAL C 36 -13.93 -34.77 39.34
C VAL C 36 -14.40 -35.02 40.77
N THR C 37 -15.50 -34.39 41.15
CA THR C 37 -16.08 -34.45 42.52
C THR C 37 -17.54 -34.89 42.45
N THR C 38 -18.00 -35.53 43.51
CA THR C 38 -19.42 -35.93 43.74
C THR C 38 -19.70 -35.99 45.25
N LEU C 39 -20.93 -36.33 45.61
CA LEU C 39 -21.35 -36.58 47.02
C LEU C 39 -21.62 -38.07 47.19
N GLY C 40 -21.06 -38.66 48.25
CA GLY C 40 -21.29 -40.06 48.66
C GLY C 40 -22.75 -40.28 49.08
N PRO C 41 -23.20 -41.56 49.22
CA PRO C 41 -24.58 -41.86 49.57
C PRO C 41 -25.09 -41.14 50.82
N ASP C 42 -24.20 -40.87 51.79
CA ASP C 42 -24.52 -40.15 53.05
C ASP C 42 -23.89 -38.73 53.05
N GLY C 43 -23.64 -38.16 51.86
CA GLY C 43 -23.28 -36.73 51.69
C GLY C 43 -21.79 -36.43 51.80
N GLU C 44 -20.92 -37.43 52.01
CA GLU C 44 -19.45 -37.19 52.12
C GLU C 44 -18.93 -36.74 50.76
N PRO C 45 -18.10 -35.66 50.68
CA PRO C 45 -17.50 -35.25 49.41
C PRO C 45 -16.38 -36.20 48.95
N TYR C 46 -16.39 -36.56 47.68
CA TYR C 46 -15.41 -37.46 47.02
C TYR C 46 -14.83 -36.76 45.78
N GLY C 47 -13.54 -36.94 45.50
CA GLY C 47 -12.91 -36.40 44.28
C GLY C 47 -11.60 -37.08 43.92
N LEU C 48 -11.25 -37.07 42.65
CA LEU C 48 -9.90 -37.48 42.16
C LEU C 48 -9.47 -36.61 41.00
N THR C 49 -8.15 -36.52 40.79
CA THR C 49 -7.48 -35.78 39.70
C THR C 49 -7.72 -36.55 38.40
N CYS C 50 -8.20 -35.85 37.37
CA CYS C 50 -8.63 -36.45 36.09
C CYS C 50 -8.13 -35.57 34.93
N SER C 51 -7.28 -36.13 34.08
CA SER C 51 -6.69 -35.47 32.88
C SER C 51 -7.54 -35.77 31.64
N ALA C 52 -8.10 -36.97 31.57
CA ALA C 52 -8.90 -37.45 30.42
C ALA C 52 -10.31 -36.84 30.53
N ALA C 53 -10.42 -35.57 30.14
CA ALA C 53 -11.68 -34.79 30.02
C ALA C 53 -11.68 -34.02 28.70
N CYS C 54 -12.82 -33.99 28.00
CA CYS C 54 -13.01 -33.24 26.73
C CYS C 54 -14.49 -32.97 26.48
N SER C 55 -14.81 -31.96 25.68
CA SER C 55 -16.18 -31.68 25.19
C SER C 55 -16.56 -32.73 24.14
N VAL C 56 -17.82 -33.16 24.18
CA VAL C 56 -18.41 -34.14 23.23
C VAL C 56 -19.33 -33.37 22.27
N SER C 57 -20.37 -32.71 22.80
CA SER C 57 -21.51 -32.16 22.04
C SER C 57 -21.86 -30.76 22.59
N LYS C 58 -22.31 -29.86 21.73
CA LYS C 58 -22.76 -28.49 22.12
C LYS C 58 -24.26 -28.53 22.41
N ALA C 59 -25.01 -29.23 21.57
CA ALA C 59 -26.49 -29.35 21.60
C ALA C 59 -26.88 -30.83 21.38
N PRO C 60 -27.15 -31.61 22.43
CA PRO C 60 -27.12 -31.13 23.81
C PRO C 60 -25.70 -30.85 24.30
N PRO C 61 -25.54 -30.02 25.35
CA PRO C 61 -24.21 -29.75 25.91
C PRO C 61 -23.69 -30.92 26.74
N LEU C 62 -22.73 -31.67 26.20
CA LEU C 62 -22.13 -32.87 26.84
C LEU C 62 -20.61 -32.73 26.91
N LEU C 63 -20.03 -33.18 28.02
CA LEU C 63 -18.58 -33.53 28.12
C LEU C 63 -18.45 -35.00 28.55
N LEU C 64 -17.23 -35.53 28.57
CA LEU C 64 -16.94 -36.87 29.16
C LEU C 64 -15.66 -36.82 30.01
N VAL C 65 -15.57 -37.75 30.94
CA VAL C 65 -14.35 -38.01 31.76
C VAL C 65 -14.13 -39.52 31.75
N CYS C 66 -12.87 -39.94 31.76
CA CYS C 66 -12.47 -41.37 31.79
C CYS C 66 -11.82 -41.68 33.13
N ILE C 67 -12.44 -42.58 33.89
CA ILE C 67 -12.05 -42.93 35.29
C ILE C 67 -11.90 -44.46 35.40
N ASN C 68 -10.83 -44.91 36.06
CA ASN C 68 -10.60 -46.32 36.47
C ASN C 68 -11.92 -46.89 37.01
N ARG C 69 -12.22 -48.15 36.69
CA ARG C 69 -13.55 -48.78 36.95
C ARG C 69 -13.76 -49.04 38.44
N ASP C 70 -12.69 -49.24 39.21
CA ASP C 70 -12.74 -49.60 40.66
C ASP C 70 -12.68 -48.33 41.54
N SER C 71 -12.65 -47.14 40.94
CA SER C 71 -12.63 -45.84 41.64
C SER C 71 -13.86 -45.72 42.55
N ARG C 72 -13.65 -45.34 43.81
CA ARG C 72 -14.71 -45.15 44.83
C ARG C 72 -15.57 -43.93 44.43
N VAL C 73 -14.97 -42.95 43.75
CA VAL C 73 -15.63 -41.70 43.26
C VAL C 73 -16.60 -42.07 42.12
N LEU C 74 -16.19 -42.94 41.21
CA LEU C 74 -17.03 -43.41 40.07
C LEU C 74 -18.27 -44.09 40.64
N LYS C 75 -18.10 -44.98 41.63
CA LYS C 75 -19.22 -45.66 42.35
C LYS C 75 -20.22 -44.58 42.82
N ALA C 76 -19.71 -43.60 43.57
CA ALA C 76 -20.48 -42.53 44.23
C ALA C 76 -21.21 -41.69 43.18
N LEU C 77 -20.53 -41.26 42.11
CA LEU C 77 -21.11 -40.31 41.12
C LEU C 77 -22.16 -41.05 40.26
N LEU C 78 -21.97 -42.33 39.97
CA LEU C 78 -22.98 -43.16 39.26
C LEU C 78 -24.19 -43.37 40.18
N GLU C 79 -23.96 -43.69 41.47
CA GLU C 79 -25.02 -43.81 42.51
C GLU C 79 -25.82 -42.51 42.58
N ARG C 80 -25.13 -41.37 42.72
CA ARG C 80 -25.79 -40.04 42.87
C ARG C 80 -26.33 -39.55 41.52
N GLY C 81 -25.65 -39.90 40.42
CA GLY C 81 -26.02 -39.49 39.06
C GLY C 81 -25.65 -38.04 38.79
N GLU C 82 -24.76 -37.47 39.60
CA GLU C 82 -24.31 -36.05 39.50
C GLU C 82 -22.84 -35.95 39.89
N PHE C 83 -22.08 -35.17 39.15
CA PHE C 83 -20.65 -34.87 39.42
C PHE C 83 -20.36 -33.45 38.95
N ALA C 84 -19.27 -32.86 39.47
CA ALA C 84 -18.73 -31.58 39.00
C ALA C 84 -17.34 -31.81 38.41
N VAL C 85 -16.97 -30.96 37.45
CA VAL C 85 -15.61 -30.90 36.85
C VAL C 85 -14.99 -29.55 37.23
N ASN C 86 -14.02 -29.59 38.14
CA ASN C 86 -13.25 -28.42 38.62
C ASN C 86 -11.97 -28.33 37.79
N VAL C 87 -11.92 -27.42 36.82
CA VAL C 87 -10.74 -27.23 35.94
C VAL C 87 -9.73 -26.40 36.75
N LEU C 88 -8.56 -26.98 37.07
CA LEU C 88 -7.61 -26.40 38.05
C LEU C 88 -6.84 -25.25 37.43
N ARG C 89 -6.44 -24.30 38.28
CA ARG C 89 -5.68 -23.08 37.91
C ARG C 89 -4.17 -23.41 37.91
N GLY C 90 -3.36 -22.49 37.36
CA GLY C 90 -1.90 -22.61 37.22
C GLY C 90 -1.21 -22.94 38.54
N GLY C 91 -1.65 -22.34 39.65
CA GLY C 91 -1.03 -22.52 40.97
C GLY C 91 -1.67 -23.66 41.77
N GLY C 92 -2.41 -24.56 41.11
CA GLY C 92 -3.13 -25.67 41.77
C GLY C 92 -2.44 -27.01 41.60
N GLU C 93 -1.12 -27.04 41.44
CA GLU C 93 -0.35 -28.31 41.30
C GLU C 93 -0.57 -29.17 42.56
N SER C 94 -0.52 -28.59 43.76
CA SER C 94 -0.59 -29.36 45.03
C SER C 94 -2.01 -29.88 45.22
N THR C 95 -3.01 -29.23 44.62
CA THR C 95 -4.42 -29.72 44.59
C THR C 95 -4.49 -30.95 43.68
N SER C 96 -3.93 -30.88 42.48
CA SER C 96 -3.76 -32.03 41.56
C SER C 96 -3.10 -33.22 42.29
N ALA C 97 -1.97 -32.98 42.97
CA ALA C 97 -1.17 -33.99 43.69
C ALA C 97 -2.01 -34.64 44.81
N ARG C 98 -2.87 -33.85 45.45
CA ARG C 98 -3.65 -34.24 46.65
C ARG C 98 -4.80 -35.15 46.24
N PHE C 99 -5.52 -34.80 45.16
CA PHE C 99 -6.70 -35.55 44.69
C PHE C 99 -6.26 -36.77 43.86
N ALA C 100 -4.94 -36.97 43.71
CA ALA C 100 -4.33 -38.18 43.12
C ALA C 100 -3.75 -39.09 44.21
N ALA C 101 -3.46 -38.54 45.40
CA ALA C 101 -2.78 -39.25 46.52
C ALA C 101 -3.69 -40.31 47.11
N PRO C 102 -3.15 -41.52 47.43
CA PRO C 102 -3.95 -42.61 47.98
C PRO C 102 -4.18 -42.43 49.49
N VAL C 103 -4.95 -41.40 49.86
CA VAL C 103 -5.28 -41.01 51.27
C VAL C 103 -6.79 -40.91 51.38
N ASP C 104 -7.31 -40.81 52.60
CA ASP C 104 -8.73 -40.49 52.88
C ASP C 104 -8.77 -39.06 53.48
N ASP C 105 -9.91 -38.39 53.36
CA ASP C 105 -10.07 -36.93 53.62
C ASP C 105 -9.11 -36.17 52.71
N ARG C 106 -9.31 -36.27 51.39
CA ARG C 106 -8.65 -35.40 50.40
C ARG C 106 -9.17 -33.97 50.56
N PHE C 107 -10.37 -33.82 51.13
CA PHE C 107 -11.07 -32.52 51.30
C PHE C 107 -10.71 -31.84 52.64
N ARG C 108 -9.84 -32.45 53.46
CA ARG C 108 -9.28 -31.80 54.67
C ARG C 108 -8.53 -30.53 54.23
N ASP C 109 -8.94 -29.36 54.73
CA ASP C 109 -8.33 -28.03 54.47
C ASP C 109 -8.73 -27.50 53.07
N VAL C 110 -9.54 -28.24 52.31
CA VAL C 110 -9.96 -27.80 50.94
C VAL C 110 -11.25 -27.00 51.08
N ARG C 111 -11.25 -25.77 50.55
CA ARG C 111 -12.44 -24.89 50.49
C ARG C 111 -13.32 -25.34 49.32
N TRP C 112 -14.59 -25.59 49.58
CA TRP C 112 -15.57 -25.97 48.54
C TRP C 112 -16.95 -25.50 48.97
N GLU C 113 -17.89 -25.39 48.04
CA GLU C 113 -19.31 -25.15 48.36
C GLU C 113 -20.16 -26.09 47.51
N PRO C 114 -21.30 -26.60 48.05
CA PRO C 114 -22.20 -27.42 47.24
C PRO C 114 -22.65 -26.61 46.01
N GLY C 115 -22.72 -27.26 44.86
CA GLY C 115 -23.19 -26.64 43.60
C GLY C 115 -24.69 -26.81 43.40
N SER C 116 -25.24 -26.10 42.41
CA SER C 116 -26.67 -26.08 42.00
C SER C 116 -27.20 -27.50 41.77
N ALA C 117 -26.40 -28.42 41.21
CA ALA C 117 -26.78 -29.80 40.85
C ALA C 117 -26.50 -30.76 42.02
N GLY C 118 -27.48 -30.95 42.90
CA GLY C 118 -27.45 -31.91 44.03
C GLY C 118 -26.29 -31.68 45.00
N GLY C 119 -25.81 -30.43 45.12
CA GLY C 119 -24.78 -30.01 46.08
C GLY C 119 -23.42 -30.64 45.85
N VAL C 120 -23.11 -31.05 44.61
CA VAL C 120 -21.78 -31.65 44.24
C VAL C 120 -20.69 -30.61 44.52
N PRO C 121 -19.49 -31.00 45.01
CA PRO C 121 -18.50 -30.03 45.46
C PRO C 121 -17.88 -29.19 44.34
N VAL C 122 -17.85 -27.86 44.51
CA VAL C 122 -17.21 -26.87 43.61
C VAL C 122 -16.05 -26.22 44.37
N MET C 123 -14.82 -26.35 43.89
CA MET C 123 -13.61 -25.80 44.57
C MET C 123 -13.28 -24.41 43.99
N SER C 124 -14.13 -23.43 44.30
CA SER C 124 -14.17 -22.07 43.67
C SER C 124 -12.79 -21.39 43.67
N ALA C 125 -11.99 -21.55 44.73
CA ALA C 125 -10.69 -20.84 44.91
C ALA C 125 -9.57 -21.49 44.08
N ASP C 126 -9.76 -22.74 43.60
CA ASP C 126 -8.69 -23.56 42.98
C ASP C 126 -8.85 -23.64 41.45
N VAL C 127 -9.87 -23.01 40.86
CA VAL C 127 -10.33 -23.35 39.48
C VAL C 127 -10.25 -22.12 38.57
N VAL C 128 -10.10 -22.39 37.26
CA VAL C 128 -10.28 -21.42 36.14
C VAL C 128 -11.74 -21.48 35.69
N ALA C 129 -12.44 -22.58 36.02
CA ALA C 129 -13.84 -22.84 35.63
C ALA C 129 -14.32 -24.09 36.34
N HIS C 130 -15.64 -24.25 36.42
CA HIS C 130 -16.30 -25.47 36.93
C HIS C 130 -17.52 -25.77 36.08
N ALA C 131 -17.73 -27.05 35.78
CA ALA C 131 -18.95 -27.58 35.12
C ALA C 131 -19.60 -28.56 36.08
N GLU C 132 -20.91 -28.43 36.30
CA GLU C 132 -21.72 -29.41 37.07
C GLU C 132 -22.57 -30.20 36.07
N CYS C 133 -22.58 -31.51 36.21
CA CYS C 133 -23.13 -32.45 35.19
C CYS C 133 -24.08 -33.44 35.85
N ARG C 134 -25.13 -33.80 35.11
CA ARG C 134 -25.90 -35.04 35.33
C ARG C 134 -25.28 -36.13 34.44
N VAL C 135 -25.26 -37.37 34.92
CA VAL C 135 -24.77 -38.56 34.16
C VAL C 135 -25.78 -38.81 33.05
N ALA C 136 -25.40 -38.55 31.80
CA ALA C 136 -26.23 -38.78 30.59
C ALA C 136 -26.13 -40.25 30.20
N ALA C 137 -24.94 -40.83 30.35
CA ALA C 137 -24.67 -42.27 30.16
C ALA C 137 -23.27 -42.61 30.69
N ALA C 138 -22.97 -43.90 30.81
CA ALA C 138 -21.67 -44.45 31.23
C ALA C 138 -21.39 -45.73 30.46
N LEU C 139 -20.16 -45.91 29.97
CA LEU C 139 -19.73 -47.08 29.17
C LEU C 139 -18.43 -47.66 29.71
N ASP C 140 -18.41 -48.99 29.91
CA ASP C 140 -17.18 -49.76 30.24
C ASP C 140 -16.37 -49.96 28.96
N ALA C 141 -15.14 -49.43 28.93
CA ALA C 141 -14.18 -49.53 27.79
C ALA C 141 -12.79 -49.85 28.34
N GLY C 142 -12.41 -51.13 28.36
CA GLY C 142 -11.14 -51.61 28.91
C GLY C 142 -11.13 -51.51 30.43
N ASP C 143 -10.05 -50.95 31.00
CA ASP C 143 -9.86 -50.82 32.47
C ASP C 143 -10.66 -49.61 32.99
N HIS C 144 -11.09 -48.71 32.10
CA HIS C 144 -11.72 -47.41 32.47
C HIS C 144 -13.22 -47.41 32.17
N THR C 145 -13.93 -46.44 32.77
CA THR C 145 -15.33 -46.08 32.45
C THR C 145 -15.37 -44.66 31.88
N ILE C 146 -15.99 -44.53 30.72
CA ILE C 146 -16.31 -43.22 30.07
C ILE C 146 -17.65 -42.78 30.62
N VAL C 147 -17.69 -41.68 31.36
CA VAL C 147 -18.92 -41.02 31.88
C VAL C 147 -19.21 -39.83 30.96
N ILE C 148 -20.40 -39.80 30.34
CA ILE C 148 -20.92 -38.61 29.61
C ILE C 148 -21.77 -37.77 30.57
N GLY C 149 -21.37 -36.52 30.78
CA GLY C 149 -22.09 -35.55 31.63
C GLY C 149 -22.83 -34.55 30.78
N ALA C 150 -24.13 -34.39 31.02
CA ALA C 150 -24.94 -33.30 30.45
C ALA C 150 -24.75 -32.05 31.34
N VAL C 151 -24.14 -30.99 30.82
CA VAL C 151 -23.78 -29.79 31.63
C VAL C 151 -25.08 -29.03 31.95
N VAL C 152 -25.41 -28.98 33.24
CA VAL C 152 -26.69 -28.44 33.79
C VAL C 152 -26.42 -27.05 34.40
N ALA C 153 -25.18 -26.80 34.86
CA ALA C 153 -24.77 -25.51 35.43
C ALA C 153 -23.25 -25.40 35.43
N GLY C 154 -22.74 -24.21 35.77
CA GLY C 154 -21.31 -23.88 35.82
C GLY C 154 -21.02 -22.55 35.16
N GLY C 155 -19.79 -22.08 35.30
CA GLY C 155 -19.29 -20.87 34.62
C GLY C 155 -17.77 -20.79 34.75
N PRO C 156 -17.14 -19.89 33.97
CA PRO C 156 -15.71 -19.62 34.10
C PRO C 156 -15.36 -18.61 35.20
N ARG C 157 -14.08 -18.58 35.57
CA ARG C 157 -13.45 -17.58 36.46
C ARG C 157 -12.48 -16.73 35.65
N PRO C 158 -12.97 -15.67 34.94
CA PRO C 158 -12.09 -14.80 34.15
C PRO C 158 -10.99 -14.06 34.93
N GLU C 159 -11.11 -13.95 36.26
CA GLU C 159 -10.11 -13.30 37.15
C GLU C 159 -8.90 -14.21 37.38
N VAL C 160 -8.98 -15.48 36.97
CA VAL C 160 -7.86 -16.45 37.12
C VAL C 160 -7.09 -16.51 35.81
N PRO C 161 -5.83 -16.03 35.78
CA PRO C 161 -5.14 -15.71 34.53
C PRO C 161 -4.54 -16.90 33.77
N SER C 162 -4.56 -18.10 34.36
CA SER C 162 -3.87 -19.28 33.79
C SER C 162 -4.54 -20.57 34.28
N PRO C 163 -4.60 -21.63 33.42
CA PRO C 163 -4.99 -22.96 33.87
C PRO C 163 -3.75 -23.80 34.23
N LEU C 164 -3.97 -24.96 34.87
CA LEU C 164 -2.92 -25.97 35.09
C LEU C 164 -2.89 -26.89 33.87
N MET C 165 -1.70 -27.28 33.41
CA MET C 165 -1.53 -28.17 32.25
C MET C 165 -0.51 -29.25 32.58
N TYR C 166 -0.61 -30.36 31.84
CA TYR C 166 0.21 -31.58 32.00
C TYR C 166 0.65 -32.07 30.62
N TRP C 167 1.96 -32.27 30.47
CA TRP C 167 2.63 -32.69 29.21
C TRP C 167 3.99 -33.32 29.54
N ARG C 168 4.27 -34.48 28.94
CA ARG C 168 5.54 -35.24 29.14
C ARG C 168 5.90 -35.24 30.62
N ARG C 169 4.96 -35.66 31.46
CA ARG C 169 5.20 -35.96 32.89
C ARG C 169 5.64 -34.69 33.64
N SER C 170 5.18 -33.53 33.17
CA SER C 170 5.52 -32.20 33.76
C SER C 170 4.25 -31.35 33.84
N TYR C 171 4.10 -30.61 34.93
CA TYR C 171 3.08 -29.56 35.09
C TYR C 171 3.56 -28.32 34.32
N ALA C 172 2.61 -27.58 33.73
CA ALA C 172 2.87 -26.31 33.01
C ALA C 172 1.79 -25.29 33.37
N ARG C 173 2.12 -24.01 33.15
CA ARG C 173 1.23 -22.83 33.28
C ARG C 173 1.13 -22.18 31.89
N TRP C 174 0.14 -21.31 31.67
CA TRP C 174 -0.01 -20.57 30.39
C TRP C 174 1.18 -19.62 30.27
N PRO C 175 1.82 -19.49 29.08
CA PRO C 175 2.96 -18.59 28.92
C PRO C 175 2.52 -17.12 29.06
N VAL C 176 2.38 -16.68 30.32
CA VAL C 176 1.77 -15.37 30.71
C VAL C 176 2.45 -14.88 32.00
N PRO D 5 13.98 36.17 9.47
CA PRO D 5 14.70 35.10 8.79
C PRO D 5 15.12 35.49 7.36
N LEU D 6 16.40 35.30 7.03
CA LEU D 6 17.00 35.58 5.69
C LEU D 6 16.33 34.69 4.64
N SER D 7 16.03 35.25 3.46
CA SER D 7 15.58 34.48 2.27
C SER D 7 16.81 34.05 1.47
N LEU D 8 16.95 32.74 1.25
CA LEU D 8 18.13 32.14 0.57
C LEU D 8 17.90 32.20 -0.93
N PRO D 9 18.78 32.85 -1.72
CA PRO D 9 18.62 32.91 -3.16
C PRO D 9 18.89 31.51 -3.74
N LEU D 10 17.85 30.83 -4.25
CA LEU D 10 17.95 29.46 -4.81
C LEU D 10 18.03 29.52 -6.33
N ASP D 11 19.10 28.97 -6.92
CA ASP D 11 19.23 28.72 -8.37
C ASP D 11 18.43 27.47 -8.72
N LEU D 12 17.12 27.61 -8.90
CA LEU D 12 16.20 26.59 -9.45
C LEU D 12 16.19 26.72 -10.98
N ALA D 13 15.97 25.61 -11.69
CA ALA D 13 15.79 25.58 -13.15
C ALA D 13 14.71 24.57 -13.51
N PRO D 14 14.10 24.67 -14.71
CA PRO D 14 13.10 23.69 -15.14
C PRO D 14 13.62 22.24 -15.09
N GLY D 15 12.72 21.28 -14.83
CA GLY D 15 13.01 19.83 -14.84
C GLY D 15 12.97 19.20 -13.45
N LEU D 16 12.58 19.97 -12.42
CA LEU D 16 12.50 19.48 -11.02
C LEU D 16 11.41 18.42 -10.90
N VAL D 17 11.54 17.57 -9.90
CA VAL D 17 10.65 16.41 -9.58
C VAL D 17 9.35 16.97 -8.99
N ASP D 18 8.22 16.29 -9.19
CA ASP D 18 6.92 16.70 -8.60
C ASP D 18 6.86 16.17 -7.15
N GLY D 19 5.99 16.74 -6.31
CA GLY D 19 5.83 16.40 -4.88
C GLY D 19 5.79 14.90 -4.61
N ASP D 20 4.88 14.17 -5.26
CA ASP D 20 4.70 12.70 -5.11
C ASP D 20 6.05 11.97 -5.22
N THR D 21 6.84 12.29 -6.26
CA THR D 21 8.11 11.60 -6.60
C THR D 21 9.17 11.93 -5.54
N PHE D 22 9.24 13.19 -5.11
CA PHE D 22 10.15 13.68 -4.04
C PHE D 22 9.88 12.92 -2.74
N LEU D 23 8.61 12.79 -2.36
CA LEU D 23 8.18 12.08 -1.12
C LEU D 23 8.60 10.62 -1.20
N SER D 24 8.57 10.01 -2.40
CA SER D 24 8.92 8.57 -2.59
C SER D 24 10.44 8.39 -2.44
N ILE D 25 11.24 9.39 -2.87
CA ILE D 25 12.73 9.39 -2.76
C ILE D 25 13.11 9.67 -1.29
N MET D 26 12.67 10.78 -0.71
CA MET D 26 12.97 11.14 0.71
C MET D 26 12.44 10.05 1.66
N GLY D 27 11.30 9.45 1.34
CA GLY D 27 10.69 8.34 2.09
C GLY D 27 11.68 7.22 2.39
N ALA D 28 12.67 7.03 1.51
CA ALA D 28 13.66 5.93 1.56
C ALA D 28 14.80 6.21 2.56
N LEU D 29 14.98 7.46 2.99
CA LEU D 29 16.02 7.86 3.98
C LEU D 29 15.40 7.69 5.36
N PRO D 30 15.96 6.82 6.25
CA PRO D 30 15.44 6.66 7.60
C PRO D 30 15.89 7.84 8.47
N THR D 31 15.20 8.07 9.59
CA THR D 31 15.35 9.29 10.43
C THR D 31 15.11 8.96 11.90
N GLY D 32 15.63 9.78 12.81
CA GLY D 32 15.17 9.89 14.19
C GLY D 32 13.96 10.79 14.27
N VAL D 33 13.28 10.84 15.42
CA VAL D 33 12.14 11.76 15.65
C VAL D 33 12.50 12.63 16.85
N THR D 34 12.34 13.95 16.70
CA THR D 34 12.58 14.95 17.76
C THR D 34 11.27 15.71 18.01
N VAL D 35 11.13 16.27 19.21
CA VAL D 35 10.15 17.35 19.50
C VAL D 35 10.95 18.63 19.71
N VAL D 36 10.74 19.64 18.86
CA VAL D 36 11.35 20.99 18.97
C VAL D 36 10.41 21.85 19.81
N THR D 37 10.92 22.43 20.89
CA THR D 37 10.15 23.22 21.87
C THR D 37 10.77 24.60 22.02
N THR D 38 9.94 25.57 22.39
CA THR D 38 10.34 26.91 22.87
C THR D 38 9.28 27.39 23.85
N LEU D 39 9.35 28.66 24.27
CA LEU D 39 8.29 29.33 25.06
C LEU D 39 7.71 30.48 24.24
N GLY D 40 6.39 30.62 24.28
CA GLY D 40 5.66 31.78 23.74
C GLY D 40 6.16 33.09 24.35
N PRO D 41 5.87 34.25 23.72
CA PRO D 41 6.23 35.56 24.28
C PRO D 41 5.82 35.73 25.75
N ASP D 42 4.84 34.91 26.18
CA ASP D 42 4.04 35.09 27.43
C ASP D 42 4.16 33.84 28.32
N GLY D 43 5.16 32.99 28.08
CA GLY D 43 5.60 31.90 28.99
C GLY D 43 5.01 30.54 28.66
N GLU D 44 4.02 30.46 27.77
CA GLU D 44 3.34 29.18 27.38
C GLU D 44 4.32 28.29 26.63
N PRO D 45 4.39 26.97 26.93
CA PRO D 45 5.23 26.05 26.17
C PRO D 45 4.66 25.71 24.77
N TYR D 46 5.49 25.86 23.72
CA TYR D 46 5.18 25.47 22.32
C TYR D 46 6.13 24.35 21.88
N GLY D 47 5.65 23.43 21.04
CA GLY D 47 6.44 22.31 20.51
C GLY D 47 5.81 21.70 19.27
N LEU D 48 6.64 21.14 18.36
CA LEU D 48 6.19 20.35 17.18
C LEU D 48 7.14 19.17 16.96
N THR D 49 6.60 18.08 16.41
CA THR D 49 7.37 16.87 16.00
C THR D 49 8.21 17.21 14.77
N CYS D 50 9.52 16.95 14.84
CA CYS D 50 10.50 17.33 13.79
C CYS D 50 11.49 16.18 13.56
N SER D 51 11.62 15.75 12.30
CA SER D 51 12.58 14.70 11.85
C SER D 51 13.67 15.31 10.97
N ALA D 52 13.43 16.49 10.37
CA ALA D 52 14.44 17.25 9.60
C ALA D 52 15.36 17.98 10.59
N ALA D 53 16.29 17.22 11.19
CA ALA D 53 17.24 17.67 12.24
C ALA D 53 18.53 16.85 12.11
N CYS D 54 19.68 17.50 12.13
CA CYS D 54 21.00 16.86 11.92
C CYS D 54 22.14 17.75 12.47
N SER D 55 23.29 17.12 12.73
CA SER D 55 24.57 17.80 13.06
C SER D 55 25.00 18.68 11.88
N VAL D 56 25.45 19.90 12.20
CA VAL D 56 26.03 20.85 11.21
C VAL D 56 27.53 20.91 11.45
N SER D 57 27.95 21.37 12.65
CA SER D 57 29.34 21.77 12.97
C SER D 57 29.75 21.30 14.37
N LYS D 58 30.95 20.74 14.52
CA LYS D 58 31.49 20.33 15.86
C LYS D 58 32.06 21.56 16.58
N ALA D 59 32.91 22.36 15.91
CA ALA D 59 33.55 23.59 16.43
C ALA D 59 33.22 24.78 15.53
N PRO D 60 32.28 25.68 15.91
CA PRO D 60 31.52 25.58 17.15
C PRO D 60 30.43 24.52 17.03
N PRO D 61 29.85 24.07 18.16
CA PRO D 61 28.80 23.06 18.12
C PRO D 61 27.48 23.60 17.55
N LEU D 62 27.18 23.27 16.28
CA LEU D 62 25.93 23.69 15.57
C LEU D 62 25.13 22.46 15.14
N LEU D 63 23.81 22.49 15.34
CA LEU D 63 22.83 21.63 14.63
C LEU D 63 21.85 22.52 13.86
N LEU D 64 20.94 21.93 13.07
CA LEU D 64 19.81 22.68 12.43
C LEU D 64 18.54 21.84 12.48
N VAL D 65 17.40 22.53 12.37
CA VAL D 65 16.04 21.94 12.21
C VAL D 65 15.37 22.65 11.03
N CYS D 66 14.52 21.95 10.28
CA CYS D 66 13.72 22.50 9.16
C CYS D 66 12.22 22.43 9.53
N ILE D 67 11.55 23.58 9.57
CA ILE D 67 10.13 23.71 10.03
C ILE D 67 9.34 24.46 8.95
N ASN D 68 8.08 24.09 8.73
CA ASN D 68 7.14 24.87 7.86
C ASN D 68 7.24 26.33 8.30
N ARG D 69 7.34 27.25 7.35
CA ARG D 69 7.66 28.67 7.64
C ARG D 69 6.45 29.39 8.28
N ASP D 70 5.24 28.81 8.22
CA ASP D 70 4.02 29.36 8.89
C ASP D 70 3.85 28.78 10.30
N SER D 71 4.73 27.90 10.76
CA SER D 71 4.58 27.27 12.09
C SER D 71 4.38 28.29 13.21
N ARG D 72 3.45 28.00 14.13
CA ARG D 72 3.25 28.87 15.33
C ARG D 72 4.46 28.69 16.27
N VAL D 73 5.03 27.49 16.34
CA VAL D 73 6.22 27.22 17.21
C VAL D 73 7.44 27.92 16.60
N LEU D 74 7.55 27.91 15.27
CA LEU D 74 8.72 28.53 14.60
C LEU D 74 8.79 30.01 14.93
N LYS D 75 7.67 30.74 14.85
CA LYS D 75 7.66 32.21 15.07
C LYS D 75 7.92 32.48 16.56
N ALA D 76 7.44 31.61 17.46
CA ALA D 76 7.69 31.70 18.92
C ALA D 76 9.19 31.51 19.16
N LEU D 77 9.74 30.49 18.52
CA LEU D 77 11.17 30.06 18.55
C LEU D 77 12.07 31.24 18.15
N LEU D 78 11.76 31.92 17.05
CA LEU D 78 12.57 33.04 16.49
C LEU D 78 12.52 34.26 17.41
N GLU D 79 11.35 34.60 17.95
CA GLU D 79 11.17 35.76 18.88
C GLU D 79 11.91 35.49 20.19
N ARG D 80 11.67 34.33 20.79
CA ARG D 80 12.36 33.83 22.00
C ARG D 80 13.88 33.85 21.76
N GLY D 81 14.32 33.23 20.65
CA GLY D 81 15.74 33.16 20.26
C GLY D 81 16.46 31.96 20.86
N GLU D 82 15.71 31.02 21.45
CA GLU D 82 16.26 29.72 21.93
C GLU D 82 15.19 28.64 21.84
N PHE D 83 15.63 27.39 21.68
CA PHE D 83 14.76 26.18 21.56
C PHE D 83 15.51 24.98 22.14
N ALA D 84 14.77 23.91 22.42
CA ALA D 84 15.32 22.59 22.81
C ALA D 84 14.97 21.59 21.71
N VAL D 85 15.91 20.70 21.38
CA VAL D 85 15.68 19.51 20.51
C VAL D 85 15.61 18.29 21.43
N ASN D 86 14.42 17.67 21.54
CA ASN D 86 14.14 16.53 22.43
C ASN D 86 14.10 15.24 21.59
N VAL D 87 15.15 14.42 21.67
CA VAL D 87 15.31 13.23 20.79
C VAL D 87 14.50 12.08 21.41
N LEU D 88 13.37 11.75 20.81
CA LEU D 88 12.38 10.79 21.36
C LEU D 88 13.01 9.40 21.50
N ARG D 89 12.66 8.72 22.60
CA ARG D 89 13.03 7.32 22.93
C ARG D 89 12.09 6.36 22.20
N GLY D 90 12.46 5.08 22.17
CA GLY D 90 11.75 4.01 21.42
C GLY D 90 10.27 3.97 21.71
N GLY D 91 9.85 4.16 22.96
CA GLY D 91 8.44 4.09 23.39
C GLY D 91 7.71 5.40 23.25
N GLY D 92 8.21 6.34 22.43
CA GLY D 92 7.70 7.71 22.34
C GLY D 92 6.88 7.99 21.08
N GLU D 93 6.33 6.96 20.41
CA GLU D 93 5.51 7.11 19.18
C GLU D 93 4.30 8.02 19.43
N SER D 94 3.61 7.86 20.58
CA SER D 94 2.36 8.61 20.88
C SER D 94 2.72 10.07 21.19
N THR D 95 3.90 10.32 21.73
CA THR D 95 4.48 11.68 21.94
C THR D 95 4.74 12.32 20.57
N SER D 96 5.32 11.56 19.64
CA SER D 96 5.55 11.95 18.22
C SER D 96 4.21 12.32 17.57
N ALA D 97 3.20 11.46 17.69
CA ALA D 97 1.83 11.63 17.14
C ALA D 97 1.16 12.84 17.80
N ARG D 98 1.31 12.98 19.11
CA ARG D 98 0.75 14.10 19.91
C ARG D 98 1.27 15.44 19.37
N PHE D 99 2.55 15.53 19.00
CA PHE D 99 3.22 16.82 18.71
C PHE D 99 3.19 17.10 17.20
N ALA D 100 2.59 16.21 16.40
CA ALA D 100 2.23 16.44 14.98
C ALA D 100 0.71 16.65 14.84
N ALA D 101 -0.05 16.40 15.90
CA ALA D 101 -1.52 16.55 15.96
C ALA D 101 -1.90 18.02 15.79
N PRO D 102 -2.90 18.34 14.93
CA PRO D 102 -3.37 19.71 14.78
C PRO D 102 -4.29 20.11 15.94
N VAL D 103 -3.73 20.33 17.12
CA VAL D 103 -4.44 20.68 18.40
C VAL D 103 -3.58 21.70 19.15
N ASP D 104 -4.19 22.68 19.84
CA ASP D 104 -3.44 23.80 20.49
C ASP D 104 -3.43 23.65 22.01
N ASP D 105 -3.47 22.41 22.51
CA ASP D 105 -3.32 22.08 23.97
C ASP D 105 -2.23 21.01 24.11
N ARG D 106 -1.21 21.04 23.25
CA ARG D 106 -0.25 19.92 23.05
C ARG D 106 0.45 19.58 24.37
N PHE D 107 0.82 20.59 25.15
CA PHE D 107 1.58 20.41 26.42
C PHE D 107 0.65 20.03 27.58
N ARG D 108 -0.67 20.01 27.37
CA ARG D 108 -1.68 19.65 28.42
C ARG D 108 -1.33 18.26 28.97
N ASP D 109 -0.95 18.20 30.25
CA ASP D 109 -0.68 16.95 31.02
C ASP D 109 0.52 16.19 30.44
N VAL D 110 1.42 16.90 29.75
CA VAL D 110 2.75 16.38 29.32
C VAL D 110 3.77 16.80 30.38
N ARG D 111 4.62 15.87 30.81
CA ARG D 111 5.67 16.12 31.84
C ARG D 111 6.84 16.82 31.14
N TRP D 112 7.29 17.95 31.69
CA TRP D 112 8.44 18.74 31.18
C TRP D 112 9.01 19.61 32.30
N GLU D 113 10.31 19.89 32.25
CA GLU D 113 10.98 20.87 33.16
C GLU D 113 11.58 21.98 32.30
N PRO D 114 11.61 23.24 32.79
CA PRO D 114 12.39 24.30 32.15
C PRO D 114 13.89 23.96 32.02
N GLY D 115 14.47 24.26 30.86
CA GLY D 115 15.92 24.10 30.59
C GLY D 115 16.72 25.30 31.05
N SER D 116 18.04 25.15 31.17
CA SER D 116 19.00 26.19 31.63
C SER D 116 19.01 27.40 30.67
N ALA D 117 18.75 27.17 29.37
CA ALA D 117 18.64 28.23 28.34
C ALA D 117 17.23 28.80 28.32
N GLY D 118 16.93 29.72 29.25
CA GLY D 118 15.71 30.55 29.29
C GLY D 118 14.45 29.74 29.58
N GLY D 119 14.59 28.56 30.19
CA GLY D 119 13.46 27.71 30.60
C GLY D 119 12.73 27.07 29.42
N VAL D 120 13.39 26.86 28.29
CA VAL D 120 12.76 26.13 27.14
C VAL D 120 12.43 24.72 27.62
N PRO D 121 11.33 24.11 27.12
CA PRO D 121 10.87 22.82 27.64
C PRO D 121 11.79 21.65 27.28
N VAL D 122 12.31 20.97 28.31
CA VAL D 122 12.99 19.65 28.20
C VAL D 122 12.00 18.57 28.67
N MET D 123 11.76 17.56 27.82
CA MET D 123 10.83 16.45 28.12
C MET D 123 11.68 15.21 28.47
N SER D 124 12.41 15.29 29.60
CA SER D 124 13.54 14.40 29.95
C SER D 124 13.09 12.94 30.06
N ALA D 125 11.82 12.68 30.38
CA ALA D 125 11.26 11.32 30.55
C ALA D 125 10.92 10.67 29.19
N ASP D 126 10.98 11.42 28.09
CA ASP D 126 10.52 10.95 26.74
C ASP D 126 11.69 10.82 25.76
N VAL D 127 12.94 11.03 26.19
CA VAL D 127 14.09 11.27 25.27
C VAL D 127 15.28 10.35 25.60
N VAL D 128 16.16 10.14 24.63
CA VAL D 128 17.50 9.51 24.79
C VAL D 128 18.51 10.64 25.02
N ALA D 129 18.19 11.87 24.63
CA ALA D 129 19.06 13.06 24.79
C ALA D 129 18.26 14.32 24.51
N HIS D 130 18.73 15.46 25.00
CA HIS D 130 18.21 16.80 24.63
C HIS D 130 19.40 17.73 24.41
N ALA D 131 19.29 18.60 23.40
CA ALA D 131 20.17 19.76 23.17
C ALA D 131 19.33 21.02 23.39
N GLU D 132 19.90 22.05 24.02
CA GLU D 132 19.30 23.41 24.10
C GLU D 132 20.14 24.38 23.27
N CYS D 133 19.49 25.19 22.45
CA CYS D 133 20.13 26.04 21.41
C CYS D 133 19.70 27.51 21.52
N ARG D 134 20.66 28.44 21.51
CA ARG D 134 20.42 29.84 21.06
C ARG D 134 20.34 29.79 19.54
N VAL D 135 19.51 30.64 18.92
CA VAL D 135 19.39 30.73 17.44
C VAL D 135 20.66 31.40 16.90
N ALA D 136 21.41 30.69 16.05
CA ALA D 136 22.66 31.16 15.42
C ALA D 136 22.31 31.89 14.12
N ALA D 137 21.37 31.34 13.34
CA ALA D 137 20.79 31.98 12.14
C ALA D 137 19.53 31.23 11.69
N ALA D 138 18.73 31.88 10.86
CA ALA D 138 17.48 31.34 10.28
C ALA D 138 17.40 31.72 8.79
N LEU D 139 17.07 30.75 7.95
CA LEU D 139 17.19 30.80 6.47
C LEU D 139 15.91 30.23 5.85
N ASP D 140 15.24 30.97 4.97
CA ASP D 140 14.04 30.48 4.25
C ASP D 140 14.50 29.77 2.96
N ALA D 141 14.17 28.48 2.82
CA ALA D 141 14.53 27.60 1.68
C ALA D 141 13.28 26.86 1.21
N GLY D 142 12.64 27.33 0.15
CA GLY D 142 11.37 26.80 -0.35
C GLY D 142 10.25 27.06 0.63
N ASP D 143 9.55 26.01 1.08
CA ASP D 143 8.33 26.11 1.91
C ASP D 143 8.68 26.00 3.40
N HIS D 144 9.96 25.86 3.76
CA HIS D 144 10.47 25.69 5.14
C HIS D 144 11.44 26.83 5.53
N THR D 145 11.75 26.92 6.82
CA THR D 145 12.87 27.69 7.39
C THR D 145 13.90 26.73 7.99
N ILE D 146 15.15 26.83 7.56
CA ILE D 146 16.32 26.13 8.18
C ILE D 146 16.75 26.97 9.38
N VAL D 147 16.59 26.44 10.59
CA VAL D 147 17.00 27.11 11.84
C VAL D 147 18.30 26.47 12.33
N ILE D 148 19.40 27.23 12.34
CA ILE D 148 20.72 26.73 12.82
C ILE D 148 20.83 27.07 14.30
N GLY D 149 21.00 26.05 15.15
CA GLY D 149 21.11 26.17 16.62
C GLY D 149 22.53 26.01 17.11
N ALA D 150 23.02 26.95 17.91
CA ALA D 150 24.27 26.85 18.68
C ALA D 150 23.95 26.16 20.00
N VAL D 151 24.59 25.02 20.29
CA VAL D 151 24.25 24.15 21.47
C VAL D 151 24.95 24.70 22.70
N VAL D 152 24.17 25.19 23.68
CA VAL D 152 24.68 25.84 24.94
C VAL D 152 24.47 24.89 26.13
N ALA D 153 23.60 23.89 25.99
CA ALA D 153 23.27 22.94 27.07
C ALA D 153 22.65 21.66 26.50
N GLY D 154 22.55 20.66 27.38
CA GLY D 154 21.92 19.36 27.10
C GLY D 154 22.87 18.24 27.39
N GLY D 155 22.43 17.01 27.19
CA GLY D 155 23.24 15.81 27.44
C GLY D 155 22.47 14.55 27.07
N PRO D 156 23.17 13.40 26.98
CA PRO D 156 22.51 12.14 26.64
C PRO D 156 21.82 11.55 27.87
N ARG D 157 20.99 10.54 27.64
CA ARG D 157 20.37 9.70 28.70
C ARG D 157 20.81 8.26 28.46
N PRO D 158 22.01 7.87 28.95
CA PRO D 158 22.54 6.52 28.72
C PRO D 158 21.66 5.41 29.33
N GLU D 159 20.85 5.77 30.33
CA GLU D 159 19.89 4.87 31.03
C GLU D 159 18.69 4.56 30.10
N VAL D 160 18.53 5.28 29.00
CA VAL D 160 17.45 5.02 28.00
C VAL D 160 18.07 4.20 26.85
N PRO D 161 17.65 2.92 26.67
CA PRO D 161 18.35 1.99 25.80
C PRO D 161 18.00 2.02 24.30
N SER D 162 16.95 2.74 23.89
CA SER D 162 16.49 2.77 22.48
C SER D 162 16.00 4.16 22.11
N PRO D 163 16.30 4.63 20.88
CA PRO D 163 15.65 5.81 20.32
C PRO D 163 14.42 5.45 19.47
N LEU D 164 13.62 6.44 19.10
CA LEU D 164 12.53 6.32 18.10
C LEU D 164 13.12 6.55 16.70
N MET D 165 12.86 5.63 15.78
CA MET D 165 13.32 5.68 14.37
C MET D 165 12.11 5.54 13.46
N TYR D 166 12.06 6.30 12.36
CA TYR D 166 10.93 6.29 11.39
C TYR D 166 11.47 5.99 9.98
N TRP D 167 10.75 5.13 9.25
CA TRP D 167 11.08 4.74 7.86
C TRP D 167 9.85 4.11 7.17
N ARG D 168 9.52 4.63 5.99
CA ARG D 168 8.39 4.21 5.11
C ARG D 168 7.13 3.93 5.95
N ARG D 169 6.58 4.98 6.57
CA ARG D 169 5.27 4.97 7.28
C ARG D 169 5.26 3.95 8.42
N SER D 170 6.38 3.77 9.14
CA SER D 170 6.48 2.78 10.24
C SER D 170 7.62 3.15 11.20
N TYR D 171 7.41 2.89 12.50
CA TYR D 171 8.32 3.26 13.60
C TYR D 171 9.12 2.02 14.01
N ALA D 172 10.34 2.21 14.51
CA ALA D 172 11.22 1.11 14.98
C ALA D 172 11.92 1.50 16.29
N ARG D 173 12.55 0.50 16.92
CA ARG D 173 13.31 0.61 18.19
C ARG D 173 14.58 -0.25 18.06
N TRP D 174 15.63 0.09 18.81
CA TRP D 174 16.81 -0.79 19.01
C TRP D 174 16.32 -2.14 19.50
N PRO D 175 16.97 -3.28 19.12
CA PRO D 175 16.47 -4.60 19.53
C PRO D 175 16.88 -5.04 20.94
N VAL D 176 16.38 -4.34 21.97
CA VAL D 176 16.68 -4.61 23.41
C VAL D 176 15.43 -5.22 24.07
N GLU E 4 32.06 29.69 -4.82
CA GLU E 4 32.21 29.65 -3.32
C GLU E 4 30.83 29.70 -2.66
N PRO E 5 30.64 28.99 -1.53
CA PRO E 5 29.39 29.09 -0.77
C PRO E 5 29.21 30.45 -0.08
N LEU E 6 27.95 30.82 0.16
CA LEU E 6 27.56 32.05 0.91
C LEU E 6 28.16 31.99 2.32
N SER E 7 28.40 33.15 2.91
CA SER E 7 28.99 33.35 4.26
C SER E 7 27.92 33.91 5.19
N LEU E 8 27.94 33.50 6.46
CA LEU E 8 26.99 33.98 7.49
C LEU E 8 27.73 34.28 8.79
N PRO E 9 27.77 35.56 9.22
CA PRO E 9 28.06 35.87 10.62
C PRO E 9 26.98 35.17 11.45
N LEU E 10 27.37 34.24 12.32
CA LEU E 10 26.42 33.52 13.21
C LEU E 10 26.32 34.24 14.55
N ASP E 11 25.20 34.07 15.23
CA ASP E 11 24.96 34.52 16.63
C ASP E 11 25.48 33.41 17.56
N LEU E 12 26.75 33.49 17.95
CA LEU E 12 27.41 32.51 18.84
C LEU E 12 27.40 33.03 20.28
N ALA E 13 26.58 32.42 21.13
CA ALA E 13 26.54 32.65 22.60
C ALA E 13 27.93 32.37 23.19
N PRO E 14 28.25 32.89 24.41
CA PRO E 14 29.57 32.68 25.00
C PRO E 14 29.82 31.24 25.48
N GLY E 15 28.87 30.64 26.18
CA GLY E 15 29.03 29.33 26.86
C GLY E 15 28.52 28.17 25.99
N LEU E 16 29.20 27.89 24.88
CA LEU E 16 28.91 26.74 23.98
C LEU E 16 29.46 25.45 24.62
N VAL E 17 28.69 24.36 24.54
CA VAL E 17 29.12 22.99 24.98
C VAL E 17 30.41 22.64 24.22
N ASP E 18 31.28 21.84 24.82
CA ASP E 18 32.59 21.48 24.18
C ASP E 18 32.38 20.29 23.23
N GLY E 19 33.39 20.01 22.40
CA GLY E 19 33.35 19.04 21.28
C GLY E 19 32.72 17.72 21.67
N ASP E 20 33.13 17.11 22.78
CA ASP E 20 32.80 15.69 23.09
C ASP E 20 31.43 15.60 23.78
N THR E 21 31.02 16.64 24.53
CA THR E 21 29.62 16.79 25.02
C THR E 21 28.68 16.81 23.81
N PHE E 22 28.96 17.69 22.85
CA PHE E 22 28.21 17.81 21.58
C PHE E 22 28.06 16.41 20.95
N LEU E 23 29.20 15.74 20.77
CA LEU E 23 29.27 14.38 20.15
C LEU E 23 28.35 13.40 20.88
N SER E 24 28.29 13.47 22.23
CA SER E 24 27.50 12.56 23.08
C SER E 24 26.00 12.79 22.86
N ILE E 25 25.59 14.04 22.64
CA ILE E 25 24.18 14.47 22.36
C ILE E 25 23.79 13.99 20.96
N MET E 26 24.51 14.46 19.93
CA MET E 26 24.21 14.16 18.49
C MET E 26 24.32 12.65 18.24
N GLY E 27 25.23 11.96 18.95
CA GLY E 27 25.35 10.49 18.87
C GLY E 27 24.06 9.79 19.24
N ALA E 28 23.25 10.39 20.13
CA ALA E 28 21.99 9.83 20.63
C ALA E 28 20.86 10.03 19.60
N LEU E 29 21.05 10.90 18.60
CA LEU E 29 20.09 11.07 17.48
C LEU E 29 20.41 10.00 16.44
N PRO E 30 19.56 8.95 16.27
CA PRO E 30 19.80 7.91 15.28
C PRO E 30 19.72 8.54 13.88
N THR E 31 20.58 8.11 12.97
CA THR E 31 20.76 8.74 11.64
C THR E 31 20.73 7.65 10.57
N GLY E 32 20.24 8.00 9.38
CA GLY E 32 20.44 7.21 8.15
C GLY E 32 21.86 7.41 7.66
N VAL E 33 22.31 6.67 6.65
CA VAL E 33 23.70 6.74 6.11
C VAL E 33 23.63 6.76 4.58
N THR E 34 24.25 7.79 4.00
CA THR E 34 24.30 8.03 2.53
C THR E 34 25.76 8.06 2.07
N VAL E 35 25.97 7.88 0.77
CA VAL E 35 27.21 8.28 0.06
C VAL E 35 26.83 9.38 -0.92
N VAL E 36 27.39 10.57 -0.72
CA VAL E 36 27.18 11.78 -1.56
C VAL E 36 28.29 11.79 -2.63
N THR E 37 27.92 11.79 -3.90
CA THR E 37 28.86 11.56 -5.02
C THR E 37 28.71 12.66 -6.07
N THR E 38 29.76 12.88 -6.85
CA THR E 38 29.77 13.86 -7.97
C THR E 38 30.85 13.41 -8.95
N LEU E 39 30.91 14.05 -10.12
CA LEU E 39 31.98 13.80 -11.12
C LEU E 39 32.91 15.01 -11.17
N GLY E 40 34.22 14.75 -11.22
CA GLY E 40 35.25 15.77 -11.47
C GLY E 40 35.21 16.22 -12.92
N PRO E 41 36.11 17.15 -13.33
CA PRO E 41 36.15 17.60 -14.72
C PRO E 41 36.43 16.47 -15.73
N ASP E 42 37.39 15.58 -15.44
CA ASP E 42 37.91 14.55 -16.40
C ASP E 42 37.30 13.18 -16.12
N GLY E 43 36.05 13.14 -15.62
CA GLY E 43 35.28 11.90 -15.39
C GLY E 43 35.63 11.20 -14.08
N GLU E 44 36.53 11.75 -13.26
CA GLU E 44 36.99 11.17 -11.98
C GLU E 44 35.84 11.20 -10.98
N PRO E 45 35.26 10.06 -10.58
CA PRO E 45 34.14 10.06 -9.63
C PRO E 45 34.59 10.35 -8.18
N TYR E 46 33.79 11.13 -7.46
CA TYR E 46 34.03 11.56 -6.06
C TYR E 46 32.85 11.13 -5.18
N GLY E 47 33.13 10.77 -3.92
CA GLY E 47 32.10 10.41 -2.93
C GLY E 47 32.65 10.39 -1.51
N LEU E 48 31.78 10.68 -0.53
CA LEU E 48 32.06 10.50 0.92
C LEU E 48 30.78 10.05 1.63
N THR E 49 30.94 9.28 2.71
CA THR E 49 29.85 8.88 3.63
C THR E 49 29.32 10.14 4.33
N CYS E 50 27.99 10.34 4.29
CA CYS E 50 27.28 11.53 4.82
C CYS E 50 25.99 11.07 5.52
N SER E 51 25.86 11.35 6.82
CA SER E 51 24.65 11.07 7.63
C SER E 51 23.88 12.35 7.93
N ALA E 52 24.52 13.51 7.77
CA ALA E 52 23.92 14.86 7.97
C ALA E 52 23.17 15.26 6.69
N ALA E 53 22.06 14.57 6.42
CA ALA E 53 21.18 14.76 5.25
C ALA E 53 19.72 14.67 5.71
N CYS E 54 18.86 15.56 5.21
CA CYS E 54 17.41 15.56 5.56
C CYS E 54 16.60 16.30 4.48
N SER E 55 15.31 15.98 4.42
CA SER E 55 14.29 16.66 3.58
C SER E 55 14.19 18.12 4.04
N VAL E 56 14.11 19.06 3.10
CA VAL E 56 14.01 20.52 3.41
C VAL E 56 12.64 21.04 2.95
N SER E 57 12.31 20.86 1.68
CA SER E 57 11.09 21.46 1.05
C SER E 57 10.44 20.45 0.10
N LYS E 58 9.10 20.41 0.07
CA LYS E 58 8.30 19.57 -0.86
C LYS E 58 8.14 20.32 -2.19
N ALA E 59 7.89 21.64 -2.12
CA ALA E 59 7.67 22.52 -3.30
C ALA E 59 8.35 23.87 -3.07
N PRO E 60 9.50 24.16 -3.72
CA PRO E 60 10.15 23.22 -4.64
C PRO E 60 10.80 22.05 -3.90
N PRO E 61 11.15 20.95 -4.60
CA PRO E 61 11.70 19.76 -3.94
C PRO E 61 13.19 19.88 -3.58
N LEU E 62 13.48 20.12 -2.31
CA LEU E 62 14.86 20.37 -1.80
C LEU E 62 15.19 19.38 -0.68
N LEU E 63 16.41 18.84 -0.71
CA LEU E 63 17.07 18.15 0.42
C LEU E 63 18.34 18.94 0.73
N LEU E 64 18.97 18.69 1.89
CA LEU E 64 20.31 19.27 2.19
C LEU E 64 21.26 18.16 2.67
N VAL E 65 22.56 18.44 2.51
CA VAL E 65 23.68 17.62 3.04
C VAL E 65 24.67 18.62 3.64
N CYS E 66 25.36 18.24 4.72
CA CYS E 66 26.41 19.06 5.37
C CYS E 66 27.73 18.31 5.26
N ILE E 67 28.76 18.98 4.74
CA ILE E 67 30.11 18.42 4.47
C ILE E 67 31.16 19.41 5.02
N ASN E 68 32.26 18.90 5.59
CA ASN E 68 33.43 19.69 6.01
C ASN E 68 33.76 20.72 4.91
N ARG E 69 34.10 21.94 5.31
CA ARG E 69 34.38 23.09 4.40
C ARG E 69 35.52 22.73 3.44
N ASP E 70 36.52 21.96 3.88
CA ASP E 70 37.77 21.72 3.10
C ASP E 70 37.75 20.33 2.44
N SER E 71 36.57 19.74 2.23
CA SER E 71 36.37 18.42 1.57
C SER E 71 36.69 18.49 0.07
N ARG E 72 37.54 17.59 -0.43
CA ARG E 72 37.80 17.36 -1.87
C ARG E 72 36.47 17.17 -2.62
N VAL E 73 35.54 16.42 -2.02
CA VAL E 73 34.24 16.05 -2.66
C VAL E 73 33.39 17.32 -2.75
N LEU E 74 33.30 18.06 -1.64
CA LEU E 74 32.59 19.37 -1.60
C LEU E 74 33.09 20.28 -2.72
N LYS E 75 34.41 20.34 -2.93
CA LYS E 75 35.04 21.22 -3.95
C LYS E 75 34.56 20.79 -5.34
N ALA E 76 34.71 19.50 -5.68
CA ALA E 76 34.30 18.88 -6.96
C ALA E 76 32.80 19.10 -7.20
N LEU E 77 32.00 18.89 -6.14
CA LEU E 77 30.52 18.96 -6.11
C LEU E 77 30.05 20.36 -6.53
N LEU E 78 30.65 21.39 -5.93
CA LEU E 78 30.31 22.81 -6.20
C LEU E 78 30.73 23.19 -7.62
N GLU E 79 31.81 22.58 -8.15
CA GLU E 79 32.33 22.86 -9.52
C GLU E 79 31.39 22.27 -10.57
N ARG E 80 30.92 21.04 -10.37
CA ARG E 80 29.97 20.37 -11.30
C ARG E 80 28.58 21.02 -11.22
N GLY E 81 28.16 21.43 -10.02
CA GLY E 81 26.81 21.99 -9.80
C GLY E 81 25.75 20.91 -9.73
N GLU E 82 26.12 19.63 -9.62
CA GLU E 82 25.17 18.56 -9.21
C GLU E 82 25.89 17.47 -8.43
N PHE E 83 25.10 16.58 -7.81
CA PHE E 83 25.57 15.51 -6.90
C PHE E 83 24.44 14.50 -6.71
N ALA E 84 24.82 13.30 -6.30
CA ALA E 84 23.89 12.19 -5.97
C ALA E 84 23.93 11.95 -4.47
N VAL E 85 22.78 11.60 -3.88
CA VAL E 85 22.65 11.04 -2.51
C VAL E 85 22.21 9.59 -2.66
N ASN E 86 23.10 8.64 -2.32
CA ASN E 86 22.86 7.19 -2.36
C ASN E 86 22.58 6.71 -0.94
N VAL E 87 21.31 6.48 -0.60
CA VAL E 87 20.88 5.97 0.73
C VAL E 87 21.34 4.52 0.86
N LEU E 88 22.33 4.25 1.73
CA LEU E 88 22.88 2.89 1.94
C LEU E 88 21.83 2.00 2.63
N ARG E 89 21.82 0.72 2.28
CA ARG E 89 20.87 -0.29 2.84
C ARG E 89 21.61 -1.19 3.84
N GLY E 90 20.83 -1.95 4.64
CA GLY E 90 21.38 -2.97 5.56
C GLY E 90 22.30 -3.90 4.81
N GLY E 91 23.56 -4.01 5.23
CA GLY E 91 24.61 -4.77 4.53
C GLY E 91 25.63 -3.84 3.88
N GLY E 92 25.36 -2.53 3.87
CA GLY E 92 26.23 -1.50 3.27
C GLY E 92 27.29 -0.98 4.24
N GLU E 93 27.48 -1.64 5.38
CA GLU E 93 28.39 -1.20 6.47
C GLU E 93 29.80 -0.97 5.91
N SER E 94 30.32 -1.88 5.07
CA SER E 94 31.70 -1.82 4.51
C SER E 94 31.79 -0.71 3.45
N THR E 95 30.70 -0.41 2.75
CA THR E 95 30.55 0.75 1.82
C THR E 95 30.66 2.05 2.63
N SER E 96 29.85 2.19 3.68
CA SER E 96 29.91 3.29 4.68
C SER E 96 31.37 3.48 5.15
N ALA E 97 32.07 2.39 5.47
CA ALA E 97 33.47 2.42 5.97
C ALA E 97 34.39 2.95 4.86
N ARG E 98 34.27 2.42 3.65
CA ARG E 98 35.17 2.73 2.51
C ARG E 98 35.08 4.21 2.14
N PHE E 99 33.87 4.76 2.06
CA PHE E 99 33.63 6.17 1.65
C PHE E 99 33.89 7.12 2.82
N ALA E 100 34.09 6.60 4.03
CA ALA E 100 34.55 7.37 5.22
C ALA E 100 36.09 7.33 5.32
N ALA E 101 36.71 6.24 4.89
CA ALA E 101 38.16 5.96 5.08
C ALA E 101 38.99 7.10 4.50
N PRO E 102 40.07 7.55 5.19
CA PRO E 102 40.93 8.59 4.64
C PRO E 102 41.90 7.98 3.62
N VAL E 103 41.38 7.59 2.45
CA VAL E 103 42.18 6.99 1.32
C VAL E 103 41.61 7.50 -0.01
N ASP E 104 42.35 7.27 -1.10
CA ASP E 104 41.98 7.71 -2.47
C ASP E 104 41.32 6.55 -3.22
N ASP E 105 40.84 6.81 -4.45
CA ASP E 105 40.26 5.80 -5.38
C ASP E 105 39.19 4.98 -4.66
N ARG E 106 38.25 5.64 -3.99
CA ARG E 106 37.25 4.98 -3.12
C ARG E 106 36.25 4.16 -3.96
N PHE E 107 36.16 4.41 -5.26
CA PHE E 107 35.25 3.70 -6.20
C PHE E 107 35.91 2.44 -6.79
N ARG E 108 37.14 2.14 -6.37
CA ARG E 108 37.82 0.84 -6.64
C ARG E 108 37.00 -0.30 -6.04
N ASP E 109 36.52 -1.23 -6.88
CA ASP E 109 35.68 -2.40 -6.49
C ASP E 109 34.24 -1.96 -6.16
N VAL E 110 33.84 -0.76 -6.56
CA VAL E 110 32.45 -0.24 -6.35
C VAL E 110 31.77 -0.20 -7.71
N ARG E 111 30.69 -0.96 -7.89
CA ARG E 111 29.80 -0.92 -9.09
C ARG E 111 28.99 0.39 -9.05
N TRP E 112 29.18 1.26 -10.04
CA TRP E 112 28.40 2.52 -10.19
C TRP E 112 28.06 2.79 -11.66
N GLU E 113 27.01 3.57 -11.89
CA GLU E 113 26.45 3.95 -13.20
C GLU E 113 26.32 5.48 -13.21
N PRO E 114 26.70 6.20 -14.30
CA PRO E 114 26.53 7.64 -14.34
C PRO E 114 25.04 8.01 -14.33
N GLY E 115 24.64 8.90 -13.42
CA GLY E 115 23.24 9.32 -13.24
C GLY E 115 22.69 10.09 -14.43
N SER E 116 21.37 10.10 -14.57
CA SER E 116 20.58 10.93 -15.52
C SER E 116 21.01 12.41 -15.46
N ALA E 117 21.49 12.91 -14.31
CA ALA E 117 21.84 14.32 -14.06
C ALA E 117 23.36 14.51 -13.96
N GLY E 118 24.01 14.83 -15.08
CA GLY E 118 25.44 15.21 -15.14
C GLY E 118 26.40 14.04 -14.98
N GLY E 119 25.89 12.80 -15.06
CA GLY E 119 26.68 11.55 -14.91
C GLY E 119 27.17 11.32 -13.48
N VAL E 120 26.58 11.99 -12.48
CA VAL E 120 26.93 11.83 -11.04
C VAL E 120 26.84 10.35 -10.69
N PRO E 121 27.82 9.79 -9.93
CA PRO E 121 27.82 8.36 -9.59
C PRO E 121 26.60 7.94 -8.76
N VAL E 122 25.82 7.02 -9.31
CA VAL E 122 24.65 6.33 -8.68
C VAL E 122 25.07 4.89 -8.43
N MET E 123 25.09 4.43 -7.18
CA MET E 123 25.62 3.10 -6.82
C MET E 123 24.52 2.03 -6.93
N SER E 124 24.89 0.85 -7.42
CA SER E 124 23.97 -0.29 -7.72
C SER E 124 23.80 -1.14 -6.45
N ALA E 125 24.93 -1.51 -5.84
CA ALA E 125 25.02 -2.47 -4.71
C ALA E 125 24.81 -1.73 -3.38
N ASP E 126 23.95 -2.28 -2.51
CA ASP E 126 23.76 -1.85 -1.11
C ASP E 126 23.18 -0.42 -1.07
N VAL E 127 22.18 -0.12 -1.90
CA VAL E 127 21.39 1.16 -1.88
C VAL E 127 19.90 0.82 -1.81
N VAL E 128 19.14 1.55 -1.00
CA VAL E 128 17.64 1.46 -0.96
C VAL E 128 17.07 2.43 -2.00
N ALA E 129 17.73 3.57 -2.22
CA ALA E 129 17.29 4.63 -3.16
C ALA E 129 18.43 5.60 -3.43
N HIS E 130 18.28 6.42 -4.47
CA HIS E 130 19.19 7.55 -4.81
C HIS E 130 18.37 8.79 -5.19
N ALA E 131 18.89 9.96 -4.85
CA ALA E 131 18.40 11.28 -5.29
C ALA E 131 19.52 11.96 -6.07
N GLU E 132 19.19 12.58 -7.21
CA GLU E 132 20.13 13.38 -8.04
C GLU E 132 19.68 14.84 -7.95
N CYS E 133 20.62 15.73 -7.62
CA CYS E 133 20.33 17.14 -7.25
C CYS E 133 21.20 18.10 -8.06
N ARG E 134 20.58 19.13 -8.64
CA ARG E 134 21.28 20.37 -9.05
C ARG E 134 21.55 21.18 -7.77
N VAL E 135 22.72 21.81 -7.67
CA VAL E 135 23.10 22.67 -6.52
C VAL E 135 22.26 23.96 -6.60
N ALA E 136 21.34 24.16 -5.66
CA ALA E 136 20.44 25.34 -5.60
C ALA E 136 21.12 26.46 -4.79
N ALA E 137 21.92 26.09 -3.80
CA ALA E 137 22.66 27.03 -2.92
C ALA E 137 23.60 26.24 -2.02
N ALA E 138 24.67 26.88 -1.57
CA ALA E 138 25.62 26.36 -0.57
C ALA E 138 25.88 27.47 0.44
N LEU E 139 25.99 27.12 1.73
CA LEU E 139 26.11 28.08 2.85
C LEU E 139 27.11 27.54 3.87
N ASP E 140 28.10 28.34 4.25
CA ASP E 140 29.09 28.00 5.31
C ASP E 140 28.44 28.22 6.69
N ALA E 141 28.45 27.19 7.53
CA ALA E 141 28.01 27.24 8.94
C ALA E 141 29.04 26.48 9.78
N GLY E 142 29.80 27.19 10.62
CA GLY E 142 30.87 26.61 11.43
C GLY E 142 31.90 25.90 10.56
N ASP E 143 32.27 24.67 10.91
CA ASP E 143 33.36 23.89 10.24
C ASP E 143 32.78 23.07 9.08
N HIS E 144 31.56 23.38 8.63
CA HIS E 144 30.83 22.64 7.55
C HIS E 144 30.19 23.61 6.57
N THR E 145 29.97 23.16 5.33
CA THR E 145 29.12 23.83 4.31
C THR E 145 27.81 23.04 4.17
N ILE E 146 26.67 23.72 4.36
CA ILE E 146 25.32 23.15 4.07
C ILE E 146 25.09 23.32 2.56
N VAL E 147 24.89 22.22 1.85
CA VAL E 147 24.59 22.22 0.39
C VAL E 147 23.10 21.88 0.23
N ILE E 148 22.33 22.79 -0.38
CA ILE E 148 20.89 22.59 -0.72
C ILE E 148 20.81 22.11 -2.18
N GLY E 149 20.37 20.87 -2.37
CA GLY E 149 20.12 20.29 -3.71
C GLY E 149 18.67 20.38 -4.09
N ALA E 150 18.40 20.73 -5.36
CA ALA E 150 17.07 20.60 -6.01
C ALA E 150 16.98 19.25 -6.72
N VAL E 151 15.99 18.42 -6.40
CA VAL E 151 15.91 17.01 -6.86
C VAL E 151 15.36 16.98 -8.30
N VAL E 152 16.09 16.32 -9.20
CA VAL E 152 15.83 16.29 -10.67
C VAL E 152 15.41 14.87 -11.10
N ALA E 153 16.01 13.84 -10.50
CA ALA E 153 15.69 12.42 -10.77
C ALA E 153 15.91 11.62 -9.48
N GLY E 154 15.70 10.30 -9.54
CA GLY E 154 15.88 9.37 -8.40
C GLY E 154 14.72 8.40 -8.32
N GLY E 155 14.87 7.35 -7.51
CA GLY E 155 13.82 6.34 -7.33
C GLY E 155 14.22 5.26 -6.33
N PRO E 156 13.34 4.92 -5.36
CA PRO E 156 13.56 3.78 -4.47
C PRO E 156 13.12 2.45 -5.10
N ARG E 157 13.14 1.38 -4.28
CA ARG E 157 12.62 0.03 -4.62
C ARG E 157 12.70 -0.83 -3.35
N PRO E 158 11.55 -1.26 -2.77
CA PRO E 158 11.57 -2.20 -1.64
C PRO E 158 12.32 -3.51 -1.97
N SER E 162 14.86 -2.69 4.43
CA SER E 162 16.04 -2.47 5.32
C SER E 162 16.98 -1.41 4.75
N PRO E 163 16.97 -0.16 5.27
CA PRO E 163 18.11 0.76 5.17
C PRO E 163 19.11 0.61 6.32
N LEU E 164 20.33 1.13 6.15
CA LEU E 164 21.38 1.17 7.20
C LEU E 164 21.06 2.31 8.16
N MET E 165 21.38 2.16 9.45
CA MET E 165 21.22 3.23 10.47
C MET E 165 22.41 3.18 11.45
N TYR E 166 22.72 4.32 12.05
CA TYR E 166 23.82 4.45 13.03
C TYR E 166 23.28 5.18 14.27
N TRP E 167 23.72 4.74 15.46
CA TRP E 167 23.28 5.24 16.78
C TRP E 167 24.29 4.80 17.84
N ARG E 168 24.73 5.74 18.70
CA ARG E 168 25.61 5.47 19.85
C ARG E 168 26.71 4.48 19.43
N ARG E 169 27.44 4.84 18.37
CA ARG E 169 28.71 4.21 17.92
C ARG E 169 28.48 2.78 17.40
N SER E 170 27.26 2.45 16.96
CA SER E 170 26.92 1.12 16.39
C SER E 170 26.05 1.28 15.14
N TYR E 171 26.33 0.47 14.12
CA TYR E 171 25.48 0.27 12.92
C TYR E 171 24.31 -0.66 13.31
N ALA E 172 23.20 -0.57 12.59
CA ALA E 172 22.03 -1.48 12.69
C ALA E 172 21.27 -1.54 11.35
N ARG E 173 20.57 -2.65 11.12
CA ARG E 173 19.71 -2.89 9.92
C ARG E 173 18.24 -2.74 10.33
N TRP E 174 17.33 -2.90 9.37
CA TRP E 174 15.86 -2.79 9.57
N PRO F 2 -2.44 -5.30 -51.97
CA PRO F 2 -1.79 -5.24 -50.64
C PRO F 2 -2.64 -4.45 -49.65
N PRO F 3 -3.86 -4.94 -49.32
CA PRO F 3 -4.78 -4.16 -48.50
C PRO F 3 -4.35 -4.11 -47.02
N GLU F 4 -4.70 -3.03 -46.33
CA GLU F 4 -4.48 -2.84 -44.87
C GLU F 4 -5.48 -3.69 -44.11
N PRO F 5 -5.06 -4.47 -43.09
CA PRO F 5 -6.00 -5.11 -42.19
C PRO F 5 -6.81 -4.02 -41.46
N LEU F 6 -7.99 -4.39 -40.96
CA LEU F 6 -8.82 -3.48 -40.15
C LEU F 6 -8.18 -3.34 -38.76
N SER F 7 -8.09 -2.11 -38.25
CA SER F 7 -7.77 -1.81 -36.83
C SER F 7 -8.78 -2.52 -35.93
N LEU F 8 -8.29 -3.16 -34.86
CA LEU F 8 -9.13 -3.71 -33.78
C LEU F 8 -9.70 -2.54 -32.98
N PRO F 9 -11.03 -2.45 -32.79
CA PRO F 9 -11.60 -1.47 -31.85
C PRO F 9 -11.08 -1.69 -30.43
N LEU F 10 -10.38 -0.69 -29.87
CA LEU F 10 -9.69 -0.74 -28.55
C LEU F 10 -10.25 0.33 -27.61
N ASP F 11 -10.67 -0.06 -26.41
CA ASP F 11 -10.96 0.89 -25.29
C ASP F 11 -9.63 1.28 -24.64
N LEU F 12 -9.13 2.48 -24.91
CA LEU F 12 -7.85 3.01 -24.36
C LEU F 12 -8.13 4.12 -23.36
N ALA F 13 -7.94 3.83 -22.07
CA ALA F 13 -7.98 4.80 -20.96
C ALA F 13 -6.77 5.72 -21.07
N PRO F 14 -6.92 7.04 -20.79
CA PRO F 14 -5.77 7.84 -20.34
C PRO F 14 -5.14 7.21 -19.08
N GLY F 15 -3.85 7.46 -18.87
CA GLY F 15 -3.06 6.92 -17.74
C GLY F 15 -2.33 5.65 -18.12
N LEU F 16 -1.93 5.51 -19.40
CA LEU F 16 -1.08 4.39 -19.90
C LEU F 16 0.39 4.71 -19.61
N VAL F 17 1.23 3.68 -19.51
CA VAL F 17 2.67 3.82 -19.13
C VAL F 17 3.44 4.51 -20.26
N ASP F 18 4.58 5.14 -19.92
CA ASP F 18 5.65 5.56 -20.86
C ASP F 18 6.04 4.39 -21.77
N GLY F 19 6.57 4.69 -22.95
CA GLY F 19 7.21 3.70 -23.83
C GLY F 19 8.37 3.02 -23.12
N ASP F 20 9.14 3.79 -22.34
CA ASP F 20 10.36 3.33 -21.62
C ASP F 20 9.97 2.36 -20.50
N THR F 21 8.93 2.71 -19.73
CA THR F 21 8.33 1.83 -18.68
C THR F 21 7.83 0.55 -19.32
N PHE F 22 7.18 0.64 -20.50
CA PHE F 22 6.60 -0.50 -21.25
C PHE F 22 7.67 -1.50 -21.64
N LEU F 23 8.81 -1.03 -22.16
CA LEU F 23 9.96 -1.88 -22.61
C LEU F 23 10.67 -2.47 -21.38
N SER F 24 10.85 -1.69 -20.32
CA SER F 24 11.45 -2.18 -19.04
C SER F 24 10.58 -3.33 -18.51
N ILE F 25 9.26 -3.24 -18.62
CA ILE F 25 8.29 -4.28 -18.18
C ILE F 25 8.37 -5.48 -19.13
N MET F 26 8.22 -5.26 -20.45
CA MET F 26 8.17 -6.33 -21.48
C MET F 26 9.54 -7.01 -21.60
N GLY F 27 10.63 -6.25 -21.49
CA GLY F 27 12.01 -6.76 -21.56
C GLY F 27 12.35 -7.72 -20.43
N ALA F 28 11.50 -7.81 -19.40
CA ALA F 28 11.63 -8.77 -18.27
C ALA F 28 11.06 -10.15 -18.65
N LEU F 29 10.21 -10.20 -19.68
CA LEU F 29 9.60 -11.46 -20.20
C LEU F 29 10.54 -12.04 -21.26
N PRO F 30 11.17 -13.21 -20.99
CA PRO F 30 12.10 -13.79 -21.96
C PRO F 30 11.32 -14.44 -23.11
N THR F 31 11.95 -14.61 -24.26
CA THR F 31 11.25 -15.01 -25.51
C THR F 31 12.15 -15.92 -26.35
N GLY F 32 11.52 -16.66 -27.25
CA GLY F 32 12.16 -17.33 -28.40
C GLY F 32 12.47 -16.31 -29.48
N VAL F 33 13.12 -16.77 -30.56
CA VAL F 33 13.44 -15.93 -31.75
C VAL F 33 13.06 -16.75 -32.99
N THR F 34 12.12 -16.25 -33.80
CA THR F 34 11.70 -16.90 -35.05
C THR F 34 12.07 -15.98 -36.23
N VAL F 35 12.17 -16.55 -37.42
CA VAL F 35 12.20 -15.78 -38.69
C VAL F 35 10.90 -16.10 -39.43
N VAL F 36 10.00 -15.12 -39.55
CA VAL F 36 8.75 -15.24 -40.35
C VAL F 36 9.14 -15.05 -41.82
N THR F 37 8.80 -16.00 -42.68
CA THR F 37 9.19 -16.00 -44.11
C THR F 37 7.93 -16.12 -44.96
N THR F 38 8.04 -15.68 -46.21
CA THR F 38 6.97 -15.76 -47.23
C THR F 38 7.61 -15.56 -48.61
N LEU F 39 6.77 -15.54 -49.65
CA LEU F 39 7.17 -15.42 -51.07
C LEU F 39 6.47 -14.18 -51.64
N GLY F 40 7.25 -13.23 -52.19
CA GLY F 40 6.73 -12.07 -52.94
C GLY F 40 5.83 -12.49 -54.09
N PRO F 41 5.05 -11.57 -54.71
CA PRO F 41 4.25 -11.89 -55.89
C PRO F 41 5.14 -12.51 -56.98
N ASP F 42 6.34 -11.94 -57.12
CA ASP F 42 7.44 -12.45 -57.98
C ASP F 42 7.76 -13.90 -57.62
N GLY F 43 8.10 -14.15 -56.34
CA GLY F 43 8.64 -15.44 -55.86
C GLY F 43 9.98 -15.28 -55.16
N GLU F 44 10.44 -14.05 -54.95
CA GLU F 44 11.61 -13.73 -54.08
C GLU F 44 11.28 -14.17 -52.66
N PRO F 45 12.23 -14.76 -51.90
CA PRO F 45 12.02 -15.02 -50.47
C PRO F 45 12.17 -13.75 -49.63
N TYR F 46 11.17 -13.47 -48.79
CA TYR F 46 11.14 -12.37 -47.79
C TYR F 46 11.18 -13.00 -46.40
N GLY F 47 11.71 -12.28 -45.40
CA GLY F 47 11.71 -12.71 -44.00
C GLY F 47 12.06 -11.58 -43.05
N LEU F 48 11.62 -11.69 -41.78
CA LEU F 48 12.06 -10.79 -40.68
C LEU F 48 12.19 -11.59 -39.36
N THR F 49 13.16 -11.22 -38.53
CA THR F 49 13.32 -11.71 -37.14
C THR F 49 12.12 -11.26 -36.30
N CYS F 50 11.39 -12.21 -35.72
CA CYS F 50 10.15 -11.95 -34.94
C CYS F 50 10.17 -12.77 -33.65
N SER F 51 9.97 -12.10 -32.50
CA SER F 51 9.99 -12.68 -31.14
C SER F 51 8.58 -12.72 -30.54
N ALA F 52 7.66 -11.94 -31.08
CA ALA F 52 6.25 -11.87 -30.61
C ALA F 52 5.47 -12.93 -31.37
N ALA F 53 5.69 -14.20 -31.02
CA ALA F 53 4.99 -15.39 -31.55
C ALA F 53 4.57 -16.29 -30.40
N CYS F 54 3.35 -16.83 -30.45
CA CYS F 54 2.84 -17.84 -29.48
C CYS F 54 1.78 -18.71 -30.15
N SER F 55 1.52 -19.89 -29.60
CA SER F 55 0.33 -20.71 -29.96
C SER F 55 -0.91 -19.95 -29.51
N VAL F 56 -1.98 -20.08 -30.29
CA VAL F 56 -3.31 -19.47 -30.02
C VAL F 56 -4.29 -20.60 -29.69
N SER F 57 -4.42 -21.58 -30.58
CA SER F 57 -5.50 -22.60 -30.56
C SER F 57 -4.93 -23.97 -30.98
N LYS F 58 -5.40 -25.05 -30.35
CA LYS F 58 -4.98 -26.44 -30.67
C LYS F 58 -5.92 -27.01 -31.74
N ALA F 59 -7.24 -26.91 -31.53
CA ALA F 59 -8.30 -27.38 -32.46
C ALA F 59 -9.24 -26.21 -32.76
N PRO F 60 -9.11 -25.52 -33.93
CA PRO F 60 -8.10 -25.81 -34.93
C PRO F 60 -6.71 -25.27 -34.58
N PRO F 61 -5.63 -25.84 -35.19
CA PRO F 61 -4.26 -25.46 -34.85
C PRO F 61 -3.86 -24.07 -35.40
N LEU F 62 -3.83 -23.07 -34.50
CA LEU F 62 -3.54 -21.64 -34.84
C LEU F 62 -2.38 -21.15 -33.98
N LEU F 63 -1.53 -20.29 -34.55
CA LEU F 63 -0.53 -19.46 -33.83
C LEU F 63 -0.68 -18.01 -34.29
N LEU F 64 0.01 -17.06 -33.66
CA LEU F 64 0.01 -15.66 -34.11
C LEU F 64 1.43 -15.09 -34.09
N VAL F 65 1.66 -14.10 -34.94
CA VAL F 65 2.87 -13.24 -34.95
C VAL F 65 2.37 -11.80 -34.94
N CYS F 66 3.09 -10.92 -34.26
CA CYS F 66 2.83 -9.46 -34.26
C CYS F 66 3.99 -8.81 -35.01
N ILE F 67 3.70 -8.18 -36.15
CA ILE F 67 4.70 -7.50 -37.03
C ILE F 67 4.28 -6.03 -37.15
N ASN F 68 5.26 -5.12 -37.16
CA ASN F 68 5.04 -3.68 -37.44
C ASN F 68 4.17 -3.52 -38.69
N ARG F 69 3.31 -2.49 -38.71
CA ARG F 69 2.31 -2.20 -39.77
C ARG F 69 2.99 -2.01 -41.13
N ASP F 70 4.17 -1.39 -41.14
CA ASP F 70 4.89 -0.96 -42.37
C ASP F 70 5.51 -2.18 -43.08
N SER F 71 5.97 -3.19 -42.33
CA SER F 71 6.82 -4.32 -42.80
C SER F 71 6.51 -4.71 -44.25
N ARG F 72 7.54 -4.74 -45.11
CA ARG F 72 7.44 -5.26 -46.51
C ARG F 72 7.12 -6.77 -46.47
N VAL F 73 7.63 -7.48 -45.47
CA VAL F 73 7.43 -8.95 -45.29
C VAL F 73 5.94 -9.19 -44.99
N LEU F 74 5.36 -8.39 -44.10
CA LEU F 74 3.92 -8.41 -43.76
C LEU F 74 3.10 -8.18 -45.03
N LYS F 75 3.49 -7.22 -45.86
CA LYS F 75 2.77 -6.83 -47.10
C LYS F 75 2.81 -8.01 -48.08
N ALA F 76 3.99 -8.59 -48.30
CA ALA F 76 4.20 -9.81 -49.12
C ALA F 76 3.43 -11.00 -48.54
N LEU F 77 3.37 -11.09 -47.21
CA LEU F 77 2.77 -12.21 -46.43
C LEU F 77 1.25 -12.21 -46.62
N LEU F 78 0.62 -11.02 -46.60
CA LEU F 78 -0.85 -10.84 -46.72
C LEU F 78 -1.29 -10.98 -48.18
N GLU F 79 -0.44 -10.56 -49.12
CA GLU F 79 -0.65 -10.75 -50.58
C GLU F 79 -0.65 -12.26 -50.88
N ARG F 80 0.31 -13.01 -50.31
CA ARG F 80 0.53 -14.46 -50.58
C ARG F 80 -0.55 -15.31 -49.90
N GLY F 81 -0.95 -14.95 -48.68
CA GLY F 81 -1.96 -15.69 -47.88
C GLY F 81 -1.35 -16.87 -47.15
N GLU F 82 -0.03 -17.01 -47.16
CA GLU F 82 0.69 -18.12 -46.49
C GLU F 82 2.09 -17.64 -46.08
N PHE F 83 2.57 -18.10 -44.92
CA PHE F 83 3.90 -17.81 -44.35
C PHE F 83 4.41 -19.03 -43.57
N ALA F 84 5.70 -19.01 -43.23
CA ALA F 84 6.38 -20.02 -42.38
C ALA F 84 6.96 -19.32 -41.15
N VAL F 85 6.90 -19.98 -39.99
CA VAL F 85 7.59 -19.56 -38.74
C VAL F 85 8.77 -20.51 -38.53
N ASN F 86 9.99 -19.99 -38.64
CA ASN F 86 11.24 -20.77 -38.43
C ASN F 86 11.78 -20.43 -37.05
N VAL F 87 11.62 -21.36 -36.09
CA VAL F 87 12.07 -21.17 -34.67
C VAL F 87 13.60 -21.37 -34.63
N LEU F 88 14.36 -20.32 -34.34
CA LEU F 88 15.85 -20.30 -34.48
C LEU F 88 16.49 -21.18 -33.42
N ARG F 89 17.55 -21.91 -33.79
CA ARG F 89 18.37 -22.78 -32.92
C ARG F 89 19.41 -21.95 -32.15
N GLY F 90 20.01 -22.55 -31.12
CA GLY F 90 20.92 -21.90 -30.16
C GLY F 90 22.13 -21.24 -30.82
N GLY F 91 22.58 -21.75 -31.96
CA GLY F 91 23.74 -21.20 -32.69
C GLY F 91 23.40 -20.04 -33.62
N GLY F 92 22.11 -19.68 -33.79
CA GLY F 92 21.63 -18.82 -34.87
C GLY F 92 21.49 -17.35 -34.50
N GLU F 93 22.34 -16.85 -33.59
CA GLU F 93 22.30 -15.47 -33.06
C GLU F 93 22.54 -14.46 -34.20
N SER F 94 23.35 -14.80 -35.20
CA SER F 94 23.69 -13.91 -36.34
C SER F 94 22.68 -14.08 -37.49
N THR F 95 21.97 -15.22 -37.56
CA THR F 95 20.74 -15.39 -38.38
C THR F 95 19.66 -14.43 -37.88
N SER F 96 19.57 -14.24 -36.55
CA SER F 96 18.68 -13.26 -35.88
C SER F 96 19.00 -11.84 -36.38
N ALA F 97 20.27 -11.43 -36.27
CA ALA F 97 20.76 -10.09 -36.68
C ALA F 97 20.57 -9.90 -38.20
N ARG F 98 20.79 -10.97 -38.97
CA ARG F 98 20.71 -10.94 -40.46
C ARG F 98 19.28 -10.62 -40.92
N PHE F 99 18.25 -11.20 -40.28
CA PHE F 99 16.84 -11.02 -40.68
C PHE F 99 16.22 -9.81 -39.96
N ALA F 100 17.00 -9.11 -39.13
CA ALA F 100 16.64 -7.82 -38.48
C ALA F 100 17.34 -6.64 -39.19
N ALA F 101 18.29 -6.92 -40.09
CA ALA F 101 19.18 -5.91 -40.72
C ALA F 101 18.41 -5.12 -41.76
N PRO F 102 18.64 -3.79 -41.88
CA PRO F 102 18.05 -2.99 -42.95
C PRO F 102 18.80 -3.28 -44.27
N VAL F 103 18.38 -4.34 -44.96
CA VAL F 103 18.94 -4.76 -46.29
C VAL F 103 17.78 -5.30 -47.15
N ASP F 104 17.98 -5.38 -48.46
CA ASP F 104 16.95 -5.79 -49.46
C ASP F 104 17.00 -7.30 -49.69
N ASP F 105 18.21 -7.87 -49.87
CA ASP F 105 18.44 -9.32 -50.13
C ASP F 105 18.89 -9.99 -48.84
N ARG F 106 17.93 -10.34 -47.97
CA ARG F 106 18.19 -10.97 -46.63
C ARG F 106 18.58 -12.45 -46.80
N PHE F 107 18.15 -13.09 -47.88
CA PHE F 107 18.34 -14.55 -48.14
C PHE F 107 19.63 -14.83 -48.92
N ARG F 108 20.38 -13.79 -49.31
CA ARG F 108 21.73 -13.92 -49.91
C ARG F 108 22.58 -14.83 -49.00
N ASP F 109 23.12 -15.93 -49.55
CA ASP F 109 23.96 -16.97 -48.88
C ASP F 109 23.33 -17.43 -47.56
N VAL F 110 22.01 -17.66 -47.57
CA VAL F 110 21.24 -18.36 -46.50
C VAL F 110 20.72 -19.67 -47.11
N ARG F 111 20.91 -20.80 -46.42
CA ARG F 111 20.40 -22.12 -46.89
C ARG F 111 18.89 -22.17 -46.60
N TRP F 112 18.08 -22.45 -47.63
CA TRP F 112 16.60 -22.54 -47.50
C TRP F 112 16.02 -23.50 -48.54
N GLU F 113 14.85 -24.05 -48.25
CA GLU F 113 14.05 -24.89 -49.17
C GLU F 113 12.63 -24.36 -49.17
N PRO F 114 11.94 -24.32 -50.34
CA PRO F 114 10.50 -24.11 -50.37
C PRO F 114 9.76 -25.21 -49.60
N GLY F 115 8.76 -24.81 -48.80
CA GLY F 115 7.90 -25.73 -48.03
C GLY F 115 6.73 -26.24 -48.86
N SER F 116 6.09 -27.31 -48.39
CA SER F 116 4.91 -27.96 -49.03
C SER F 116 3.82 -26.94 -49.37
N ALA F 117 3.67 -25.90 -48.54
CA ALA F 117 2.56 -24.92 -48.60
C ALA F 117 2.96 -23.68 -49.41
N GLY F 118 2.84 -23.77 -50.73
CA GLY F 118 3.05 -22.63 -51.66
C GLY F 118 4.51 -22.21 -51.74
N GLY F 119 5.43 -23.06 -51.27
CA GLY F 119 6.89 -22.88 -51.41
C GLY F 119 7.44 -21.81 -50.48
N VAL F 120 6.74 -21.50 -49.38
CA VAL F 120 7.25 -20.55 -48.35
C VAL F 120 8.62 -21.02 -47.89
N PRO F 121 9.58 -20.10 -47.67
CA PRO F 121 10.93 -20.48 -47.25
C PRO F 121 11.03 -21.18 -45.89
N VAL F 122 11.64 -22.37 -45.89
CA VAL F 122 11.97 -23.18 -44.68
C VAL F 122 13.49 -23.16 -44.53
N MET F 123 13.98 -22.73 -43.36
CA MET F 123 15.42 -22.58 -43.06
C MET F 123 15.88 -23.81 -42.25
N SER F 124 15.87 -24.98 -42.89
CA SER F 124 16.05 -26.32 -42.26
C SER F 124 17.31 -26.36 -41.39
N ALA F 125 18.41 -25.74 -41.83
CA ALA F 125 19.73 -25.81 -41.16
C ALA F 125 19.76 -24.97 -39.87
N ASP F 126 18.94 -23.92 -39.76
CA ASP F 126 19.08 -22.89 -38.68
C ASP F 126 18.00 -23.01 -37.60
N VAL F 127 17.17 -24.06 -37.61
CA VAL F 127 15.92 -24.09 -36.79
C VAL F 127 15.86 -25.33 -35.89
N VAL F 128 15.10 -25.21 -34.78
CA VAL F 128 14.67 -26.33 -33.90
C VAL F 128 13.31 -26.85 -34.37
N ALA F 129 12.58 -26.07 -35.16
CA ALA F 129 11.23 -26.43 -35.67
C ALA F 129 10.77 -25.37 -36.67
N HIS F 130 9.80 -25.70 -37.50
CA HIS F 130 9.16 -24.76 -38.45
C HIS F 130 7.65 -25.07 -38.52
N ALA F 131 6.85 -24.02 -38.61
CA ALA F 131 5.40 -24.07 -38.88
C ALA F 131 5.16 -23.44 -40.25
N GLU F 132 4.29 -24.04 -41.07
CA GLU F 132 3.80 -23.46 -42.34
C GLU F 132 2.31 -23.20 -42.21
N CYS F 133 1.89 -21.96 -42.42
CA CYS F 133 0.56 -21.43 -42.05
C CYS F 133 -0.17 -20.83 -43.25
N ARG F 134 -1.46 -21.14 -43.38
CA ARG F 134 -2.47 -20.36 -44.13
C ARG F 134 -2.87 -19.18 -43.24
N VAL F 135 -2.81 -17.95 -43.76
CA VAL F 135 -3.29 -16.72 -43.05
C VAL F 135 -4.78 -16.91 -42.79
N ALA F 136 -5.17 -17.04 -41.52
CA ALA F 136 -6.58 -17.25 -41.08
C ALA F 136 -7.25 -15.90 -40.79
N ALA F 137 -6.47 -14.92 -40.30
CA ALA F 137 -6.95 -13.55 -40.00
C ALA F 137 -5.76 -12.61 -39.77
N ALA F 138 -5.96 -11.32 -40.01
CA ALA F 138 -5.01 -10.23 -39.68
C ALA F 138 -5.81 -9.04 -39.16
N LEU F 139 -5.38 -8.45 -38.05
CA LEU F 139 -6.00 -7.26 -37.40
C LEU F 139 -4.88 -6.31 -36.97
N ASP F 140 -5.06 -5.01 -37.24
CA ASP F 140 -4.14 -3.95 -36.77
C ASP F 140 -4.44 -3.66 -35.30
N ALA F 141 -3.43 -3.74 -34.43
CA ALA F 141 -3.54 -3.48 -32.98
C ALA F 141 -2.39 -2.55 -32.58
N GLY F 142 -2.67 -1.25 -32.50
CA GLY F 142 -1.64 -0.22 -32.20
C GLY F 142 -0.67 -0.11 -33.36
N ASP F 143 0.64 -0.03 -33.08
CA ASP F 143 1.69 0.15 -34.11
C ASP F 143 2.08 -1.21 -34.74
N HIS F 144 1.40 -2.31 -34.38
CA HIS F 144 1.62 -3.66 -34.95
C HIS F 144 0.35 -4.23 -35.60
N THR F 145 0.53 -5.21 -36.48
CA THR F 145 -0.51 -6.10 -37.03
C THR F 145 -0.37 -7.49 -36.40
N ILE F 146 -1.43 -8.00 -35.77
CA ILE F 146 -1.55 -9.42 -35.34
C ILE F 146 -2.01 -10.22 -36.55
N VAL F 147 -1.19 -11.18 -37.00
CA VAL F 147 -1.52 -12.17 -38.07
C VAL F 147 -1.78 -13.51 -37.38
N ILE F 148 -2.93 -14.13 -37.66
CA ILE F 148 -3.27 -15.49 -37.12
C ILE F 148 -3.04 -16.50 -38.25
N GLY F 149 -2.26 -17.53 -37.99
CA GLY F 149 -1.88 -18.58 -38.97
C GLY F 149 -2.45 -19.91 -38.57
N ALA F 150 -3.19 -20.56 -39.47
CA ALA F 150 -3.64 -21.96 -39.37
C ALA F 150 -2.51 -22.87 -39.83
N VAL F 151 -2.02 -23.77 -38.98
CA VAL F 151 -0.80 -24.60 -39.27
C VAL F 151 -1.19 -25.74 -40.22
N VAL F 152 -0.64 -25.70 -41.44
CA VAL F 152 -1.00 -26.59 -42.58
C VAL F 152 0.07 -27.69 -42.73
N ALA F 153 1.27 -27.45 -42.19
CA ALA F 153 2.44 -28.34 -42.30
C ALA F 153 3.56 -27.84 -41.37
N GLY F 154 4.67 -28.58 -41.34
CA GLY F 154 5.88 -28.27 -40.55
C GLY F 154 6.21 -29.41 -39.61
N GLY F 155 7.29 -29.29 -38.85
CA GLY F 155 7.69 -30.33 -37.90
C GLY F 155 8.82 -29.85 -37.01
N PRO F 156 9.14 -30.60 -35.93
CA PRO F 156 10.27 -30.30 -35.07
C PRO F 156 11.57 -30.93 -35.60
N ARG F 157 12.70 -30.41 -35.14
CA ARG F 157 14.03 -31.02 -35.37
C ARG F 157 14.57 -31.46 -34.01
N PRO F 158 14.25 -32.69 -33.53
CA PRO F 158 14.81 -33.20 -32.27
C PRO F 158 16.34 -33.36 -32.33
N GLU F 159 16.89 -33.46 -33.54
CA GLU F 159 18.36 -33.52 -33.81
C GLU F 159 19.05 -32.22 -33.34
N VAL F 160 18.31 -31.11 -33.24
CA VAL F 160 18.87 -29.80 -32.76
C VAL F 160 18.60 -29.66 -31.27
N PRO F 161 19.65 -29.61 -30.42
CA PRO F 161 19.47 -29.74 -28.97
C PRO F 161 19.23 -28.45 -28.18
N SER F 162 19.21 -27.30 -28.84
CA SER F 162 19.04 -25.99 -28.14
C SER F 162 18.31 -24.98 -29.01
N PRO F 163 17.37 -24.21 -28.41
CA PRO F 163 16.72 -23.09 -29.11
C PRO F 163 17.52 -21.80 -28.89
N LEU F 164 17.18 -20.73 -29.61
CA LEU F 164 17.70 -19.36 -29.34
C LEU F 164 16.73 -18.66 -28.39
N MET F 165 17.27 -18.02 -27.35
CA MET F 165 16.46 -17.31 -26.32
C MET F 165 17.05 -15.92 -26.10
N TYR F 166 16.19 -14.94 -25.86
CA TYR F 166 16.55 -13.52 -25.64
C TYR F 166 15.93 -13.04 -24.32
N TRP F 167 16.73 -12.32 -23.53
CA TRP F 167 16.28 -11.69 -22.25
C TRP F 167 17.26 -10.58 -21.87
N ARG F 168 16.73 -9.41 -21.53
CA ARG F 168 17.49 -8.23 -21.04
C ARG F 168 18.77 -8.06 -21.87
N ARG F 169 18.61 -7.94 -23.19
CA ARG F 169 19.67 -7.53 -24.17
C ARG F 169 20.78 -8.58 -24.28
N SER F 170 20.47 -9.86 -24.01
CA SER F 170 21.43 -10.97 -24.15
C SER F 170 20.72 -12.17 -24.78
N TYR F 171 21.42 -12.90 -25.64
CA TYR F 171 20.97 -14.21 -26.20
C TYR F 171 21.49 -15.31 -25.28
N ALA F 172 20.81 -16.46 -25.26
CA ALA F 172 21.22 -17.66 -24.47
C ALA F 172 20.79 -18.93 -25.19
N ARG F 173 21.25 -20.08 -24.69
CA ARG F 173 20.97 -21.44 -25.25
C ARG F 173 20.75 -22.41 -24.09
N TRP F 174 20.21 -23.60 -24.40
CA TRP F 174 20.06 -24.74 -23.47
C TRP F 174 21.45 -25.22 -23.05
N PRO F 175 21.69 -25.57 -21.77
CA PRO F 175 23.04 -25.95 -21.31
C PRO F 175 23.42 -27.38 -21.74
N VAL F 176 24.03 -27.50 -22.93
CA VAL F 176 24.49 -28.79 -23.54
C VAL F 176 26.00 -28.71 -23.74
N GLU G 4 -22.51 -47.80 10.19
CA GLU G 4 -23.42 -47.05 11.12
C GLU G 4 -22.86 -47.14 12.54
N PRO G 5 -22.57 -46.01 13.22
CA PRO G 5 -22.22 -46.03 14.65
C PRO G 5 -23.42 -46.42 15.53
N LEU G 6 -23.16 -46.78 16.78
CA LEU G 6 -24.17 -47.31 17.74
C LEU G 6 -24.95 -46.15 18.35
N SER G 7 -26.27 -46.27 18.41
CA SER G 7 -27.16 -45.33 19.15
C SER G 7 -26.82 -45.40 20.64
N LEU G 8 -26.38 -44.29 21.22
CA LEU G 8 -26.11 -44.16 22.69
C LEU G 8 -27.29 -43.45 23.34
N PRO G 9 -28.13 -44.17 24.11
CA PRO G 9 -29.23 -43.53 24.84
C PRO G 9 -28.65 -42.57 25.90
N LEU G 10 -29.10 -41.32 25.88
CA LEU G 10 -28.73 -40.26 26.86
C LEU G 10 -29.88 -40.02 27.83
N ASP G 11 -29.55 -39.76 29.09
CA ASP G 11 -30.48 -39.21 30.11
C ASP G 11 -30.26 -37.69 30.20
N LEU G 12 -31.16 -36.92 29.57
CA LEU G 12 -31.13 -35.45 29.51
C LEU G 12 -32.34 -34.90 30.28
N ALA G 13 -32.10 -33.99 31.23
CA ALA G 13 -33.15 -33.24 31.95
C ALA G 13 -33.33 -31.89 31.27
N PRO G 14 -34.54 -31.28 31.33
CA PRO G 14 -34.69 -29.84 31.07
C PRO G 14 -33.68 -29.03 31.89
N GLY G 15 -33.39 -27.81 31.45
CA GLY G 15 -32.50 -26.88 32.18
C GLY G 15 -31.03 -27.18 31.91
N LEU G 16 -30.73 -27.79 30.77
CA LEU G 16 -29.35 -27.84 30.21
C LEU G 16 -28.91 -26.41 29.91
N VAL G 17 -27.62 -26.12 30.06
CA VAL G 17 -27.00 -24.80 29.73
C VAL G 17 -27.10 -24.60 28.20
N ASP G 18 -27.14 -23.34 27.74
CA ASP G 18 -27.29 -23.02 26.30
C ASP G 18 -25.91 -23.05 25.63
N GLY G 19 -25.87 -22.90 24.31
CA GLY G 19 -24.66 -23.00 23.48
C GLY G 19 -23.51 -22.15 24.01
N ASP G 20 -23.75 -20.86 24.24
CA ASP G 20 -22.67 -19.87 24.52
C ASP G 20 -22.16 -20.05 25.97
N THR G 21 -22.99 -20.51 26.91
CA THR G 21 -22.58 -20.85 28.30
C THR G 21 -21.60 -22.03 28.27
N PHE G 22 -22.01 -23.12 27.62
CA PHE G 22 -21.18 -24.34 27.41
C PHE G 22 -19.81 -23.97 26.85
N LEU G 23 -19.74 -23.11 25.82
CA LEU G 23 -18.46 -22.73 25.16
C LEU G 23 -17.57 -21.96 26.14
N SER G 24 -18.16 -21.11 26.98
CA SER G 24 -17.41 -20.25 27.95
C SER G 24 -16.83 -21.13 29.07
N ILE G 25 -17.46 -22.29 29.36
CA ILE G 25 -17.00 -23.30 30.37
C ILE G 25 -15.88 -24.14 29.75
N MET G 26 -16.14 -24.80 28.62
CA MET G 26 -15.17 -25.68 27.92
C MET G 26 -13.99 -24.86 27.39
N GLY G 27 -14.19 -23.58 27.08
CA GLY G 27 -13.12 -22.64 26.68
C GLY G 27 -12.09 -22.46 27.77
N ALA G 28 -12.46 -22.71 29.03
CA ALA G 28 -11.56 -22.58 30.22
C ALA G 28 -10.74 -23.87 30.40
N LEU G 29 -11.11 -24.95 29.72
CA LEU G 29 -10.34 -26.23 29.75
C LEU G 29 -9.31 -26.15 28.64
N PRO G 30 -7.99 -26.09 28.97
CA PRO G 30 -6.96 -26.06 27.96
C PRO G 30 -6.87 -27.46 27.35
N THR G 31 -6.69 -27.51 26.03
CA THR G 31 -6.74 -28.74 25.19
C THR G 31 -5.52 -28.69 24.29
N GLY G 32 -4.86 -29.83 24.08
CA GLY G 32 -3.88 -29.99 22.99
C GLY G 32 -4.60 -29.91 21.65
N VAL G 33 -3.87 -30.00 20.54
CA VAL G 33 -4.48 -29.93 19.18
C VAL G 33 -3.89 -31.05 18.33
N THR G 34 -4.77 -31.85 17.72
CA THR G 34 -4.40 -32.97 16.81
C THR G 34 -5.00 -32.74 15.43
N VAL G 35 -4.43 -33.37 14.41
CA VAL G 35 -5.10 -33.58 13.09
C VAL G 35 -5.39 -35.08 12.98
N VAL G 36 -6.67 -35.42 12.81
CA VAL G 36 -7.17 -36.82 12.65
C VAL G 36 -7.27 -37.09 11.15
N THR G 37 -6.58 -38.12 10.66
CA THR G 37 -6.44 -38.42 9.22
C THR G 37 -6.91 -39.84 8.91
N THR G 38 -7.31 -40.06 7.66
CA THR G 38 -7.58 -41.40 7.08
C THR G 38 -7.35 -41.35 5.57
N LEU G 39 -7.59 -42.48 4.90
CA LEU G 39 -7.58 -42.64 3.42
C LEU G 39 -9.01 -42.86 2.91
N GLY G 40 -9.38 -42.19 1.81
CA GLY G 40 -10.54 -42.57 0.99
C GLY G 40 -10.23 -43.84 0.21
N PRO G 41 -11.23 -44.49 -0.43
CA PRO G 41 -10.98 -45.68 -1.24
C PRO G 41 -9.90 -45.57 -2.35
N ASP G 42 -9.71 -44.38 -2.94
CA ASP G 42 -8.77 -44.17 -4.07
C ASP G 42 -7.57 -43.33 -3.62
N GLY G 43 -7.08 -43.60 -2.40
CA GLY G 43 -5.85 -42.99 -1.87
C GLY G 43 -5.99 -41.50 -1.59
N GLU G 44 -7.21 -40.96 -1.60
CA GLU G 44 -7.49 -39.54 -1.26
C GLU G 44 -7.26 -39.40 0.25
N PRO G 45 -6.31 -38.56 0.71
CA PRO G 45 -6.09 -38.36 2.14
C PRO G 45 -7.20 -37.44 2.68
N TYR G 46 -7.59 -37.64 3.94
CA TYR G 46 -8.62 -36.86 4.66
C TYR G 46 -8.04 -36.38 5.99
N GLY G 47 -8.48 -35.23 6.47
CA GLY G 47 -7.99 -34.63 7.73
C GLY G 47 -8.94 -33.57 8.23
N LEU G 48 -9.15 -33.53 9.55
CA LEU G 48 -9.77 -32.40 10.27
C LEU G 48 -8.98 -32.15 11.57
N THR G 49 -8.86 -30.89 11.97
CA THR G 49 -8.33 -30.47 13.29
C THR G 49 -9.33 -30.93 14.35
N CYS G 50 -8.81 -31.62 15.38
CA CYS G 50 -9.59 -32.24 16.45
C CYS G 50 -8.89 -32.03 17.79
N SER G 51 -9.56 -31.35 18.73
CA SER G 51 -9.11 -31.13 20.12
C SER G 51 -9.77 -32.11 21.09
N ALA G 52 -10.99 -32.58 20.80
CA ALA G 52 -11.73 -33.52 21.67
C ALA G 52 -11.08 -34.90 21.54
N ALA G 53 -9.91 -35.08 22.17
CA ALA G 53 -9.09 -36.31 22.13
C ALA G 53 -8.50 -36.53 23.52
N CYS G 54 -8.45 -37.79 23.98
CA CYS G 54 -7.80 -38.18 25.26
C CYS G 54 -7.58 -39.69 25.31
N SER G 55 -6.67 -40.15 26.17
CA SER G 55 -6.47 -41.58 26.50
C SER G 55 -7.74 -42.10 27.19
N VAL G 56 -8.08 -43.37 26.94
CA VAL G 56 -9.21 -44.09 27.58
C VAL G 56 -8.62 -45.20 28.47
N SER G 57 -7.74 -46.04 27.92
CA SER G 57 -7.29 -47.32 28.51
C SER G 57 -5.80 -47.52 28.23
N LYS G 58 -5.04 -48.08 29.18
CA LYS G 58 -3.63 -48.51 28.98
C LYS G 58 -3.61 -49.92 28.39
N ALA G 59 -4.33 -50.86 29.00
CA ALA G 59 -4.44 -52.28 28.59
C ALA G 59 -5.91 -52.65 28.44
N PRO G 60 -6.46 -52.78 27.20
CA PRO G 60 -5.72 -52.51 25.97
C PRO G 60 -5.47 -51.02 25.74
N PRO G 61 -4.57 -50.63 24.82
CA PRO G 61 -4.31 -49.21 24.54
C PRO G 61 -5.41 -48.58 23.67
N LEU G 62 -6.29 -47.78 24.30
CA LEU G 62 -7.43 -47.09 23.64
C LEU G 62 -7.28 -45.58 23.79
N LEU G 63 -7.52 -44.83 22.71
CA LEU G 63 -7.76 -43.36 22.78
C LEU G 63 -9.15 -43.10 22.18
N LEU G 64 -9.69 -41.89 22.37
CA LEU G 64 -10.95 -41.48 21.69
C LEU G 64 -10.77 -40.08 21.10
N VAL G 65 -11.54 -39.83 20.05
CA VAL G 65 -11.71 -38.51 19.38
C VAL G 65 -13.21 -38.31 19.18
N CYS G 66 -13.72 -37.10 19.32
CA CYS G 66 -15.16 -36.79 19.08
C CYS G 66 -15.26 -35.87 17.86
N ILE G 67 -15.99 -36.32 16.83
CA ILE G 67 -16.13 -35.62 15.52
C ILE G 67 -17.62 -35.41 15.22
N ASN G 68 -17.97 -34.26 14.65
CA ASN G 68 -19.34 -33.96 14.17
C ASN G 68 -19.90 -35.20 13.46
N ARG G 69 -21.18 -35.52 13.72
CA ARG G 69 -21.91 -36.64 13.08
C ARG G 69 -21.76 -36.56 11.55
N ASP G 70 -21.90 -35.36 10.98
CA ASP G 70 -22.03 -35.14 9.51
C ASP G 70 -20.64 -35.06 8.84
N SER G 71 -19.54 -35.16 9.60
CA SER G 71 -18.16 -34.98 9.10
C SER G 71 -17.87 -35.92 7.92
N ARG G 72 -17.22 -35.36 6.90
CA ARG G 72 -16.69 -36.06 5.71
C ARG G 72 -15.56 -37.02 6.12
N VAL G 73 -14.68 -36.57 7.01
CA VAL G 73 -13.51 -37.36 7.52
C VAL G 73 -14.04 -38.55 8.33
N LEU G 74 -14.97 -38.29 9.25
CA LEU G 74 -15.61 -39.34 10.09
C LEU G 74 -16.15 -40.46 9.17
N LYS G 75 -17.01 -40.11 8.21
CA LYS G 75 -17.59 -41.09 7.24
C LYS G 75 -16.46 -41.88 6.57
N ALA G 76 -15.40 -41.20 6.12
CA ALA G 76 -14.24 -41.84 5.45
C ALA G 76 -13.53 -42.80 6.42
N LEU G 77 -13.23 -42.38 7.66
CA LEU G 77 -12.42 -43.22 8.58
C LEU G 77 -13.26 -44.39 9.12
N LEU G 78 -14.59 -44.28 9.14
CA LEU G 78 -15.47 -45.41 9.59
C LEU G 78 -15.49 -46.47 8.49
N GLU G 79 -15.63 -46.06 7.23
CA GLU G 79 -15.59 -46.96 6.04
C GLU G 79 -14.27 -47.72 6.02
N ARG G 80 -13.16 -47.04 6.28
CA ARG G 80 -11.79 -47.65 6.21
C ARG G 80 -11.45 -48.42 7.49
N GLY G 81 -11.93 -47.94 8.64
CA GLY G 81 -11.71 -48.58 9.94
C GLY G 81 -10.30 -48.36 10.46
N GLU G 82 -9.60 -47.36 9.91
CA GLU G 82 -8.26 -46.92 10.37
C GLU G 82 -8.21 -45.39 10.35
N PHE G 83 -7.47 -44.79 11.29
CA PHE G 83 -7.15 -43.34 11.31
C PHE G 83 -5.82 -43.13 12.04
N ALA G 84 -5.22 -41.95 11.86
CA ALA G 84 -4.07 -41.48 12.63
C ALA G 84 -4.49 -40.24 13.42
N VAL G 85 -3.90 -40.08 14.61
CA VAL G 85 -3.97 -38.83 15.41
C VAL G 85 -2.59 -38.18 15.35
N ASN G 86 -2.48 -37.02 14.69
CA ASN G 86 -1.21 -36.26 14.57
C ASN G 86 -1.23 -35.15 15.64
N VAL G 87 -0.47 -35.35 16.73
CA VAL G 87 -0.41 -34.37 17.85
C VAL G 87 0.52 -33.22 17.40
N LEU G 88 -0.06 -32.04 17.17
CA LEU G 88 0.67 -30.88 16.59
C LEU G 88 1.57 -30.25 17.64
N ARG G 89 2.65 -29.63 17.18
CA ARG G 89 3.74 -29.03 17.97
C ARG G 89 3.56 -27.51 18.07
N GLY G 90 4.25 -26.89 19.03
CA GLY G 90 4.41 -25.43 19.11
C GLY G 90 4.91 -24.89 17.78
N GLY G 91 4.24 -23.85 17.26
CA GLY G 91 4.51 -23.27 15.93
C GLY G 91 3.62 -23.85 14.83
N GLY G 92 2.83 -24.90 15.13
CA GLY G 92 1.95 -25.58 14.17
C GLY G 92 0.58 -24.92 14.04
N GLU G 93 0.47 -23.64 14.41
CA GLU G 93 -0.79 -22.86 14.38
C GLU G 93 -1.48 -22.96 13.01
N SER G 94 -0.71 -22.77 11.93
CA SER G 94 -1.22 -22.64 10.54
C SER G 94 -1.73 -23.98 10.02
N THR G 95 -1.09 -25.09 10.42
CA THR G 95 -1.56 -26.47 10.12
C THR G 95 -2.92 -26.71 10.79
N SER G 96 -3.07 -26.31 12.05
CA SER G 96 -4.35 -26.41 12.81
C SER G 96 -5.45 -25.64 12.05
N ALA G 97 -5.17 -24.39 11.72
CA ALA G 97 -6.06 -23.51 10.93
C ALA G 97 -6.41 -24.19 9.60
N ARG G 98 -5.41 -24.76 8.92
CA ARG G 98 -5.60 -25.35 7.57
C ARG G 98 -6.63 -26.48 7.65
N PHE G 99 -6.48 -27.39 8.61
CA PHE G 99 -7.33 -28.59 8.75
C PHE G 99 -8.65 -28.24 9.45
N ALA G 100 -8.83 -26.98 9.87
CA ALA G 100 -10.11 -26.47 10.42
C ALA G 100 -10.92 -25.76 9.33
N ALA G 101 -10.27 -25.20 8.31
CA ALA G 101 -10.91 -24.29 7.32
C ALA G 101 -11.87 -25.08 6.43
N PRO G 102 -13.06 -24.53 6.10
CA PRO G 102 -14.00 -25.21 5.20
C PRO G 102 -13.55 -25.17 3.72
N VAL G 103 -12.42 -25.82 3.43
CA VAL G 103 -11.81 -25.89 2.07
C VAL G 103 -11.52 -27.36 1.75
N ASP G 104 -11.35 -27.68 0.46
CA ASP G 104 -10.97 -29.04 -0.01
C ASP G 104 -9.44 -29.11 -0.10
N ASP G 105 -8.90 -30.24 -0.55
CA ASP G 105 -7.44 -30.44 -0.81
C ASP G 105 -6.65 -29.95 0.40
N ARG G 106 -7.02 -30.38 1.62
CA ARG G 106 -6.40 -29.85 2.86
C ARG G 106 -4.91 -30.19 2.90
N PHE G 107 -4.49 -31.28 2.23
CA PHE G 107 -3.07 -31.76 2.26
C PHE G 107 -2.21 -31.03 1.23
N ARG G 108 -2.76 -30.10 0.45
CA ARG G 108 -1.96 -29.25 -0.48
C ARG G 108 -0.91 -28.48 0.34
N ASP G 109 0.37 -28.64 -0.02
CA ASP G 109 1.57 -28.00 0.58
C ASP G 109 1.86 -28.58 1.97
N VAL G 110 1.30 -29.74 2.31
CA VAL G 110 1.50 -30.40 3.63
C VAL G 110 2.34 -31.66 3.40
N ARG G 111 3.49 -31.75 4.08
CA ARG G 111 4.42 -32.91 4.04
C ARG G 111 3.84 -34.06 4.86
N TRP G 112 3.58 -35.21 4.22
CA TRP G 112 3.03 -36.42 4.89
C TRP G 112 3.50 -37.71 4.19
N GLU G 113 3.45 -38.81 4.94
CA GLU G 113 3.84 -40.18 4.50
C GLU G 113 2.73 -41.13 4.93
N PRO G 114 2.35 -42.14 4.11
CA PRO G 114 1.44 -43.19 4.55
C PRO G 114 2.00 -43.95 5.74
N GLY G 115 1.16 -44.25 6.73
CA GLY G 115 1.53 -44.99 7.96
C GLY G 115 1.56 -46.49 7.72
N SER G 116 2.38 -47.21 8.50
CA SER G 116 2.50 -48.69 8.45
C SER G 116 1.12 -49.35 8.62
N ALA G 117 0.16 -48.69 9.28
CA ALA G 117 -1.20 -49.21 9.57
C ALA G 117 -2.23 -48.61 8.59
N GLY G 118 -2.32 -49.16 7.38
CA GLY G 118 -3.36 -48.85 6.38
C GLY G 118 -3.03 -47.66 5.50
N GLY G 119 -1.83 -47.10 5.63
CA GLY G 119 -1.37 -45.92 4.86
C GLY G 119 -1.95 -44.61 5.37
N VAL G 120 -2.60 -44.60 6.55
CA VAL G 120 -3.24 -43.37 7.12
C VAL G 120 -2.20 -42.23 7.10
N PRO G 121 -2.58 -41.00 6.70
CA PRO G 121 -1.65 -39.89 6.66
C PRO G 121 -1.02 -39.55 8.04
N VAL G 122 0.30 -39.60 8.09
CA VAL G 122 1.16 -39.18 9.23
C VAL G 122 1.93 -37.92 8.82
N MET G 123 1.72 -36.82 9.54
CA MET G 123 2.32 -35.49 9.23
C MET G 123 3.57 -35.28 10.08
N SER G 124 4.60 -36.10 9.81
CA SER G 124 5.96 -36.11 10.43
C SER G 124 6.42 -34.72 10.90
N ALA G 125 6.45 -33.72 10.00
CA ALA G 125 7.11 -32.42 10.19
C ALA G 125 6.49 -31.59 11.34
N ASP G 126 5.17 -31.47 11.40
CA ASP G 126 4.50 -30.47 12.28
C ASP G 126 3.90 -31.13 13.53
N VAL G 127 4.52 -32.18 14.09
CA VAL G 127 3.93 -32.98 15.21
C VAL G 127 4.93 -33.21 16.35
N VAL G 128 4.39 -33.44 17.56
CA VAL G 128 5.15 -33.90 18.77
C VAL G 128 5.09 -35.43 18.84
N ALA G 129 4.04 -36.04 18.27
CA ALA G 129 3.82 -37.51 18.29
C ALA G 129 2.68 -37.86 17.34
N HIS G 130 2.59 -39.13 16.94
CA HIS G 130 1.44 -39.67 16.18
C HIS G 130 1.03 -41.05 16.73
N ALA G 131 -0.27 -41.30 16.68
CA ALA G 131 -0.91 -42.60 16.98
C ALA G 131 -1.59 -43.09 15.68
N GLU G 132 -1.55 -44.39 15.42
CA GLU G 132 -2.35 -45.03 14.33
C GLU G 132 -3.26 -46.07 14.98
N CYS G 133 -4.54 -46.04 14.63
CA CYS G 133 -5.60 -46.79 15.35
C CYS G 133 -6.47 -47.60 14.37
N ARG G 134 -6.96 -48.75 14.82
CA ARG G 134 -8.20 -49.40 14.27
C ARG G 134 -9.39 -48.76 15.00
N VAL G 135 -10.50 -48.53 14.30
CA VAL G 135 -11.81 -48.20 14.94
C VAL G 135 -12.19 -49.42 15.78
N ALA G 136 -12.19 -49.27 17.10
CA ALA G 136 -12.63 -50.30 18.07
C ALA G 136 -14.14 -50.20 18.26
N ALA G 137 -14.69 -48.98 18.22
CA ALA G 137 -16.15 -48.72 18.28
C ALA G 137 -16.43 -47.26 17.90
N ALA G 138 -17.67 -46.98 17.51
CA ALA G 138 -18.18 -45.62 17.22
C ALA G 138 -19.59 -45.48 17.83
N LEU G 139 -19.85 -44.38 18.53
CA LEU G 139 -21.18 -44.09 19.13
C LEU G 139 -21.61 -42.66 18.83
N ASP G 140 -22.91 -42.47 18.58
CA ASP G 140 -23.55 -41.15 18.42
C ASP G 140 -23.91 -40.61 19.80
N ALA G 141 -23.25 -39.52 20.18
CA ALA G 141 -23.40 -38.82 21.48
C ALA G 141 -23.74 -37.38 21.18
N GLY G 142 -25.05 -37.05 21.20
CA GLY G 142 -25.57 -35.73 20.80
C GLY G 142 -25.25 -35.46 19.34
N ASP G 143 -24.55 -34.35 19.07
CA ASP G 143 -24.27 -33.87 17.69
C ASP G 143 -22.86 -34.29 17.26
N HIS G 144 -22.18 -35.12 18.06
CA HIS G 144 -20.88 -35.75 17.72
C HIS G 144 -20.98 -37.28 17.69
N THR G 145 -20.03 -37.91 17.01
CA THR G 145 -19.70 -39.35 17.11
C THR G 145 -18.42 -39.50 17.92
N ILE G 146 -18.43 -40.37 18.93
CA ILE G 146 -17.21 -40.75 19.71
C ILE G 146 -16.61 -41.97 19.02
N VAL G 147 -15.41 -41.83 18.47
CA VAL G 147 -14.61 -42.94 17.87
C VAL G 147 -13.62 -43.42 18.92
N ILE G 148 -13.62 -44.72 19.21
CA ILE G 148 -12.58 -45.35 20.07
C ILE G 148 -11.51 -45.97 19.16
N GLY G 149 -10.26 -45.55 19.34
CA GLY G 149 -9.10 -46.05 18.60
C GLY G 149 -8.26 -47.00 19.43
N ALA G 150 -8.03 -48.21 18.91
CA ALA G 150 -7.07 -49.20 19.42
C ALA G 150 -5.71 -48.86 18.80
N VAL G 151 -4.69 -48.54 19.60
CA VAL G 151 -3.40 -48.03 19.05
C VAL G 151 -2.58 -49.22 18.59
N VAL G 152 -2.22 -49.24 17.30
CA VAL G 152 -1.51 -50.37 16.61
C VAL G 152 -0.11 -49.91 16.19
N ALA G 153 0.14 -48.60 16.13
CA ALA G 153 1.46 -48.05 15.77
C ALA G 153 1.53 -46.57 16.15
N GLY G 154 2.73 -46.00 16.02
CA GLY G 154 3.02 -44.59 16.27
C GLY G 154 4.12 -44.44 17.29
N GLY G 155 4.47 -43.21 17.62
CA GLY G 155 5.48 -42.91 18.64
C GLY G 155 5.63 -41.40 18.80
N PRO G 156 6.49 -40.94 19.74
CA PRO G 156 6.69 -39.52 19.95
C PRO G 156 7.86 -38.98 19.11
N ARG G 157 8.03 -37.66 19.13
CA ARG G 157 9.20 -36.90 18.61
C ARG G 157 9.92 -36.27 19.80
N PRO G 158 10.82 -36.99 20.50
CA PRO G 158 11.31 -36.52 21.79
C PRO G 158 12.03 -35.17 21.75
N GLU G 159 12.60 -34.80 20.60
CA GLU G 159 13.47 -33.59 20.42
C GLU G 159 12.63 -32.32 20.27
N VAL G 160 11.39 -32.43 19.78
CA VAL G 160 10.47 -31.27 19.57
C VAL G 160 10.12 -30.68 20.94
N PRO G 161 10.46 -29.40 21.20
CA PRO G 161 10.48 -28.88 22.57
C PRO G 161 9.15 -28.43 23.19
N SER G 162 8.06 -28.38 22.44
CA SER G 162 6.75 -27.85 22.92
C SER G 162 5.60 -28.36 22.05
N PRO G 163 4.42 -28.61 22.65
CA PRO G 163 3.22 -28.98 21.89
C PRO G 163 2.38 -27.74 21.56
N LEU G 164 1.38 -27.87 20.68
CA LEU G 164 0.40 -26.80 20.43
C LEU G 164 -0.72 -26.93 21.48
N MET G 165 -1.07 -25.82 22.13
CA MET G 165 -2.20 -25.80 23.10
C MET G 165 -3.14 -24.64 22.75
N TYR G 166 -4.40 -24.77 23.12
CA TYR G 166 -5.47 -23.76 22.92
C TYR G 166 -6.23 -23.59 24.25
N TRP G 167 -6.41 -22.33 24.66
CA TRP G 167 -7.09 -21.94 25.93
C TRP G 167 -7.67 -20.53 25.74
N ARG G 168 -8.95 -20.35 26.07
CA ARG G 168 -9.59 -19.00 26.12
C ARG G 168 -9.21 -18.23 24.85
N ARG G 169 -9.44 -18.86 23.69
CA ARG G 169 -9.44 -18.26 22.33
C ARG G 169 -8.03 -17.83 21.89
N SER G 170 -6.98 -18.40 22.49
CA SER G 170 -5.58 -18.19 22.06
C SER G 170 -4.85 -19.52 22.02
N TYR G 171 -3.98 -19.72 21.02
CA TYR G 171 -2.91 -20.75 21.04
C TYR G 171 -1.80 -20.24 21.95
N ALA G 172 -1.24 -21.11 22.80
CA ALA G 172 -0.05 -20.81 23.63
C ALA G 172 1.14 -20.55 22.72
N ARG G 173 1.73 -19.34 22.79
CA ARG G 173 3.03 -19.00 22.17
C ARG G 173 4.14 -19.22 23.22
N TRP G 174 4.84 -20.36 23.14
CA TRP G 174 5.93 -20.75 24.07
C TRP G 174 7.23 -20.07 23.67
N PRO G 175 8.14 -19.77 24.62
CA PRO G 175 9.53 -19.43 24.30
C PRO G 175 10.40 -20.67 24.07
N MET H 1 -37.51 29.79 2.77
CA MET H 1 -37.11 31.12 2.20
C MET H 1 -35.73 31.02 1.54
N PRO H 2 -34.63 30.75 2.29
CA PRO H 2 -33.30 30.79 1.68
C PRO H 2 -33.16 29.74 0.59
N PRO H 3 -32.46 30.04 -0.53
CA PRO H 3 -32.33 29.09 -1.63
C PRO H 3 -31.68 27.78 -1.16
N GLU H 4 -32.09 26.66 -1.74
CA GLU H 4 -31.58 25.31 -1.39
C GLU H 4 -30.41 24.98 -2.31
N PRO H 5 -29.37 24.27 -1.81
CA PRO H 5 -28.21 23.95 -2.63
C PRO H 5 -28.57 22.99 -3.77
N LEU H 6 -28.19 23.33 -5.01
CA LEU H 6 -28.48 22.54 -6.24
C LEU H 6 -27.27 21.65 -6.57
N SER H 7 -27.51 20.37 -6.86
CA SER H 7 -26.50 19.43 -7.43
C SER H 7 -26.27 19.80 -8.88
N LEU H 8 -25.03 20.14 -9.22
CA LEU H 8 -24.65 20.66 -10.56
C LEU H 8 -24.26 19.49 -11.46
N PRO H 9 -24.88 19.34 -12.65
CA PRO H 9 -24.45 18.31 -13.60
C PRO H 9 -23.12 18.72 -14.24
N LEU H 10 -22.05 18.00 -13.89
CA LEU H 10 -20.68 18.23 -14.41
C LEU H 10 -20.37 17.23 -15.52
N ASP H 11 -20.00 17.73 -16.70
CA ASP H 11 -19.48 16.94 -17.84
C ASP H 11 -18.00 16.61 -17.57
N LEU H 12 -17.73 15.40 -17.05
CA LEU H 12 -16.36 14.93 -16.69
C LEU H 12 -15.96 13.76 -17.60
N ALA H 13 -14.92 13.98 -18.40
CA ALA H 13 -14.19 12.91 -19.14
C ALA H 13 -13.14 12.29 -18.22
N PRO H 14 -12.86 10.96 -18.32
CA PRO H 14 -11.66 10.40 -17.71
C PRO H 14 -10.42 11.08 -18.32
N GLY H 15 -9.32 11.11 -17.56
CA GLY H 15 -8.07 11.82 -17.90
C GLY H 15 -7.95 13.16 -17.18
N LEU H 16 -8.49 13.26 -15.97
CA LEU H 16 -8.33 14.44 -15.09
C LEU H 16 -6.98 14.30 -14.37
N VAL H 17 -6.36 15.41 -14.00
CA VAL H 17 -5.08 15.43 -13.24
C VAL H 17 -5.35 14.88 -11.83
N ASP H 18 -4.33 14.35 -11.15
CA ASP H 18 -4.42 13.82 -9.76
C ASP H 18 -4.32 14.99 -8.77
N GLY H 19 -4.69 14.74 -7.51
CA GLY H 19 -4.65 15.74 -6.41
C GLY H 19 -3.37 16.53 -6.42
N ASP H 20 -2.22 15.85 -6.53
CA ASP H 20 -0.85 16.43 -6.43
C ASP H 20 -0.66 17.53 -7.48
N THR H 21 -0.95 17.21 -8.75
CA THR H 21 -0.82 18.13 -9.92
C THR H 21 -1.75 19.32 -9.73
N PHE H 22 -3.03 19.08 -9.39
CA PHE H 22 -4.04 20.16 -9.19
C PHE H 22 -3.55 21.15 -8.15
N LEU H 23 -3.09 20.67 -6.99
CA LEU H 23 -2.62 21.51 -5.86
C LEU H 23 -1.34 22.28 -6.26
N SER H 24 -0.46 21.67 -7.06
CA SER H 24 0.79 22.31 -7.55
C SER H 24 0.45 23.54 -8.41
N ILE H 25 -0.65 23.46 -9.17
CA ILE H 25 -1.16 24.54 -10.06
C ILE H 25 -1.86 25.61 -9.22
N MET H 26 -2.86 25.22 -8.42
CA MET H 26 -3.70 26.15 -7.62
C MET H 26 -2.85 26.85 -6.54
N GLY H 27 -1.74 26.25 -6.13
CA GLY H 27 -0.79 26.84 -5.17
C GLY H 27 -0.01 27.99 -5.78
N ALA H 28 0.05 28.09 -7.11
CA ALA H 28 0.79 29.14 -7.85
C ALA H 28 -0.09 30.38 -8.07
N LEU H 29 -1.42 30.24 -7.95
CA LEU H 29 -2.37 31.36 -8.10
C LEU H 29 -2.48 32.06 -6.75
N PRO H 30 -1.91 33.29 -6.60
CA PRO H 30 -1.93 33.97 -5.30
C PRO H 30 -3.36 34.42 -5.00
N THR H 31 -3.70 34.49 -3.72
CA THR H 31 -5.09 34.69 -3.25
C THR H 31 -5.08 35.69 -2.08
N GLY H 32 -6.18 36.42 -1.90
CA GLY H 32 -6.50 37.08 -0.63
C GLY H 32 -6.95 36.07 0.40
N VAL H 33 -7.24 36.51 1.61
CA VAL H 33 -7.72 35.64 2.72
C VAL H 33 -8.89 36.35 3.37
N THR H 34 -10.05 35.68 3.44
CA THR H 34 -11.27 36.18 4.10
C THR H 34 -11.59 35.26 5.27
N VAL H 35 -12.39 35.76 6.22
CA VAL H 35 -13.20 34.94 7.16
C VAL H 35 -14.67 35.12 6.76
N VAL H 36 -15.30 34.04 6.27
CA VAL H 36 -16.76 34.00 5.97
C VAL H 36 -17.48 33.72 7.29
N THR H 37 -18.43 34.57 7.65
CA THR H 37 -19.14 34.48 8.95
C THR H 37 -20.64 34.41 8.71
N THR H 38 -21.35 33.87 9.70
CA THR H 38 -22.83 33.82 9.74
C THR H 38 -23.26 33.63 11.19
N LEU H 39 -24.56 33.61 11.45
CA LEU H 39 -25.16 33.40 12.79
C LEU H 39 -25.79 32.01 12.83
N GLY H 40 -25.52 31.26 13.91
CA GLY H 40 -26.06 29.91 14.15
C GLY H 40 -27.55 29.95 14.46
N PRO H 41 -28.13 28.85 15.02
CA PRO H 41 -29.57 28.77 15.25
C PRO H 41 -30.00 29.74 16.36
N ASP H 42 -29.22 29.80 17.44
CA ASP H 42 -29.52 30.63 18.64
C ASP H 42 -28.70 31.94 18.60
N GLY H 43 -28.25 32.35 17.40
CA GLY H 43 -27.49 33.59 17.19
C GLY H 43 -26.04 33.46 17.65
N GLU H 44 -25.50 32.23 17.69
CA GLU H 44 -24.06 31.97 17.94
C GLU H 44 -23.28 32.36 16.68
N PRO H 45 -22.18 33.15 16.80
CA PRO H 45 -21.35 33.48 15.64
C PRO H 45 -20.52 32.29 15.14
N TYR H 46 -20.60 31.99 13.83
CA TYR H 46 -19.76 30.98 13.14
C TYR H 46 -18.94 31.65 12.04
N GLY H 47 -17.75 31.12 11.75
CA GLY H 47 -16.80 31.69 10.80
C GLY H 47 -15.69 30.72 10.45
N LEU H 48 -15.16 30.83 9.22
CA LEU H 48 -14.01 30.02 8.74
C LEU H 48 -13.15 30.85 7.77
N THR H 49 -11.86 30.56 7.71
CA THR H 49 -10.92 31.15 6.73
C THR H 49 -11.28 30.63 5.34
N CYS H 50 -11.52 31.53 4.40
CA CYS H 50 -11.90 31.22 2.99
C CYS H 50 -11.01 32.05 2.06
N SER H 51 -10.36 31.40 1.09
CA SER H 51 -9.53 32.04 0.04
C SER H 51 -10.19 31.92 -1.34
N ALA H 52 -11.12 30.98 -1.53
CA ALA H 52 -11.86 30.80 -2.79
C ALA H 52 -13.08 31.73 -2.75
N ALA H 53 -12.82 33.02 -3.00
CA ALA H 53 -13.79 34.12 -3.04
C ALA H 53 -13.42 35.06 -4.19
N CYS H 54 -14.38 35.40 -5.06
CA CYS H 54 -14.17 36.37 -6.18
C CYS H 54 -15.44 37.18 -6.44
N SER H 55 -15.27 38.34 -7.09
CA SER H 55 -16.35 39.12 -7.73
C SER H 55 -16.95 38.25 -8.84
N VAL H 56 -18.29 38.23 -8.94
CA VAL H 56 -19.01 37.55 -10.05
C VAL H 56 -19.60 38.64 -10.94
N SER H 57 -20.49 39.46 -10.39
CA SER H 57 -21.36 40.40 -11.14
C SER H 57 -21.29 41.79 -10.52
N LYS H 58 -21.47 42.84 -11.33
CA LYS H 58 -21.53 44.25 -10.85
C LYS H 58 -22.99 44.70 -10.76
N ALA H 59 -23.78 44.45 -11.80
CA ALA H 59 -25.24 44.73 -11.85
C ALA H 59 -25.98 43.44 -12.23
N PRO H 60 -26.61 42.71 -11.26
CA PRO H 60 -26.59 43.08 -9.85
C PRO H 60 -25.29 42.68 -9.17
N PRO H 61 -24.96 43.27 -7.99
CA PRO H 61 -23.66 43.06 -7.35
C PRO H 61 -23.54 41.72 -6.61
N LEU H 62 -22.86 40.75 -7.23
CA LEU H 62 -22.69 39.38 -6.67
C LEU H 62 -21.21 39.09 -6.44
N LEU H 63 -20.91 38.34 -5.38
CA LEU H 63 -19.64 37.61 -5.20
C LEU H 63 -19.98 36.12 -4.96
N LEU H 64 -18.98 35.25 -4.97
CA LEU H 64 -19.12 33.82 -4.59
C LEU H 64 -18.03 33.44 -3.60
N VAL H 65 -18.33 32.47 -2.75
CA VAL H 65 -17.35 31.79 -1.85
C VAL H 65 -17.55 30.28 -2.06
N CYS H 66 -16.43 29.53 -2.07
CA CYS H 66 -16.40 28.06 -2.21
C CYS H 66 -16.01 27.44 -0.87
N ILE H 67 -16.98 26.78 -0.23
CA ILE H 67 -16.85 26.18 1.12
C ILE H 67 -17.11 24.68 0.98
N ASN H 68 -16.22 23.84 1.53
CA ASN H 68 -16.43 22.38 1.65
C ASN H 68 -17.89 22.11 2.00
N ARG H 69 -18.55 21.23 1.25
CA ARG H 69 -19.81 20.59 1.69
C ARG H 69 -19.49 19.94 3.03
N ASP H 70 -20.47 19.82 3.93
CA ASP H 70 -20.28 19.25 5.28
C ASP H 70 -19.31 20.14 6.06
N SER H 71 -19.43 21.46 5.87
CA SER H 71 -18.96 22.52 6.78
C SER H 71 -20.17 22.95 7.62
N ARG H 72 -19.99 23.10 8.93
CA ARG H 72 -21.05 23.57 9.86
C ARG H 72 -21.41 25.02 9.54
N VAL H 73 -20.41 25.85 9.19
CA VAL H 73 -20.58 27.32 8.92
C VAL H 73 -21.43 27.48 7.67
N LEU H 74 -21.17 26.66 6.65
CA LEU H 74 -21.95 26.59 5.38
C LEU H 74 -23.40 26.20 5.70
N LYS H 75 -23.61 25.20 6.54
CA LYS H 75 -24.98 24.73 6.90
C LYS H 75 -25.73 25.89 7.56
N ALA H 76 -25.06 26.57 8.50
CA ALA H 76 -25.60 27.72 9.27
C ALA H 76 -25.99 28.86 8.31
N LEU H 77 -25.13 29.20 7.33
CA LEU H 77 -25.37 30.38 6.46
C LEU H 77 -26.47 30.06 5.43
N LEU H 78 -26.63 28.79 5.06
CA LEU H 78 -27.71 28.33 4.16
C LEU H 78 -29.07 28.34 4.89
N GLU H 79 -29.13 27.95 6.16
CA GLU H 79 -30.38 28.01 6.97
C GLU H 79 -30.74 29.49 7.20
N ARG H 80 -29.72 30.33 7.40
CA ARG H 80 -29.86 31.77 7.73
C ARG H 80 -30.13 32.59 6.46
N GLY H 81 -29.49 32.21 5.34
CA GLY H 81 -29.64 32.89 4.05
C GLY H 81 -28.88 34.21 4.00
N GLU H 82 -28.02 34.48 4.98
CA GLU H 82 -27.15 35.69 5.00
C GLU H 82 -25.80 35.32 5.61
N PHE H 83 -24.73 35.95 5.12
CA PHE H 83 -23.32 35.73 5.54
C PHE H 83 -22.50 36.98 5.24
N ALA H 84 -21.42 37.19 5.99
CA ALA H 84 -20.47 38.31 5.80
C ALA H 84 -19.11 37.75 5.34
N VAL H 85 -18.42 38.50 4.47
CA VAL H 85 -17.05 38.18 3.98
C VAL H 85 -16.09 39.24 4.52
N ASN H 86 -15.24 38.87 5.48
CA ASN H 86 -14.27 39.79 6.14
C ASN H 86 -12.93 39.62 5.43
N VAL H 87 -12.51 40.62 4.65
CA VAL H 87 -11.22 40.61 3.92
C VAL H 87 -10.12 41.03 4.92
N LEU H 88 -9.24 40.09 5.28
CA LEU H 88 -8.23 40.23 6.37
C LEU H 88 -7.12 41.18 5.94
N ARG H 89 -6.68 42.02 6.89
CA ARG H 89 -5.52 42.95 6.78
C ARG H 89 -4.20 42.17 6.87
N GLY H 90 -3.08 42.86 6.62
CA GLY H 90 -1.72 42.29 6.55
C GLY H 90 -1.23 41.73 7.88
N GLY H 91 -1.72 42.27 8.99
CA GLY H 91 -1.35 41.82 10.35
C GLY H 91 -2.18 40.63 10.83
N GLY H 92 -3.07 40.09 9.98
CA GLY H 92 -4.18 39.21 10.41
C GLY H 92 -3.88 37.73 10.22
N GLU H 93 -2.61 37.33 10.26
CA GLU H 93 -2.15 35.93 9.97
C GLU H 93 -2.62 34.96 11.07
N SER H 94 -2.64 35.38 12.34
CA SER H 94 -3.08 34.51 13.47
C SER H 94 -4.61 34.45 13.52
N THR H 95 -5.29 35.41 12.88
CA THR H 95 -6.77 35.39 12.67
C THR H 95 -7.10 34.37 11.59
N SER H 96 -6.30 34.34 10.50
CA SER H 96 -6.40 33.32 9.43
C SER H 96 -6.24 31.93 10.04
N ALA H 97 -5.17 31.74 10.82
CA ALA H 97 -4.85 30.48 11.54
C ALA H 97 -6.00 30.12 12.48
N ARG H 98 -6.44 31.08 13.29
CA ARG H 98 -7.54 30.88 14.27
C ARG H 98 -8.75 30.27 13.56
N PHE H 99 -9.23 30.90 12.48
CA PHE H 99 -10.54 30.56 11.84
C PHE H 99 -10.39 29.39 10.86
N ALA H 100 -9.19 28.82 10.74
CA ALA H 100 -8.92 27.54 10.02
C ALA H 100 -8.68 26.41 11.03
N ALA H 101 -8.29 26.74 12.27
CA ALA H 101 -7.96 25.78 13.36
C ALA H 101 -9.21 24.99 13.74
N PRO H 102 -9.12 23.65 13.89
CA PRO H 102 -10.27 22.84 14.31
C PRO H 102 -10.51 22.92 15.83
N VAL H 103 -11.01 24.07 16.31
CA VAL H 103 -11.38 24.31 17.74
C VAL H 103 -12.84 24.77 17.77
N ASP H 104 -13.54 24.47 18.87
CA ASP H 104 -14.89 25.02 19.17
C ASP H 104 -14.71 26.49 19.58
N ASP H 105 -15.73 27.33 19.34
CA ASP H 105 -15.72 28.77 19.70
C ASP H 105 -14.45 29.46 19.15
N ARG H 106 -14.42 29.78 17.86
CA ARG H 106 -13.32 30.52 17.20
C ARG H 106 -13.33 32.00 17.62
N PHE H 107 -14.46 32.49 18.15
CA PHE H 107 -14.75 33.93 18.39
C PHE H 107 -14.36 34.37 19.81
N ARG H 108 -13.69 33.53 20.60
CA ARG H 108 -13.13 33.92 21.91
C ARG H 108 -11.97 34.89 21.66
N ASP H 109 -11.96 36.03 22.36
CA ASP H 109 -10.94 37.11 22.27
C ASP H 109 -11.02 37.82 20.90
N VAL H 110 -12.05 37.53 20.09
CA VAL H 110 -12.24 38.14 18.74
C VAL H 110 -13.30 39.24 18.87
N ARG H 111 -12.89 40.50 18.66
CA ARG H 111 -13.77 41.68 18.67
C ARG H 111 -14.58 41.71 17.36
N TRP H 112 -15.90 41.66 17.45
CA TRP H 112 -16.84 41.64 16.29
C TRP H 112 -18.10 42.41 16.65
N GLU H 113 -18.75 43.00 15.63
CA GLU H 113 -19.98 43.82 15.75
C GLU H 113 -21.06 43.16 14.89
N PRO H 114 -22.33 43.04 15.33
CA PRO H 114 -23.40 42.55 14.46
C PRO H 114 -23.61 43.45 13.23
N GLY H 115 -23.64 42.85 12.03
CA GLY H 115 -23.87 43.55 10.76
C GLY H 115 -25.31 44.00 10.57
N SER H 116 -25.54 44.98 9.70
CA SER H 116 -26.88 45.54 9.36
C SER H 116 -27.74 44.47 8.65
N ALA H 117 -27.11 43.40 8.13
CA ALA H 117 -27.74 42.28 7.40
C ALA H 117 -27.96 41.07 8.33
N GLY H 118 -28.90 41.18 9.27
CA GLY H 118 -29.30 40.09 10.17
C GLY H 118 -28.36 39.89 11.35
N GLY H 119 -27.46 40.85 11.59
CA GLY H 119 -26.47 40.79 12.69
C GLY H 119 -25.37 39.77 12.43
N VAL H 120 -25.05 39.51 11.16
CA VAL H 120 -23.94 38.58 10.78
C VAL H 120 -22.63 39.16 11.31
N PRO H 121 -21.69 38.33 11.82
CA PRO H 121 -20.47 38.84 12.44
C PRO H 121 -19.59 39.61 11.46
N VAL H 122 -19.23 40.85 11.82
CA VAL H 122 -18.28 41.73 11.11
C VAL H 122 -17.09 41.95 12.05
N MET H 123 -15.87 41.74 11.57
CA MET H 123 -14.62 41.80 12.38
C MET H 123 -13.82 43.07 12.01
N SER H 124 -14.27 44.23 12.51
CA SER H 124 -13.83 45.59 12.10
C SER H 124 -12.30 45.75 12.18
N ALA H 125 -11.67 45.32 13.29
CA ALA H 125 -10.25 45.58 13.59
C ALA H 125 -9.32 44.72 12.72
N ASP H 126 -9.78 43.56 12.23
CA ASP H 126 -8.91 42.57 11.53
C ASP H 126 -9.00 42.70 10.00
N VAL H 127 -9.69 43.72 9.46
CA VAL H 127 -10.08 43.75 8.01
C VAL H 127 -9.59 45.01 7.29
N VAL H 128 -9.49 44.88 5.96
CA VAL H 128 -9.29 45.99 4.97
C VAL H 128 -10.65 46.34 4.34
N ALA H 129 -11.66 45.50 4.51
CA ALA H 129 -13.03 45.67 3.97
C ALA H 129 -13.92 44.51 4.41
N HIS H 130 -15.24 44.65 4.23
CA HIS H 130 -16.22 43.58 4.47
C HIS H 130 -17.41 43.76 3.51
N ALA H 131 -17.99 42.64 3.07
CA ALA H 131 -19.29 42.58 2.36
C ALA H 131 -20.27 41.84 3.26
N GLU H 132 -21.53 42.21 3.21
CA GLU H 132 -22.65 41.41 3.78
C GLU H 132 -23.56 41.01 2.62
N CYS H 133 -24.01 39.77 2.63
CA CYS H 133 -24.62 39.09 1.47
C CYS H 133 -25.89 38.36 1.91
N ARG H 134 -26.95 38.46 1.10
CA ARG H 134 -28.05 37.48 1.05
C ARG H 134 -27.63 36.38 0.07
N VAL H 135 -27.84 35.12 0.44
CA VAL H 135 -27.60 33.96 -0.46
C VAL H 135 -28.62 34.06 -1.60
N ALA H 136 -28.12 34.14 -2.84
CA ALA H 136 -28.94 34.21 -4.08
C ALA H 136 -29.03 32.80 -4.71
N ALA H 137 -27.97 32.01 -4.59
CA ALA H 137 -27.94 30.60 -5.03
C ALA H 137 -26.75 29.86 -4.39
N ALA H 138 -26.87 28.53 -4.28
CA ALA H 138 -25.84 27.61 -3.77
C ALA H 138 -25.74 26.43 -4.73
N LEU H 139 -24.53 26.15 -5.22
CA LEU H 139 -24.26 25.11 -6.24
C LEU H 139 -23.23 24.15 -5.69
N ASP H 140 -23.60 22.87 -5.56
CA ASP H 140 -22.68 21.75 -5.20
C ASP H 140 -21.85 21.42 -6.46
N ALA H 141 -20.56 21.73 -6.42
CA ALA H 141 -19.56 21.37 -7.45
C ALA H 141 -18.50 20.48 -6.81
N GLY H 142 -18.63 19.15 -7.00
CA GLY H 142 -17.71 18.14 -6.43
C GLY H 142 -17.84 18.07 -4.92
N ASP H 143 -16.75 18.41 -4.21
CA ASP H 143 -16.63 18.36 -2.72
C ASP H 143 -16.79 19.78 -2.14
N HIS H 144 -17.29 20.72 -2.94
CA HIS H 144 -17.49 22.14 -2.51
C HIS H 144 -18.87 22.65 -2.95
N THR H 145 -19.48 23.48 -2.12
CA THR H 145 -20.65 24.34 -2.47
C THR H 145 -20.10 25.71 -2.89
N ILE H 146 -20.49 26.18 -4.08
CA ILE H 146 -20.28 27.58 -4.53
C ILE H 146 -21.48 28.42 -4.04
N VAL H 147 -21.27 29.28 -3.05
CA VAL H 147 -22.32 30.19 -2.51
C VAL H 147 -22.18 31.54 -3.23
N ILE H 148 -23.20 31.91 -4.01
CA ILE H 148 -23.35 33.24 -4.67
C ILE H 148 -24.10 34.17 -3.71
N GLY H 149 -23.41 35.19 -3.21
CA GLY H 149 -24.01 36.22 -2.33
C GLY H 149 -24.35 37.46 -3.11
N ALA H 150 -25.50 38.08 -2.84
CA ALA H 150 -25.87 39.43 -3.32
C ALA H 150 -25.50 40.46 -2.25
N VAL H 151 -24.69 41.44 -2.61
CA VAL H 151 -24.07 42.39 -1.63
C VAL H 151 -25.13 43.45 -1.24
N VAL H 152 -25.44 43.49 0.05
CA VAL H 152 -26.60 44.24 0.62
C VAL H 152 -26.09 45.36 1.54
N ALA H 153 -24.87 45.25 2.08
CA ALA H 153 -24.19 46.28 2.89
C ALA H 153 -22.67 46.05 2.88
N GLY H 154 -21.91 46.95 3.51
CA GLY H 154 -20.45 46.83 3.64
C GLY H 154 -19.71 47.99 3.00
N GLY H 155 -18.40 48.07 3.25
CA GLY H 155 -17.52 49.16 2.80
C GLY H 155 -16.06 48.78 2.99
N PRO H 156 -15.10 49.55 2.44
CA PRO H 156 -13.69 49.35 2.73
C PRO H 156 -13.21 50.07 3.99
N ARG H 157 -12.01 49.69 4.48
CA ARG H 157 -11.23 50.40 5.53
C ARG H 157 -9.99 51.01 4.87
N PRO H 158 -10.06 52.23 4.29
CA PRO H 158 -8.89 52.87 3.68
C PRO H 158 -7.78 53.25 4.68
N GLU H 159 -8.09 53.27 5.98
CA GLU H 159 -7.14 53.63 7.07
C GLU H 159 -6.18 52.45 7.34
N VAL H 160 -6.47 51.23 6.84
CA VAL H 160 -5.56 50.07 7.03
C VAL H 160 -4.81 49.85 5.71
N PRO H 161 -3.46 49.80 5.77
CA PRO H 161 -2.64 50.09 4.60
C PRO H 161 -2.25 48.89 3.71
N SER H 162 -2.59 47.66 4.10
CA SER H 162 -2.23 46.43 3.35
C SER H 162 -3.18 45.29 3.70
N PRO H 163 -3.47 44.37 2.75
CA PRO H 163 -4.25 43.19 3.05
C PRO H 163 -3.32 42.01 3.35
N LEU H 164 -3.92 40.90 3.79
CA LEU H 164 -3.27 39.57 3.89
C LEU H 164 -3.43 38.88 2.55
N MET H 165 -2.41 38.15 2.11
CA MET H 165 -2.53 37.27 0.91
C MET H 165 -1.65 36.04 1.10
N TYR H 166 -1.79 35.09 0.18
CA TYR H 166 -1.28 33.70 0.35
C TYR H 166 -0.85 33.17 -1.02
N TRP H 167 0.27 32.46 -1.04
CA TRP H 167 0.92 31.97 -2.27
C TRP H 167 2.02 30.98 -1.88
N ARG H 168 2.11 29.88 -2.63
CA ARG H 168 3.12 28.80 -2.44
C ARG H 168 3.26 28.49 -0.95
N ARG H 169 2.14 28.18 -0.29
CA ARG H 169 2.10 27.55 1.06
C ARG H 169 2.77 28.48 2.09
N SER H 170 2.56 29.80 1.97
CA SER H 170 2.97 30.81 2.99
C SER H 170 2.21 32.12 2.79
N TYR H 171 1.99 32.86 3.88
CA TYR H 171 1.36 34.20 3.88
C TYR H 171 2.39 35.23 3.41
N ALA H 172 1.90 36.30 2.80
CA ALA H 172 2.69 37.47 2.35
C ALA H 172 1.91 38.74 2.68
N ARG H 173 2.51 39.90 2.43
CA ARG H 173 1.84 41.22 2.49
C ARG H 173 2.20 42.03 1.24
N TRP H 174 1.52 43.17 1.06
CA TRP H 174 1.74 44.14 -0.03
C TRP H 174 3.16 44.69 0.08
N PRO H 175 3.88 44.94 -1.05
CA PRO H 175 5.18 45.61 -1.00
C PRO H 175 5.01 47.10 -0.67
N VAL H 176 4.66 47.40 0.58
CA VAL H 176 4.41 48.77 1.11
C VAL H 176 5.02 48.82 2.51
N GLU H 177 5.45 50.01 2.97
CA GLU H 177 6.25 50.18 4.22
C GLU H 177 5.38 50.76 5.35
N GLU H 178 5.40 50.13 6.53
CA GLU H 178 4.76 50.61 7.78
C GLU H 178 5.85 50.92 8.81
#